data_2EE9
#
_entry.id   2EE9
#
_entity_poly.entity_id   1
_entity_poly.type   'polypeptide(L)'
_entity_poly.pdbx_seq_one_letter_code
;GSSGSSGVSDMNGLGFKPFDLVIPFAVRKGEITGEVHMPSGKTATPEIVDNKDGTVTVRYAPTEVGLHEMHIKYMGSHIP
ESPLQFYVNYPNSGS
;
_entity_poly.pdbx_strand_id   A
#
# COMPACT_ATOMS: atom_id res chain seq x y z
N GLY A 1 27.13 20.82 -1.67
CA GLY A 1 27.88 20.05 -0.68
C GLY A 1 27.04 18.94 -0.07
N SER A 2 26.44 18.12 -0.92
CA SER A 2 25.60 17.01 -0.46
C SER A 2 25.17 16.13 -1.63
N SER A 3 25.48 14.85 -1.54
CA SER A 3 25.12 13.90 -2.59
C SER A 3 23.72 14.19 -3.13
N GLY A 4 23.65 14.76 -4.33
CA GLY A 4 22.37 15.08 -4.93
C GLY A 4 22.18 14.42 -6.28
N SER A 5 21.46 13.31 -6.31
CA SER A 5 21.22 12.58 -7.56
C SER A 5 20.00 13.16 -8.29
N SER A 6 19.74 12.62 -9.47
CA SER A 6 18.60 13.08 -10.27
C SER A 6 17.38 12.19 -10.04
N GLY A 7 16.46 12.68 -9.22
CA GLY A 7 15.26 11.92 -8.92
C GLY A 7 14.05 12.80 -8.75
N VAL A 8 13.92 13.42 -7.58
CA VAL A 8 12.80 14.30 -7.29
C VAL A 8 12.68 15.41 -8.33
N SER A 9 11.47 15.66 -8.80
CA SER A 9 11.22 16.69 -9.79
C SER A 9 10.47 17.87 -9.18
N ASP A 10 10.25 18.89 -9.99
CA ASP A 10 9.54 20.08 -9.53
C ASP A 10 8.06 19.79 -9.34
N MET A 11 7.45 19.15 -10.33
CA MET A 11 6.04 18.82 -10.27
C MET A 11 5.73 18.00 -9.02
N ASN A 12 6.45 16.88 -8.85
CA ASN A 12 6.25 16.02 -7.70
C ASN A 12 7.31 14.92 -7.67
N GLY A 13 7.37 14.20 -6.55
CA GLY A 13 8.34 13.13 -6.41
C GLY A 13 8.09 12.28 -5.18
N LEU A 14 8.53 12.75 -4.03
CA LEU A 14 8.36 12.02 -2.77
C LEU A 14 7.39 12.76 -1.85
N GLY A 15 6.10 12.42 -1.96
CA GLY A 15 5.10 13.06 -1.13
C GLY A 15 5.02 12.44 0.26
N PHE A 16 4.04 11.57 0.46
CA PHE A 16 3.86 10.92 1.75
C PHE A 16 4.65 9.61 1.82
N LYS A 17 5.08 9.25 3.02
CA LYS A 17 5.84 8.04 3.22
C LYS A 17 5.12 6.82 2.64
N PRO A 18 5.87 5.93 2.00
CA PRO A 18 5.32 4.71 1.39
C PRO A 18 4.84 3.71 2.43
N PHE A 19 4.11 2.70 1.97
CA PHE A 19 3.59 1.66 2.86
C PHE A 19 3.81 0.28 2.28
N ASP A 20 4.84 -0.40 2.76
CA ASP A 20 5.17 -1.74 2.28
C ASP A 20 4.52 -2.80 3.17
N LEU A 21 4.01 -3.85 2.55
CA LEU A 21 3.35 -4.94 3.27
C LEU A 21 3.69 -6.29 2.64
N VAL A 22 3.83 -7.30 3.49
CA VAL A 22 4.15 -8.65 3.02
C VAL A 22 3.14 -9.66 3.55
N ILE A 23 2.48 -10.37 2.65
CA ILE A 23 1.49 -11.37 3.02
C ILE A 23 2.13 -12.48 3.84
N PRO A 24 1.42 -12.92 4.89
CA PRO A 24 1.90 -13.99 5.78
C PRO A 24 1.91 -15.35 5.09
N PHE A 25 0.79 -15.71 4.48
CA PHE A 25 0.67 -16.99 3.78
C PHE A 25 1.38 -16.94 2.42
N ALA A 26 1.53 -18.09 1.80
CA ALA A 26 2.19 -18.19 0.51
C ALA A 26 1.17 -18.09 -0.63
N VAL A 27 1.44 -17.18 -1.57
CA VAL A 27 0.54 -16.98 -2.71
C VAL A 27 1.31 -17.07 -4.02
N ARG A 28 0.57 -17.30 -5.11
CA ARG A 28 1.19 -17.42 -6.43
C ARG A 28 0.59 -16.38 -7.40
N LYS A 29 1.36 -15.35 -7.69
CA LYS A 29 0.92 -14.29 -8.59
C LYS A 29 0.07 -14.88 -9.72
N GLY A 30 -1.15 -14.38 -9.87
CA GLY A 30 -2.03 -14.86 -10.92
C GLY A 30 -3.48 -14.50 -10.66
N GLU A 31 -4.18 -15.35 -9.92
CA GLU A 31 -5.58 -15.12 -9.60
C GLU A 31 -5.72 -14.23 -8.37
N ILE A 32 -4.79 -13.31 -8.20
CA ILE A 32 -4.82 -12.39 -7.07
C ILE A 32 -4.93 -10.94 -7.53
N THR A 33 -5.56 -10.11 -6.71
CA THR A 33 -5.74 -8.70 -7.03
C THR A 33 -5.87 -7.86 -5.77
N GLY A 34 -5.64 -6.56 -5.89
CA GLY A 34 -5.73 -5.67 -4.75
C GLY A 34 -6.37 -4.34 -5.11
N GLU A 35 -6.99 -3.69 -4.13
CA GLU A 35 -7.63 -2.40 -4.34
C GLU A 35 -7.43 -1.49 -3.15
N VAL A 36 -7.46 -0.18 -3.40
CA VAL A 36 -7.29 0.81 -2.34
C VAL A 36 -8.41 1.85 -2.36
N HIS A 37 -8.94 2.15 -1.18
CA HIS A 37 -10.03 3.13 -1.06
C HIS A 37 -9.52 4.42 -0.42
N MET A 38 -9.48 5.49 -1.20
CA MET A 38 -9.02 6.77 -0.70
C MET A 38 -10.10 7.47 0.11
N PRO A 39 -9.69 8.24 1.12
CA PRO A 39 -10.60 8.97 2.00
C PRO A 39 -11.31 10.11 1.28
N SER A 40 -10.67 10.63 0.23
CA SER A 40 -11.25 11.73 -0.53
C SER A 40 -12.46 11.26 -1.34
N GLY A 41 -12.55 9.96 -1.56
CA GLY A 41 -13.66 9.41 -2.30
C GLY A 41 -13.23 8.77 -3.61
N LYS A 42 -11.94 8.52 -3.74
CA LYS A 42 -11.39 7.91 -4.96
C LYS A 42 -10.88 6.50 -4.68
N THR A 43 -10.43 5.82 -5.72
CA THR A 43 -9.91 4.46 -5.58
C THR A 43 -8.60 4.29 -6.36
N ALA A 44 -7.80 3.33 -5.94
CA ALA A 44 -6.53 3.05 -6.61
C ALA A 44 -6.06 1.64 -6.32
N THR A 45 -5.23 1.10 -7.22
CA THR A 45 -4.70 -0.25 -7.06
C THR A 45 -3.30 -0.23 -6.44
N PRO A 46 -3.04 -1.20 -5.56
CA PRO A 46 -1.74 -1.31 -4.88
C PRO A 46 -0.63 -1.75 -5.82
N GLU A 47 0.53 -2.05 -5.26
CA GLU A 47 1.67 -2.49 -6.05
C GLU A 47 2.07 -3.91 -5.70
N ILE A 48 1.74 -4.85 -6.58
CA ILE A 48 2.07 -6.26 -6.36
C ILE A 48 3.43 -6.60 -6.95
N VAL A 49 4.42 -6.79 -6.08
CA VAL A 49 5.77 -7.13 -6.51
C VAL A 49 6.21 -8.47 -5.93
N ASP A 50 6.65 -9.37 -6.81
CA ASP A 50 7.11 -10.68 -6.39
C ASP A 50 8.57 -10.64 -5.94
N ASN A 51 8.78 -10.75 -4.63
CA ASN A 51 10.13 -10.72 -4.06
C ASN A 51 11.03 -11.72 -4.77
N LYS A 52 12.33 -11.61 -4.52
CA LYS A 52 13.31 -12.51 -5.12
C LYS A 52 13.43 -13.80 -4.33
N ASP A 53 12.52 -14.00 -3.39
CA ASP A 53 12.53 -15.20 -2.55
C ASP A 53 11.36 -16.11 -2.91
N GLY A 54 10.26 -15.52 -3.35
CA GLY A 54 9.10 -16.31 -3.72
C GLY A 54 7.81 -15.73 -3.13
N THR A 55 7.95 -14.68 -2.34
CA THR A 55 6.78 -14.04 -1.71
C THR A 55 6.39 -12.78 -2.46
N VAL A 56 5.38 -12.08 -1.95
CA VAL A 56 4.91 -10.85 -2.56
C VAL A 56 4.96 -9.68 -1.58
N THR A 57 5.03 -8.47 -2.11
CA THR A 57 5.10 -7.27 -1.28
C THR A 57 4.13 -6.20 -1.78
N VAL A 58 3.01 -6.06 -1.09
CA VAL A 58 2.01 -5.07 -1.46
C VAL A 58 2.39 -3.68 -0.97
N ARG A 59 2.88 -2.85 -1.87
CA ARG A 59 3.28 -1.49 -1.52
C ARG A 59 2.37 -0.46 -2.18
N TYR A 60 1.98 0.55 -1.42
CA TYR A 60 1.10 1.60 -1.93
C TYR A 60 1.40 2.94 -1.26
N ALA A 61 2.01 3.84 -2.02
CA ALA A 61 2.35 5.17 -1.51
C ALA A 61 1.15 6.10 -1.55
N PRO A 62 0.76 6.62 -0.38
CA PRO A 62 -0.38 7.53 -0.25
C PRO A 62 -0.10 8.90 -0.87
N THR A 63 -1.08 9.42 -1.60
CA THR A 63 -0.94 10.72 -2.25
C THR A 63 -1.63 11.82 -1.44
N GLU A 64 -2.71 11.44 -0.76
CA GLU A 64 -3.47 12.39 0.04
C GLU A 64 -3.51 11.96 1.51
N VAL A 65 -4.00 12.85 2.37
CA VAL A 65 -4.09 12.56 3.80
C VAL A 65 -5.43 11.93 4.15
N GLY A 66 -5.52 11.38 5.36
CA GLY A 66 -6.76 10.75 5.79
C GLY A 66 -6.60 9.27 6.02
N LEU A 67 -7.73 8.55 6.08
CA LEU A 67 -7.71 7.11 6.30
C LEU A 67 -8.01 6.36 5.01
N HIS A 68 -7.14 5.42 4.67
CA HIS A 68 -7.31 4.62 3.46
C HIS A 68 -7.54 3.15 3.79
N GLU A 69 -8.49 2.53 3.09
CA GLU A 69 -8.81 1.13 3.32
C GLU A 69 -8.39 0.27 2.13
N MET A 70 -7.56 -0.73 2.39
CA MET A 70 -7.09 -1.63 1.35
C MET A 70 -7.88 -2.93 1.34
N HIS A 71 -8.14 -3.46 0.15
CA HIS A 71 -8.89 -4.70 0.01
C HIS A 71 -8.19 -5.65 -0.96
N ILE A 72 -7.60 -6.71 -0.41
CA ILE A 72 -6.90 -7.69 -1.21
C ILE A 72 -7.59 -9.04 -1.17
N LYS A 73 -7.75 -9.67 -2.33
CA LYS A 73 -8.40 -10.97 -2.43
C LYS A 73 -7.53 -11.95 -3.21
N TYR A 74 -7.36 -13.14 -2.67
CA TYR A 74 -6.55 -14.17 -3.32
C TYR A 74 -7.44 -15.29 -3.86
N MET A 75 -7.53 -15.37 -5.19
CA MET A 75 -8.34 -16.39 -5.83
C MET A 75 -9.81 -16.28 -5.40
N GLY A 76 -10.36 -15.08 -5.51
CA GLY A 76 -11.74 -14.86 -5.13
C GLY A 76 -12.00 -15.20 -3.67
N SER A 77 -11.07 -14.85 -2.81
CA SER A 77 -11.20 -15.12 -1.38
C SER A 77 -10.48 -14.06 -0.55
N HIS A 78 -11.19 -13.50 0.42
CA HIS A 78 -10.61 -12.48 1.29
C HIS A 78 -9.51 -13.06 2.17
N ILE A 79 -8.48 -12.26 2.44
CA ILE A 79 -7.37 -12.70 3.27
C ILE A 79 -7.54 -12.23 4.71
N PRO A 80 -6.89 -12.94 5.64
CA PRO A 80 -6.96 -12.61 7.07
C PRO A 80 -6.21 -11.32 7.40
N GLU A 81 -5.58 -10.74 6.39
CA GLU A 81 -4.83 -9.50 6.57
C GLU A 81 -5.65 -8.30 6.11
N SER A 82 -6.69 -8.56 5.32
CA SER A 82 -7.54 -7.50 4.81
C SER A 82 -9.02 -7.82 5.07
N PRO A 83 -9.87 -6.79 5.00
CA PRO A 83 -9.42 -5.42 4.71
C PRO A 83 -8.63 -4.82 5.85
N LEU A 84 -7.96 -3.70 5.58
CA LEU A 84 -7.16 -3.01 6.59
C LEU A 84 -7.27 -1.50 6.44
N GLN A 85 -6.83 -0.78 7.47
CA GLN A 85 -6.87 0.68 7.45
C GLN A 85 -5.55 1.27 7.90
N PHE A 86 -5.09 2.29 7.18
CA PHE A 86 -3.81 2.94 7.51
C PHE A 86 -3.94 4.46 7.38
N TYR A 87 -3.75 5.16 8.49
CA TYR A 87 -3.85 6.61 8.51
C TYR A 87 -2.58 7.24 7.93
N VAL A 88 -2.76 8.25 7.07
CA VAL A 88 -1.64 8.93 6.44
C VAL A 88 -1.30 10.21 7.20
N ASN A 89 -0.27 10.14 8.04
CA ASN A 89 0.16 11.27 8.82
C ASN A 89 0.93 12.28 7.95
N TYR A 90 0.95 13.54 8.38
CA TYR A 90 1.64 14.58 7.65
C TYR A 90 3.14 14.30 7.57
N PRO A 91 3.78 14.81 6.51
CA PRO A 91 5.22 14.63 6.29
C PRO A 91 6.05 15.41 7.30
N ASN A 92 7.18 14.83 7.70
CA ASN A 92 8.07 15.46 8.66
C ASN A 92 7.32 15.84 9.93
N SER A 93 6.42 14.96 10.36
CA SER A 93 5.64 15.20 11.57
C SER A 93 6.40 14.78 12.82
N GLY A 94 5.94 15.23 13.97
CA GLY A 94 6.59 14.88 15.23
C GLY A 94 7.82 15.72 15.50
N SER A 95 8.03 16.07 16.77
CA SER A 95 9.18 16.88 17.15
C SER A 95 10.34 16.01 17.61
N GLY A 1 6.54 -5.91 7.84
CA GLY A 1 7.37 -6.86 8.56
C GLY A 1 8.06 -6.24 9.76
N SER A 2 8.57 -7.08 10.65
CA SER A 2 9.25 -6.61 11.85
C SER A 2 10.65 -7.19 11.95
N SER A 3 11.66 -6.37 11.68
CA SER A 3 13.05 -6.80 11.74
C SER A 3 13.68 -6.42 13.07
N GLY A 4 13.54 -5.15 13.45
CA GLY A 4 14.11 -4.69 14.70
C GLY A 4 14.79 -3.34 14.56
N SER A 5 15.71 -3.24 13.60
CA SER A 5 16.43 -1.99 13.37
C SER A 5 15.47 -0.81 13.24
N SER A 6 16.03 0.39 13.16
CA SER A 6 15.22 1.59 13.04
C SER A 6 14.58 1.69 11.66
N GLY A 7 13.68 2.66 11.49
CA GLY A 7 13.02 2.85 10.22
C GLY A 7 13.84 3.66 9.24
N VAL A 8 13.93 3.19 8.00
CA VAL A 8 14.69 3.88 6.97
C VAL A 8 13.77 4.70 6.07
N SER A 9 14.34 5.69 5.40
CA SER A 9 13.58 6.55 4.50
C SER A 9 14.44 7.02 3.33
N ASP A 10 13.78 7.39 2.23
CA ASP A 10 14.48 7.86 1.05
C ASP A 10 14.86 9.33 1.17
N MET A 11 16.00 9.71 0.61
CA MET A 11 16.47 11.09 0.66
C MET A 11 15.29 12.06 0.58
N ASN A 12 14.57 12.02 -0.54
CA ASN A 12 13.42 12.90 -0.74
C ASN A 12 12.15 12.09 -0.98
N GLY A 13 11.09 12.45 -0.28
CA GLY A 13 9.82 11.74 -0.42
C GLY A 13 8.93 12.39 -1.46
N LEU A 14 8.20 11.55 -2.20
CA LEU A 14 7.30 12.05 -3.23
C LEU A 14 6.18 12.90 -2.62
N GLY A 15 5.71 12.50 -1.45
CA GLY A 15 4.66 13.24 -0.78
C GLY A 15 4.38 12.72 0.61
N PHE A 16 4.16 11.41 0.73
CA PHE A 16 3.87 10.79 2.01
C PHE A 16 4.62 9.48 2.17
N LYS A 17 5.13 9.22 3.37
CA LYS A 17 5.88 8.00 3.64
C LYS A 17 5.22 6.80 2.96
N PRO A 18 6.05 5.93 2.38
CA PRO A 18 5.59 4.73 1.68
C PRO A 18 5.03 3.68 2.64
N PHE A 19 4.12 2.85 2.14
CA PHE A 19 3.51 1.81 2.96
C PHE A 19 3.80 0.43 2.38
N ASP A 20 4.80 -0.23 2.94
CA ASP A 20 5.18 -1.57 2.49
C ASP A 20 4.53 -2.65 3.35
N LEU A 21 4.09 -3.72 2.71
CA LEU A 21 3.44 -4.82 3.41
C LEU A 21 3.83 -6.16 2.80
N VAL A 22 4.08 -7.14 3.66
CA VAL A 22 4.47 -8.47 3.21
C VAL A 22 3.46 -9.52 3.67
N ILE A 23 2.87 -10.24 2.73
CA ILE A 23 1.90 -11.27 3.03
C ILE A 23 2.54 -12.41 3.83
N PRO A 24 1.81 -12.90 4.84
CA PRO A 24 2.27 -14.00 5.70
C PRO A 24 2.33 -15.33 4.96
N PHE A 25 1.25 -15.65 4.24
CA PHE A 25 1.18 -16.89 3.49
C PHE A 25 1.82 -16.74 2.12
N ALA A 26 1.99 -17.85 1.42
CA ALA A 26 2.60 -17.84 0.09
C ALA A 26 1.53 -17.88 -1.00
N VAL A 27 1.55 -16.88 -1.86
CA VAL A 27 0.58 -16.79 -2.95
C VAL A 27 1.28 -16.69 -4.31
N ARG A 28 0.54 -17.01 -5.37
CA ARG A 28 1.10 -16.96 -6.72
C ARG A 28 0.42 -15.86 -7.54
N LYS A 29 1.24 -15.06 -8.22
CA LYS A 29 0.73 -13.97 -9.04
C LYS A 29 -0.13 -14.50 -10.18
N GLY A 30 -1.44 -14.31 -10.08
CA GLY A 30 -2.35 -14.78 -11.10
C GLY A 30 -3.80 -14.48 -10.78
N GLU A 31 -4.42 -15.36 -10.00
CA GLU A 31 -5.82 -15.17 -9.62
C GLU A 31 -5.94 -14.30 -8.38
N ILE A 32 -5.03 -13.32 -8.27
CA ILE A 32 -5.04 -12.41 -7.13
C ILE A 32 -5.20 -10.97 -7.58
N THR A 33 -5.79 -10.14 -6.72
CA THR A 33 -6.01 -8.74 -7.04
C THR A 33 -6.07 -7.89 -5.77
N GLY A 34 -6.02 -6.58 -5.94
CA GLY A 34 -6.06 -5.68 -4.80
C GLY A 34 -6.63 -4.32 -5.15
N GLU A 35 -7.19 -3.64 -4.16
CA GLU A 35 -7.77 -2.32 -4.38
C GLU A 35 -7.52 -1.41 -3.17
N VAL A 36 -7.60 -0.10 -3.39
CA VAL A 36 -7.38 0.87 -2.33
C VAL A 36 -8.48 1.93 -2.33
N HIS A 37 -9.01 2.23 -1.16
CA HIS A 37 -10.06 3.23 -1.03
C HIS A 37 -9.52 4.51 -0.38
N MET A 38 -9.61 5.61 -1.11
CA MET A 38 -9.13 6.90 -0.61
C MET A 38 -10.24 7.65 0.13
N PRO A 39 -9.85 8.36 1.20
CA PRO A 39 -10.80 9.13 2.02
C PRO A 39 -11.34 10.34 1.28
N SER A 40 -10.59 10.82 0.29
CA SER A 40 -11.01 11.98 -0.49
C SER A 40 -12.17 11.62 -1.41
N GLY A 41 -12.32 10.34 -1.70
CA GLY A 41 -13.39 9.89 -2.57
C GLY A 41 -12.89 9.30 -3.87
N LYS A 42 -11.62 8.87 -3.87
CA LYS A 42 -11.02 8.29 -5.06
C LYS A 42 -10.64 6.84 -4.80
N THR A 43 -10.20 6.14 -5.85
CA THR A 43 -9.79 4.75 -5.74
C THR A 43 -8.45 4.51 -6.42
N ALA A 44 -7.75 3.48 -5.99
CA ALA A 44 -6.45 3.13 -6.56
C ALA A 44 -6.07 1.70 -6.24
N THR A 45 -5.17 1.12 -7.04
CA THR A 45 -4.73 -0.25 -6.84
C THR A 45 -3.35 -0.28 -6.20
N PRO A 46 -3.14 -1.27 -5.30
CA PRO A 46 -1.87 -1.44 -4.59
C PRO A 46 -0.75 -1.90 -5.52
N GLU A 47 0.44 -2.12 -4.95
CA GLU A 47 1.59 -2.57 -5.72
C GLU A 47 1.93 -4.02 -5.39
N ILE A 48 1.60 -4.92 -6.31
CA ILE A 48 1.87 -6.34 -6.12
C ILE A 48 3.23 -6.72 -6.72
N VAL A 49 4.19 -6.98 -5.84
CA VAL A 49 5.53 -7.36 -6.28
C VAL A 49 5.91 -8.74 -5.75
N ASP A 50 6.64 -9.50 -6.57
CA ASP A 50 7.06 -10.84 -6.18
C ASP A 50 8.57 -10.88 -5.94
N ASN A 51 8.95 -11.06 -4.68
CA ASN A 51 10.37 -11.12 -4.32
C ASN A 51 11.09 -12.21 -5.09
N LYS A 52 12.41 -12.14 -5.12
CA LYS A 52 13.22 -13.13 -5.84
C LYS A 52 13.50 -14.33 -4.95
N ASP A 53 12.62 -14.58 -4.00
CA ASP A 53 12.77 -15.71 -3.08
C ASP A 53 11.59 -16.65 -3.18
N GLY A 54 10.39 -16.11 -2.97
CA GLY A 54 9.18 -16.92 -3.04
C GLY A 54 8.04 -16.32 -2.25
N THR A 55 7.92 -14.99 -2.29
CA THR A 55 6.86 -14.29 -1.57
C THR A 55 6.38 -13.07 -2.35
N VAL A 56 5.43 -12.35 -1.77
CA VAL A 56 4.89 -11.15 -2.40
C VAL A 56 4.87 -9.97 -1.44
N THR A 57 4.84 -8.76 -1.99
CA THR A 57 4.83 -7.56 -1.18
C THR A 57 3.85 -6.54 -1.73
N VAL A 58 2.88 -6.14 -0.92
CA VAL A 58 1.88 -5.15 -1.33
C VAL A 58 2.25 -3.76 -0.86
N ARG A 59 2.79 -2.96 -1.77
CA ARG A 59 3.19 -1.59 -1.44
C ARG A 59 2.26 -0.57 -2.10
N TYR A 60 2.01 0.53 -1.41
CA TYR A 60 1.13 1.57 -1.93
C TYR A 60 1.43 2.91 -1.27
N ALA A 61 2.03 3.82 -2.04
CA ALA A 61 2.37 5.15 -1.54
C ALA A 61 1.16 6.07 -1.54
N PRO A 62 0.80 6.57 -0.35
CA PRO A 62 -0.35 7.47 -0.20
C PRO A 62 -0.10 8.84 -0.81
N THR A 63 -1.06 9.31 -1.61
CA THR A 63 -0.93 10.61 -2.25
C THR A 63 -1.66 11.69 -1.46
N GLU A 64 -2.73 11.30 -0.79
CA GLU A 64 -3.52 12.24 0.01
C GLU A 64 -3.48 11.86 1.49
N VAL A 65 -4.09 12.69 2.33
CA VAL A 65 -4.13 12.45 3.76
C VAL A 65 -5.49 11.89 4.19
N GLY A 66 -5.53 11.31 5.38
CA GLY A 66 -6.76 10.74 5.89
C GLY A 66 -6.67 9.26 6.14
N LEU A 67 -7.81 8.58 6.19
CA LEU A 67 -7.84 7.15 6.43
C LEU A 67 -8.12 6.38 5.14
N HIS A 68 -7.23 5.48 4.79
CA HIS A 68 -7.38 4.66 3.58
C HIS A 68 -7.63 3.21 3.92
N GLU A 69 -8.50 2.56 3.16
CA GLU A 69 -8.82 1.15 3.39
C GLU A 69 -8.47 0.31 2.17
N MET A 70 -7.60 -0.66 2.35
CA MET A 70 -7.17 -1.54 1.27
C MET A 70 -7.94 -2.87 1.32
N HIS A 71 -8.20 -3.43 0.15
CA HIS A 71 -8.92 -4.69 0.05
C HIS A 71 -8.24 -5.64 -0.93
N ILE A 72 -7.66 -6.72 -0.41
CA ILE A 72 -6.98 -7.70 -1.25
C ILE A 72 -7.67 -9.06 -1.18
N LYS A 73 -7.81 -9.70 -2.34
CA LYS A 73 -8.44 -11.01 -2.41
C LYS A 73 -7.60 -11.98 -3.23
N TYR A 74 -7.41 -13.18 -2.69
CA TYR A 74 -6.62 -14.21 -3.36
C TYR A 74 -7.51 -15.33 -3.88
N MET A 75 -7.69 -15.37 -5.21
CA MET A 75 -8.52 -16.39 -5.83
C MET A 75 -9.97 -16.28 -5.37
N GLY A 76 -10.52 -15.08 -5.45
CA GLY A 76 -11.89 -14.86 -5.04
C GLY A 76 -12.11 -15.18 -3.57
N SER A 77 -11.06 -15.07 -2.78
CA SER A 77 -11.14 -15.35 -1.35
C SER A 77 -10.38 -14.31 -0.54
N HIS A 78 -11.09 -13.63 0.36
CA HIS A 78 -10.48 -12.61 1.20
C HIS A 78 -9.36 -13.19 2.05
N ILE A 79 -8.34 -12.38 2.31
CA ILE A 79 -7.19 -12.83 3.10
C ILE A 79 -7.32 -12.35 4.54
N PRO A 80 -6.62 -13.03 5.46
CA PRO A 80 -6.63 -12.69 6.89
C PRO A 80 -5.90 -11.39 7.17
N GLU A 81 -5.33 -10.78 6.12
CA GLU A 81 -4.60 -9.53 6.27
C GLU A 81 -5.46 -8.35 5.84
N SER A 82 -6.54 -8.64 5.11
CA SER A 82 -7.44 -7.60 4.63
C SER A 82 -8.88 -7.94 4.96
N PRO A 83 -9.76 -6.93 4.94
CA PRO A 83 -9.36 -5.55 4.62
C PRO A 83 -8.50 -4.92 5.72
N LEU A 84 -7.85 -3.81 5.39
CA LEU A 84 -6.99 -3.12 6.34
C LEU A 84 -7.14 -1.61 6.20
N GLN A 85 -6.67 -0.88 7.21
CA GLN A 85 -6.75 0.58 7.20
C GLN A 85 -5.46 1.20 7.73
N PHE A 86 -5.01 2.27 7.07
CA PHE A 86 -3.79 2.95 7.46
C PHE A 86 -3.97 4.47 7.38
N TYR A 87 -3.82 5.13 8.53
CA TYR A 87 -3.96 6.59 8.58
C TYR A 87 -2.68 7.27 8.11
N VAL A 88 -2.84 8.32 7.30
CA VAL A 88 -1.70 9.07 6.79
C VAL A 88 -1.76 10.53 7.22
N ASN A 89 -0.81 10.94 8.04
CA ASN A 89 -0.75 12.31 8.53
C ASN A 89 0.37 13.09 7.83
N TYR A 90 0.19 14.40 7.75
CA TYR A 90 1.17 15.26 7.10
C TYR A 90 2.33 15.57 8.05
N PRO A 91 3.55 15.64 7.49
CA PRO A 91 4.76 15.91 8.27
C PRO A 91 4.80 17.36 8.77
N ASN A 92 4.54 17.54 10.06
CA ASN A 92 4.55 18.87 10.66
C ASN A 92 5.78 19.66 10.21
N SER A 93 5.54 20.91 9.83
CA SER A 93 6.63 21.78 9.37
C SER A 93 6.86 22.92 10.35
N GLY A 94 5.80 23.63 10.70
CA GLY A 94 5.91 24.73 11.63
C GLY A 94 5.12 25.95 11.18
N SER A 95 5.23 26.29 9.90
CA SER A 95 4.53 27.44 9.34
C SER A 95 4.26 27.25 7.85
N GLY A 1 -12.38 2.71 -22.30
CA GLY A 1 -12.42 3.56 -21.12
C GLY A 1 -11.04 3.81 -20.55
N SER A 2 -10.19 4.47 -21.32
CA SER A 2 -8.82 4.77 -20.88
C SER A 2 -8.81 5.88 -19.84
N SER A 3 -8.55 5.53 -18.59
CA SER A 3 -8.51 6.50 -17.50
C SER A 3 -7.13 6.52 -16.83
N GLY A 4 -6.86 7.58 -16.08
CA GLY A 4 -5.59 7.69 -15.39
C GLY A 4 -4.88 9.00 -15.71
N SER A 5 -3.59 8.90 -16.03
CA SER A 5 -2.80 10.08 -16.35
C SER A 5 -3.19 10.65 -17.71
N SER A 6 -4.04 11.67 -17.69
CA SER A 6 -4.50 12.32 -18.92
C SER A 6 -3.32 12.64 -19.83
N GLY A 7 -2.32 13.30 -19.28
CA GLY A 7 -1.14 13.67 -20.06
C GLY A 7 -0.36 14.80 -19.43
N VAL A 8 -1.07 15.80 -18.93
CA VAL A 8 -0.43 16.95 -18.30
C VAL A 8 -0.83 17.08 -16.83
N SER A 9 -2.13 16.99 -16.57
CA SER A 9 -2.64 17.09 -15.22
C SER A 9 -1.77 16.31 -14.24
N ASP A 10 -1.10 17.04 -13.35
CA ASP A 10 -0.23 16.41 -12.37
C ASP A 10 -0.57 16.90 -10.95
N MET A 11 -0.39 16.02 -9.97
CA MET A 11 -0.68 16.36 -8.59
C MET A 11 0.31 15.70 -7.64
N ASN A 12 0.49 16.28 -6.46
CA ASN A 12 1.41 15.74 -5.47
C ASN A 12 1.10 14.28 -5.17
N GLY A 13 2.15 13.49 -4.95
CA GLY A 13 1.97 12.08 -4.65
C GLY A 13 3.26 11.41 -4.22
N LEU A 14 4.37 11.84 -4.80
CA LEU A 14 5.68 11.27 -4.47
C LEU A 14 6.29 11.98 -3.27
N GLY A 15 5.43 12.44 -2.35
CA GLY A 15 5.90 13.13 -1.16
C GLY A 15 5.66 12.32 0.10
N PHE A 16 4.40 12.02 0.37
CA PHE A 16 4.04 11.25 1.56
C PHE A 16 4.86 9.97 1.65
N LYS A 17 5.04 9.47 2.87
CA LYS A 17 5.80 8.24 3.09
C LYS A 17 5.05 7.04 2.54
N PRO A 18 5.81 6.12 1.92
CA PRO A 18 5.24 4.89 1.33
C PRO A 18 4.75 3.92 2.39
N PHE A 19 3.92 2.96 1.97
CA PHE A 19 3.38 1.97 2.88
C PHE A 19 3.74 0.55 2.43
N ASP A 20 4.78 0.00 3.04
CA ASP A 20 5.23 -1.35 2.69
C ASP A 20 4.53 -2.39 3.56
N LEU A 21 4.19 -3.52 2.96
CA LEU A 21 3.51 -4.60 3.67
C LEU A 21 3.85 -5.96 3.05
N VAL A 22 4.25 -6.90 3.90
CA VAL A 22 4.59 -8.24 3.44
C VAL A 22 3.57 -9.27 3.91
N ILE A 23 2.93 -9.93 2.96
CA ILE A 23 1.92 -10.94 3.27
C ILE A 23 2.52 -12.07 4.09
N PRO A 24 1.77 -12.53 5.11
CA PRO A 24 2.21 -13.63 5.98
C PRO A 24 2.24 -14.96 5.25
N PHE A 25 1.14 -15.29 4.58
CA PHE A 25 1.05 -16.55 3.85
C PHE A 25 1.66 -16.42 2.46
N ALA A 26 1.94 -17.56 1.83
CA ALA A 26 2.54 -17.58 0.50
C ALA A 26 1.46 -17.61 -0.59
N VAL A 27 1.74 -16.97 -1.72
CA VAL A 27 0.80 -16.93 -2.82
C VAL A 27 1.52 -16.81 -4.16
N ARG A 28 0.82 -17.14 -5.24
CA ARG A 28 1.40 -17.08 -6.57
C ARG A 28 0.81 -15.91 -7.36
N LYS A 29 1.45 -15.57 -8.47
CA LYS A 29 0.99 -14.47 -9.32
C LYS A 29 0.10 -14.99 -10.44
N GLY A 30 -0.99 -15.65 -10.08
CA GLY A 30 -1.90 -16.18 -11.08
C GLY A 30 -3.25 -15.47 -11.07
N GLU A 31 -3.98 -15.60 -9.98
CA GLU A 31 -5.28 -14.97 -9.85
C GLU A 31 -5.38 -14.17 -8.55
N ILE A 32 -4.95 -12.91 -8.61
CA ILE A 32 -4.99 -12.04 -7.45
C ILE A 32 -5.29 -10.60 -7.85
N THR A 33 -6.00 -9.88 -6.98
CA THR A 33 -6.35 -8.50 -7.25
C THR A 33 -6.28 -7.66 -5.97
N GLY A 34 -6.19 -6.34 -6.14
CA GLY A 34 -6.10 -5.45 -4.99
C GLY A 34 -6.64 -4.06 -5.29
N GLU A 35 -7.20 -3.41 -4.28
CA GLU A 35 -7.74 -2.07 -4.45
C GLU A 35 -7.51 -1.22 -3.20
N VAL A 36 -7.44 0.09 -3.38
CA VAL A 36 -7.21 1.01 -2.28
C VAL A 36 -8.22 2.16 -2.30
N HIS A 37 -9.09 2.19 -1.30
CA HIS A 37 -10.10 3.24 -1.20
C HIS A 37 -9.57 4.43 -0.42
N MET A 38 -9.51 5.58 -1.08
CA MET A 38 -9.01 6.81 -0.45
C MET A 38 -10.13 7.50 0.32
N PRO A 39 -9.75 8.21 1.39
CA PRO A 39 -10.71 8.93 2.24
C PRO A 39 -11.31 10.14 1.53
N SER A 40 -10.61 10.64 0.52
CA SER A 40 -11.07 11.79 -0.24
C SER A 40 -12.22 11.41 -1.18
N GLY A 41 -12.37 10.10 -1.39
CA GLY A 41 -13.43 9.62 -2.27
C GLY A 41 -12.89 9.08 -3.58
N LYS A 42 -11.59 8.81 -3.62
CA LYS A 42 -10.96 8.29 -4.82
C LYS A 42 -10.57 6.82 -4.65
N THR A 43 -10.05 6.21 -5.71
CA THR A 43 -9.63 4.82 -5.67
C THR A 43 -8.31 4.62 -6.39
N ALA A 44 -7.58 3.57 -6.01
CA ALA A 44 -6.29 3.27 -6.62
C ALA A 44 -5.89 1.83 -6.36
N THR A 45 -5.14 1.24 -7.29
CA THR A 45 -4.68 -0.14 -7.15
C THR A 45 -3.30 -0.19 -6.49
N PRO A 46 -3.12 -1.18 -5.60
CA PRO A 46 -1.84 -1.36 -4.89
C PRO A 46 -0.73 -1.85 -5.81
N GLU A 47 0.40 -2.22 -5.21
CA GLU A 47 1.55 -2.70 -5.98
C GLU A 47 1.85 -4.16 -5.65
N ILE A 48 1.49 -5.06 -6.55
CA ILE A 48 1.73 -6.48 -6.35
C ILE A 48 3.08 -6.89 -6.90
N VAL A 49 4.03 -7.14 -6.01
CA VAL A 49 5.37 -7.55 -6.40
C VAL A 49 5.79 -8.83 -5.70
N ASP A 50 6.46 -9.72 -6.42
CA ASP A 50 6.92 -10.98 -5.87
C ASP A 50 8.42 -10.96 -5.62
N ASN A 51 8.80 -11.03 -4.35
CA ASN A 51 10.21 -11.01 -3.97
C ASN A 51 10.99 -12.09 -4.72
N LYS A 52 12.31 -11.99 -4.68
CA LYS A 52 13.18 -12.95 -5.36
C LYS A 52 13.49 -14.13 -4.45
N ASP A 53 12.56 -14.43 -3.54
CA ASP A 53 12.74 -15.55 -2.61
C ASP A 53 11.52 -16.47 -2.65
N GLY A 54 10.33 -15.88 -2.63
CA GLY A 54 9.11 -16.68 -2.67
C GLY A 54 8.00 -16.03 -1.86
N THR A 55 7.87 -14.73 -1.97
CA THR A 55 6.83 -14.00 -1.25
C THR A 55 6.32 -12.81 -2.05
N VAL A 56 5.42 -12.04 -1.47
CA VAL A 56 4.85 -10.87 -2.13
C VAL A 56 5.02 -9.61 -1.28
N THR A 57 4.89 -8.46 -1.93
CA THR A 57 5.04 -7.18 -1.24
C THR A 57 4.01 -6.17 -1.73
N VAL A 58 3.07 -5.83 -0.86
CA VAL A 58 2.03 -4.86 -1.21
C VAL A 58 2.41 -3.46 -0.76
N ARG A 59 2.80 -2.62 -1.71
CA ARG A 59 3.19 -1.25 -1.41
C ARG A 59 2.38 -0.26 -2.24
N TYR A 60 1.86 0.77 -1.59
CA TYR A 60 1.06 1.78 -2.27
C TYR A 60 1.42 3.18 -1.78
N ALA A 61 1.64 4.09 -2.71
CA ALA A 61 1.99 5.47 -2.38
C ALA A 61 0.74 6.30 -2.11
N PRO A 62 0.63 6.82 -0.88
CA PRO A 62 -0.50 7.65 -0.47
C PRO A 62 -0.52 9.01 -1.15
N THR A 63 -1.63 9.35 -1.79
CA THR A 63 -1.77 10.62 -2.48
C THR A 63 -2.36 11.69 -1.56
N GLU A 64 -3.31 11.28 -0.72
CA GLU A 64 -3.95 12.20 0.20
C GLU A 64 -3.85 11.68 1.64
N VAL A 65 -4.15 12.55 2.60
CA VAL A 65 -4.10 12.19 4.01
C VAL A 65 -5.45 11.68 4.49
N GLY A 66 -5.43 10.82 5.52
CA GLY A 66 -6.65 10.27 6.06
C GLY A 66 -6.58 8.77 6.24
N LEU A 67 -7.73 8.15 6.45
CA LEU A 67 -7.80 6.70 6.65
C LEU A 67 -8.10 5.98 5.33
N HIS A 68 -7.17 5.16 4.89
CA HIS A 68 -7.34 4.41 3.64
C HIS A 68 -7.60 2.93 3.93
N GLU A 69 -8.58 2.36 3.25
CA GLU A 69 -8.92 0.96 3.44
C GLU A 69 -8.56 0.14 2.19
N MET A 70 -7.70 -0.86 2.39
CA MET A 70 -7.28 -1.71 1.28
C MET A 70 -8.10 -3.01 1.25
N HIS A 71 -8.32 -3.52 0.04
CA HIS A 71 -9.08 -4.75 -0.13
C HIS A 71 -8.39 -5.70 -1.10
N ILE A 72 -7.86 -6.79 -0.57
CA ILE A 72 -7.16 -7.79 -1.38
C ILE A 72 -7.85 -9.14 -1.31
N LYS A 73 -7.97 -9.80 -2.47
CA LYS A 73 -8.60 -11.10 -2.54
C LYS A 73 -7.82 -12.04 -3.46
N TYR A 74 -7.50 -13.23 -2.94
CA TYR A 74 -6.75 -14.22 -3.71
C TYR A 74 -7.68 -15.28 -4.29
N MET A 75 -7.82 -15.27 -5.61
CA MET A 75 -8.68 -16.23 -6.30
C MET A 75 -10.12 -16.12 -5.79
N GLY A 76 -10.55 -14.90 -5.49
CA GLY A 76 -11.89 -14.70 -4.99
C GLY A 76 -12.03 -15.01 -3.53
N SER A 77 -10.90 -15.13 -2.83
CA SER A 77 -10.91 -15.43 -1.41
C SER A 77 -10.22 -14.32 -0.62
N HIS A 78 -10.96 -13.73 0.33
CA HIS A 78 -10.42 -12.66 1.16
C HIS A 78 -9.34 -13.18 2.10
N ILE A 79 -8.29 -12.39 2.28
CA ILE A 79 -7.19 -12.77 3.16
C ILE A 79 -7.46 -12.35 4.60
N PRO A 80 -6.87 -13.08 5.56
CA PRO A 80 -7.03 -12.79 6.99
C PRO A 80 -6.33 -11.51 7.40
N GLU A 81 -5.72 -10.83 6.43
CA GLU A 81 -5.01 -9.59 6.70
C GLU A 81 -5.76 -8.39 6.13
N SER A 82 -6.80 -8.68 5.35
CA SER A 82 -7.60 -7.63 4.73
C SER A 82 -9.09 -7.92 4.89
N PRO A 83 -9.92 -6.89 4.74
CA PRO A 83 -9.45 -5.53 4.43
C PRO A 83 -8.71 -4.90 5.61
N LEU A 84 -7.77 -4.02 5.30
CA LEU A 84 -6.99 -3.34 6.33
C LEU A 84 -7.09 -1.82 6.17
N GLN A 85 -6.76 -1.11 7.24
CA GLN A 85 -6.81 0.35 7.23
C GLN A 85 -5.51 0.95 7.74
N PHE A 86 -5.01 1.96 7.03
CA PHE A 86 -3.76 2.61 7.42
C PHE A 86 -3.88 4.13 7.28
N TYR A 87 -3.45 4.85 8.31
CA TYR A 87 -3.51 6.30 8.31
C TYR A 87 -2.20 6.90 7.78
N VAL A 88 -2.32 7.86 6.88
CA VAL A 88 -1.15 8.52 6.30
C VAL A 88 -0.77 9.76 7.09
N ASN A 89 0.46 9.79 7.58
CA ASN A 89 0.96 10.92 8.37
C ASN A 89 1.36 12.07 7.46
N TYR A 90 1.41 13.27 8.01
CA TYR A 90 1.79 14.46 7.25
C TYR A 90 3.31 14.61 7.20
N PRO A 91 3.82 15.07 6.04
CA PRO A 91 5.25 15.27 5.84
C PRO A 91 5.79 16.45 6.65
N ASN A 92 6.41 16.13 7.77
CA ASN A 92 6.98 17.16 8.64
C ASN A 92 8.45 17.43 8.29
N SER A 93 8.74 18.67 7.90
CA SER A 93 10.09 19.06 7.53
C SER A 93 10.68 18.08 6.51
N GLY A 94 9.88 17.71 5.52
CA GLY A 94 10.33 16.78 4.50
C GLY A 94 10.76 17.48 3.23
N SER A 95 9.79 17.85 2.40
CA SER A 95 10.07 18.52 1.14
C SER A 95 10.18 20.03 1.34
N GLY A 1 6.99 31.38 -16.57
CA GLY A 1 6.44 30.10 -16.16
C GLY A 1 6.85 28.97 -17.07
N SER A 2 6.49 27.75 -16.69
CA SER A 2 6.82 26.57 -17.48
C SER A 2 5.67 25.58 -17.52
N SER A 3 5.37 25.08 -18.71
CA SER A 3 4.27 24.12 -18.88
C SER A 3 4.62 22.78 -18.23
N GLY A 4 3.60 22.05 -17.82
CA GLY A 4 3.81 20.75 -17.19
C GLY A 4 4.86 19.93 -17.92
N SER A 5 5.38 18.91 -17.24
CA SER A 5 6.40 18.04 -17.83
C SER A 5 5.77 16.96 -18.68
N SER A 6 6.11 16.93 -19.96
CA SER A 6 5.56 15.94 -20.89
C SER A 6 6.56 14.81 -21.11
N GLY A 7 6.27 13.65 -20.53
CA GLY A 7 7.14 12.51 -20.68
C GLY A 7 6.94 11.47 -19.59
N VAL A 8 8.04 10.89 -19.11
CA VAL A 8 7.98 9.89 -18.05
C VAL A 8 7.70 10.52 -16.70
N SER A 9 6.59 10.13 -16.08
CA SER A 9 6.21 10.68 -14.78
C SER A 9 7.41 10.71 -13.84
N ASP A 10 8.09 11.84 -13.81
CA ASP A 10 9.26 12.02 -12.96
C ASP A 10 8.86 11.99 -11.49
N MET A 11 9.85 11.75 -10.62
CA MET A 11 9.60 11.70 -9.18
C MET A 11 8.90 12.97 -8.71
N ASN A 12 8.31 12.90 -7.52
CA ASN A 12 7.61 14.04 -6.95
C ASN A 12 8.52 14.86 -6.05
N GLY A 13 9.50 14.19 -5.44
CA GLY A 13 10.43 14.87 -4.56
C GLY A 13 10.12 14.65 -3.10
N LEU A 14 9.15 15.41 -2.58
CA LEU A 14 8.76 15.29 -1.18
C LEU A 14 7.25 15.17 -1.05
N GLY A 15 6.79 14.04 -0.51
CA GLY A 15 5.36 13.82 -0.34
C GLY A 15 5.04 13.08 0.94
N PHE A 16 4.38 11.94 0.81
CA PHE A 16 4.01 11.13 1.97
C PHE A 16 4.82 9.84 2.02
N LYS A 17 5.26 9.47 3.21
CA LYS A 17 6.04 8.25 3.39
C LYS A 17 5.33 7.04 2.78
N PRO A 18 6.09 6.21 2.05
CA PRO A 18 5.55 5.02 1.39
C PRO A 18 5.16 3.94 2.39
N PHE A 19 4.33 3.00 1.95
CA PHE A 19 3.87 1.91 2.81
C PHE A 19 4.08 0.57 2.13
N ASP A 20 5.04 -0.20 2.63
CA ASP A 20 5.33 -1.52 2.07
C ASP A 20 4.97 -2.62 3.06
N LEU A 21 4.04 -3.49 2.65
CA LEU A 21 3.60 -4.60 3.50
C LEU A 21 3.93 -5.94 2.86
N VAL A 22 4.16 -6.94 3.70
CA VAL A 22 4.48 -8.28 3.21
C VAL A 22 3.37 -9.27 3.56
N ILE A 23 2.92 -10.02 2.56
CA ILE A 23 1.87 -11.01 2.77
C ILE A 23 2.43 -12.30 3.37
N PRO A 24 1.68 -12.87 4.33
CA PRO A 24 2.09 -14.11 5.00
C PRO A 24 2.01 -15.32 4.09
N PHE A 25 0.88 -15.47 3.41
CA PHE A 25 0.67 -16.59 2.50
C PHE A 25 1.44 -16.37 1.19
N ALA A 26 1.78 -17.46 0.52
CA ALA A 26 2.51 -17.40 -0.74
C ALA A 26 1.56 -17.48 -1.93
N VAL A 27 1.94 -16.85 -3.04
CA VAL A 27 1.13 -16.85 -4.24
C VAL A 27 1.95 -16.48 -5.47
N ARG A 28 1.44 -16.83 -6.65
CA ARG A 28 2.13 -16.53 -7.90
C ARG A 28 1.30 -15.60 -8.77
N LYS A 29 1.02 -14.40 -8.25
CA LYS A 29 0.23 -13.42 -8.99
C LYS A 29 -0.84 -14.10 -9.84
N GLY A 30 -1.43 -15.16 -9.30
CA GLY A 30 -2.46 -15.88 -10.02
C GLY A 30 -3.78 -15.15 -10.02
N GLU A 31 -4.79 -15.78 -9.42
CA GLU A 31 -6.12 -15.18 -9.34
C GLU A 31 -6.22 -14.21 -8.17
N ILE A 32 -5.12 -13.51 -7.90
CA ILE A 32 -5.09 -12.54 -6.81
C ILE A 32 -5.27 -11.12 -7.31
N THR A 33 -5.85 -10.27 -6.49
CA THR A 33 -6.09 -8.88 -6.86
C THR A 33 -6.12 -7.98 -5.62
N GLY A 34 -5.96 -6.68 -5.84
CA GLY A 34 -5.97 -5.73 -4.74
C GLY A 34 -6.53 -4.39 -5.14
N GLU A 35 -7.14 -3.70 -4.18
CA GLU A 35 -7.73 -2.38 -4.44
C GLU A 35 -7.60 -1.48 -3.22
N VAL A 36 -7.58 -0.18 -3.46
CA VAL A 36 -7.46 0.80 -2.38
C VAL A 36 -8.58 1.84 -2.45
N HIS A 37 -9.20 2.11 -1.30
CA HIS A 37 -10.29 3.08 -1.24
C HIS A 37 -9.83 4.35 -0.52
N MET A 38 -9.48 5.37 -1.29
CA MET A 38 -9.03 6.63 -0.73
C MET A 38 -10.15 7.31 0.07
N PRO A 39 -9.76 8.04 1.12
CA PRO A 39 -10.72 8.75 1.98
C PRO A 39 -11.38 9.93 1.26
N SER A 40 -10.71 10.46 0.25
CA SER A 40 -11.23 11.59 -0.51
C SER A 40 -12.37 11.15 -1.42
N GLY A 41 -12.45 9.84 -1.68
CA GLY A 41 -13.50 9.32 -2.52
C GLY A 41 -12.97 8.79 -3.84
N LYS A 42 -11.67 8.50 -3.88
CA LYS A 42 -11.04 7.98 -5.09
C LYS A 42 -10.70 6.51 -4.93
N THR A 43 -10.02 5.95 -5.94
CA THR A 43 -9.64 4.55 -5.91
C THR A 43 -8.27 4.34 -6.56
N ALA A 44 -7.55 3.33 -6.09
CA ALA A 44 -6.22 3.03 -6.63
C ALA A 44 -5.81 1.60 -6.28
N THR A 45 -5.05 0.98 -7.18
CA THR A 45 -4.58 -0.39 -6.96
C THR A 45 -3.20 -0.41 -6.31
N PRO A 46 -3.01 -1.34 -5.37
CA PRO A 46 -1.74 -1.49 -4.65
C PRO A 46 -0.63 -2.02 -5.55
N GLU A 47 0.60 -1.97 -5.04
CA GLU A 47 1.76 -2.45 -5.80
C GLU A 47 2.07 -3.90 -5.45
N ILE A 48 1.75 -4.80 -6.38
CA ILE A 48 2.00 -6.22 -6.17
C ILE A 48 3.34 -6.63 -6.76
N VAL A 49 4.31 -6.93 -5.88
CA VAL A 49 5.63 -7.35 -6.32
C VAL A 49 6.03 -8.67 -5.69
N ASP A 50 6.67 -9.53 -6.47
CA ASP A 50 7.12 -10.83 -5.97
C ASP A 50 8.59 -10.80 -5.61
N ASN A 51 8.88 -11.09 -4.34
CA ASN A 51 10.27 -11.10 -3.86
C ASN A 51 11.07 -12.21 -4.53
N LYS A 52 12.38 -12.21 -4.30
CA LYS A 52 13.26 -13.21 -4.87
C LYS A 52 13.28 -14.47 -4.01
N ASP A 53 12.42 -14.50 -3.00
CA ASP A 53 12.33 -15.66 -2.11
C ASP A 53 11.12 -16.52 -2.45
N GLY A 54 10.01 -15.86 -2.78
CA GLY A 54 8.81 -16.58 -3.13
C GLY A 54 7.57 -16.01 -2.43
N THR A 55 7.61 -14.72 -2.14
CA THR A 55 6.50 -14.06 -1.47
C THR A 55 6.09 -12.79 -2.20
N VAL A 56 5.12 -12.08 -1.66
CA VAL A 56 4.63 -10.84 -2.26
C VAL A 56 4.68 -9.69 -1.26
N THR A 57 4.84 -8.47 -1.78
CA THR A 57 4.91 -7.29 -0.94
C THR A 57 3.93 -6.22 -1.41
N VAL A 58 2.92 -5.95 -0.60
CA VAL A 58 1.91 -4.95 -0.93
C VAL A 58 2.41 -3.55 -0.64
N ARG A 59 2.87 -2.87 -1.69
CA ARG A 59 3.38 -1.51 -1.55
C ARG A 59 2.41 -0.50 -2.16
N TYR A 60 2.04 0.50 -1.35
CA TYR A 60 1.11 1.54 -1.80
C TYR A 60 1.49 2.89 -1.22
N ALA A 61 1.88 3.82 -2.09
CA ALA A 61 2.27 5.16 -1.66
C ALA A 61 1.05 6.08 -1.58
N PRO A 62 0.84 6.66 -0.39
CA PRO A 62 -0.28 7.57 -0.14
C PRO A 62 -0.13 8.90 -0.88
N THR A 63 -1.23 9.37 -1.47
CA THR A 63 -1.22 10.62 -2.21
C THR A 63 -1.87 11.73 -1.40
N GLU A 64 -2.89 11.39 -0.63
CA GLU A 64 -3.60 12.37 0.19
C GLU A 64 -3.59 11.95 1.66
N VAL A 65 -4.11 12.83 2.52
CA VAL A 65 -4.16 12.55 3.95
C VAL A 65 -5.53 12.03 4.37
N GLY A 66 -5.55 11.19 5.39
CA GLY A 66 -6.81 10.63 5.87
C GLY A 66 -6.72 9.14 6.13
N LEU A 67 -7.87 8.49 6.21
CA LEU A 67 -7.93 7.06 6.45
C LEU A 67 -8.21 6.29 5.16
N HIS A 68 -7.25 5.48 4.74
CA HIS A 68 -7.40 4.68 3.52
C HIS A 68 -7.65 3.22 3.85
N GLU A 69 -8.61 2.61 3.16
CA GLU A 69 -8.95 1.22 3.38
C GLU A 69 -8.57 0.37 2.17
N MET A 70 -7.71 -0.62 2.40
CA MET A 70 -7.26 -1.51 1.33
C MET A 70 -8.05 -2.82 1.35
N HIS A 71 -8.26 -3.39 0.17
CA HIS A 71 -8.99 -4.65 0.04
C HIS A 71 -8.27 -5.60 -0.90
N ILE A 72 -7.82 -6.73 -0.36
CA ILE A 72 -7.12 -7.73 -1.14
C ILE A 72 -7.82 -9.09 -1.07
N LYS A 73 -7.96 -9.74 -2.22
CA LYS A 73 -8.60 -11.04 -2.28
C LYS A 73 -7.82 -11.99 -3.18
N TYR A 74 -7.53 -13.18 -2.66
CA TYR A 74 -6.79 -14.18 -3.41
C TYR A 74 -7.70 -15.32 -3.85
N MET A 75 -7.74 -15.57 -5.16
CA MET A 75 -8.57 -16.64 -5.70
C MET A 75 -10.02 -16.48 -5.26
N GLY A 76 -10.49 -15.24 -5.26
CA GLY A 76 -11.86 -14.97 -4.86
C GLY A 76 -12.10 -15.22 -3.39
N SER A 77 -11.04 -15.13 -2.60
CA SER A 77 -11.13 -15.36 -1.16
C SER A 77 -10.36 -14.29 -0.39
N HIS A 78 -11.07 -13.54 0.45
CA HIS A 78 -10.45 -12.49 1.25
C HIS A 78 -9.30 -13.04 2.08
N ILE A 79 -8.27 -12.22 2.27
CA ILE A 79 -7.10 -12.63 3.06
C ILE A 79 -7.27 -12.23 4.52
N PRO A 80 -6.60 -12.98 5.41
CA PRO A 80 -6.65 -12.72 6.85
C PRO A 80 -5.91 -11.44 7.24
N GLU A 81 -5.40 -10.73 6.23
CA GLU A 81 -4.67 -9.49 6.46
C GLU A 81 -5.49 -8.28 5.99
N SER A 82 -6.56 -8.56 5.26
CA SER A 82 -7.42 -7.50 4.75
C SER A 82 -8.89 -7.80 5.04
N PRO A 83 -9.73 -6.76 4.99
CA PRO A 83 -9.28 -5.40 4.67
C PRO A 83 -8.44 -4.79 5.79
N LEU A 84 -7.70 -3.75 5.46
CA LEU A 84 -6.85 -3.07 6.44
C LEU A 84 -7.04 -1.56 6.38
N GLN A 85 -6.58 -0.86 7.40
CA GLN A 85 -6.70 0.59 7.46
C GLN A 85 -5.38 1.23 7.90
N PHE A 86 -5.01 2.32 7.25
CA PHE A 86 -3.78 3.03 7.56
C PHE A 86 -3.96 4.53 7.42
N TYR A 87 -3.73 5.26 8.51
CA TYR A 87 -3.87 6.70 8.51
C TYR A 87 -2.62 7.38 7.94
N VAL A 88 -2.82 8.35 7.06
CA VAL A 88 -1.71 9.07 6.45
C VAL A 88 -1.43 10.38 7.19
N ASN A 89 -0.36 10.39 7.98
CA ASN A 89 0.01 11.57 8.74
C ASN A 89 0.81 12.54 7.87
N TYR A 90 0.86 13.81 8.30
CA TYR A 90 1.58 14.82 7.55
C TYR A 90 3.09 14.62 7.67
N PRO A 91 3.81 14.87 6.57
CA PRO A 91 5.27 14.72 6.52
C PRO A 91 5.99 15.78 7.35
N ASN A 92 5.22 16.61 8.03
CA ASN A 92 5.77 17.68 8.86
C ASN A 92 6.13 17.15 10.25
N SER A 93 7.39 17.28 10.63
CA SER A 93 7.85 16.81 11.93
C SER A 93 9.13 17.52 12.34
N GLY A 94 9.50 17.41 13.61
CA GLY A 94 10.70 18.05 14.11
C GLY A 94 10.45 18.88 15.35
N SER A 95 11.08 20.05 15.41
CA SER A 95 10.92 20.94 16.56
C SER A 95 9.50 21.48 16.64
N GLY A 1 4.08 -4.23 14.01
CA GLY A 1 3.14 -4.97 13.19
C GLY A 1 3.80 -6.08 12.40
N SER A 2 3.62 -6.07 11.09
CA SER A 2 4.21 -7.09 10.22
C SER A 2 5.40 -6.54 9.46
N SER A 3 5.44 -5.22 9.30
CA SER A 3 6.52 -4.57 8.58
C SER A 3 6.91 -3.26 9.26
N GLY A 4 8.14 -2.81 9.00
CA GLY A 4 8.62 -1.58 9.60
C GLY A 4 10.13 -1.45 9.55
N SER A 5 10.62 -0.22 9.61
CA SER A 5 12.05 0.03 9.56
C SER A 5 12.41 1.27 10.37
N SER A 6 13.48 1.17 11.15
CA SER A 6 13.93 2.28 11.99
C SER A 6 15.36 2.70 11.61
N GLY A 7 15.54 3.99 11.36
CA GLY A 7 16.86 4.49 11.00
C GLY A 7 17.22 4.19 9.56
N VAL A 8 17.30 5.24 8.75
CA VAL A 8 17.64 5.09 7.33
C VAL A 8 18.35 6.32 6.80
N SER A 9 19.29 6.10 5.89
CA SER A 9 20.06 7.19 5.30
C SER A 9 19.87 7.24 3.78
N ASP A 10 18.84 7.95 3.35
CA ASP A 10 18.55 8.08 1.92
C ASP A 10 17.77 9.35 1.64
N MET A 11 17.82 9.81 0.38
CA MET A 11 17.11 11.02 -0.02
C MET A 11 15.94 10.69 -0.94
N ASN A 12 14.74 11.08 -0.51
CA ASN A 12 13.53 10.83 -1.29
C ASN A 12 12.35 11.60 -0.72
N GLY A 13 11.95 12.66 -1.43
CA GLY A 13 10.82 13.47 -0.99
C GLY A 13 9.87 13.81 -2.12
N LEU A 14 8.82 13.02 -2.27
CA LEU A 14 7.84 13.25 -3.32
C LEU A 14 6.55 13.82 -2.74
N GLY A 15 6.13 13.30 -1.59
CA GLY A 15 4.92 13.77 -0.95
C GLY A 15 4.67 13.10 0.39
N PHE A 16 4.26 11.83 0.34
CA PHE A 16 3.98 11.07 1.55
C PHE A 16 4.76 9.76 1.56
N LYS A 17 5.36 9.45 2.70
CA LYS A 17 6.14 8.22 2.84
C LYS A 17 5.36 7.02 2.31
N PRO A 18 6.07 6.12 1.61
CA PRO A 18 5.47 4.92 1.03
C PRO A 18 5.05 3.91 2.10
N PHE A 19 4.17 2.99 1.72
CA PHE A 19 3.69 1.97 2.65
C PHE A 19 3.91 0.57 2.08
N ASP A 20 4.99 -0.07 2.51
CA ASP A 20 5.32 -1.42 2.04
C ASP A 20 4.73 -2.47 2.99
N LEU A 21 4.10 -3.49 2.40
CA LEU A 21 3.50 -4.56 3.19
C LEU A 21 3.88 -5.93 2.62
N VAL A 22 4.25 -6.85 3.51
CA VAL A 22 4.63 -8.20 3.10
C VAL A 22 3.64 -9.23 3.63
N ILE A 23 2.94 -9.89 2.71
CA ILE A 23 1.97 -10.91 3.09
C ILE A 23 2.63 -12.05 3.85
N PRO A 24 1.96 -12.53 4.90
CA PRO A 24 2.46 -13.62 5.74
C PRO A 24 2.45 -14.96 5.00
N PHE A 25 1.31 -15.29 4.41
CA PHE A 25 1.18 -16.55 3.67
C PHE A 25 1.78 -16.43 2.28
N ALA A 26 2.06 -17.58 1.66
CA ALA A 26 2.64 -17.60 0.33
C ALA A 26 1.56 -17.48 -0.74
N VAL A 27 1.84 -16.69 -1.77
CA VAL A 27 0.89 -16.49 -2.86
C VAL A 27 1.59 -15.99 -4.11
N ARG A 28 0.93 -16.15 -5.25
CA ARG A 28 1.49 -15.72 -6.53
C ARG A 28 0.71 -14.53 -7.10
N LYS A 29 1.41 -13.66 -7.80
CA LYS A 29 0.78 -12.48 -8.40
C LYS A 29 0.03 -12.85 -9.68
N GLY A 30 -0.78 -13.89 -9.61
CA GLY A 30 -1.54 -14.33 -10.76
C GLY A 30 -3.02 -14.10 -10.61
N GLU A 31 -3.68 -14.98 -9.84
CA GLU A 31 -5.12 -14.86 -9.62
C GLU A 31 -5.41 -14.03 -8.37
N ILE A 32 -4.57 -13.04 -8.13
CA ILE A 32 -4.73 -12.17 -6.97
C ILE A 32 -4.92 -10.72 -7.39
N THR A 33 -5.71 -9.98 -6.61
CA THR A 33 -5.97 -8.57 -6.91
C THR A 33 -6.02 -7.74 -5.63
N GLY A 34 -5.92 -6.42 -5.78
CA GLY A 34 -5.93 -5.54 -4.64
C GLY A 34 -6.49 -4.17 -4.98
N GLU A 35 -7.06 -3.50 -3.97
CA GLU A 35 -7.62 -2.17 -4.17
C GLU A 35 -7.37 -1.29 -2.95
N VAL A 36 -7.43 0.03 -3.16
CA VAL A 36 -7.20 0.99 -2.09
C VAL A 36 -8.22 2.12 -2.14
N HIS A 37 -9.07 2.18 -1.11
CA HIS A 37 -10.11 3.21 -1.04
C HIS A 37 -9.59 4.44 -0.31
N MET A 38 -9.56 5.58 -1.01
CA MET A 38 -9.08 6.81 -0.42
C MET A 38 -10.19 7.52 0.34
N PRO A 39 -9.82 8.29 1.37
CA PRO A 39 -10.78 9.03 2.19
C PRO A 39 -11.41 10.20 1.45
N SER A 40 -10.67 10.76 0.49
CA SER A 40 -11.16 11.87 -0.30
C SER A 40 -12.32 11.44 -1.20
N GLY A 41 -12.37 10.15 -1.50
CA GLY A 41 -13.41 9.62 -2.35
C GLY A 41 -12.88 9.09 -3.67
N LYS A 42 -11.60 8.73 -3.68
CA LYS A 42 -10.96 8.20 -4.89
C LYS A 42 -10.56 6.74 -4.69
N THR A 43 -10.04 6.13 -5.75
CA THR A 43 -9.61 4.74 -5.69
C THR A 43 -8.26 4.55 -6.36
N ALA A 44 -7.52 3.53 -5.94
CA ALA A 44 -6.21 3.24 -6.50
C ALA A 44 -5.79 1.81 -6.19
N THR A 45 -5.11 1.18 -7.15
CA THR A 45 -4.64 -0.19 -6.98
C THR A 45 -3.25 -0.23 -6.37
N PRO A 46 -3.02 -1.18 -5.45
CA PRO A 46 -1.73 -1.34 -4.78
C PRO A 46 -0.65 -1.86 -5.72
N GLU A 47 0.50 -2.23 -5.16
CA GLU A 47 1.61 -2.73 -5.95
C GLU A 47 1.88 -4.20 -5.63
N ILE A 48 1.48 -5.08 -6.54
CA ILE A 48 1.67 -6.52 -6.36
C ILE A 48 3.01 -6.97 -6.93
N VAL A 49 3.95 -7.27 -6.04
CA VAL A 49 5.28 -7.71 -6.46
C VAL A 49 5.67 -9.01 -5.74
N ASP A 50 6.25 -9.94 -6.50
CA ASP A 50 6.67 -11.22 -5.94
C ASP A 50 8.18 -11.24 -5.74
N ASN A 51 8.60 -11.17 -4.49
CA ASN A 51 10.03 -11.18 -4.15
C ASN A 51 10.72 -12.36 -4.83
N LYS A 52 12.05 -12.36 -4.77
CA LYS A 52 12.84 -13.43 -5.37
C LYS A 52 13.09 -14.56 -4.37
N ASP A 53 12.22 -14.64 -3.36
CA ASP A 53 12.34 -15.68 -2.34
C ASP A 53 11.12 -16.58 -2.35
N GLY A 54 10.01 -16.07 -2.87
CA GLY A 54 8.78 -16.85 -2.92
C GLY A 54 7.64 -16.20 -2.17
N THR A 55 7.79 -14.91 -1.87
CA THR A 55 6.77 -14.16 -1.15
C THR A 55 6.28 -12.97 -1.97
N VAL A 56 5.23 -12.31 -1.47
CA VAL A 56 4.67 -11.15 -2.15
C VAL A 56 4.81 -9.90 -1.29
N THR A 57 4.80 -8.74 -1.94
CA THR A 57 4.92 -7.46 -1.24
C THR A 57 3.94 -6.44 -1.79
N VAL A 58 2.95 -6.08 -0.98
CA VAL A 58 1.95 -5.10 -1.39
C VAL A 58 2.31 -3.70 -0.91
N ARG A 59 2.88 -2.90 -1.80
CA ARG A 59 3.28 -1.54 -1.47
C ARG A 59 2.47 -0.52 -2.28
N TYR A 60 2.22 0.64 -1.67
CA TYR A 60 1.46 1.69 -2.34
C TYR A 60 1.83 3.06 -1.78
N ALA A 61 1.74 4.08 -2.64
CA ALA A 61 2.06 5.44 -2.24
C ALA A 61 0.80 6.26 -2.02
N PRO A 62 0.59 6.73 -0.78
CA PRO A 62 -0.57 7.53 -0.41
C PRO A 62 -0.52 8.93 -1.02
N THR A 63 -1.58 9.30 -1.72
CA THR A 63 -1.67 10.61 -2.36
C THR A 63 -2.31 11.63 -1.43
N GLU A 64 -3.34 11.21 -0.72
CA GLU A 64 -4.04 12.10 0.21
C GLU A 64 -3.94 11.57 1.64
N VAL A 65 -4.26 12.42 2.60
CA VAL A 65 -4.22 12.05 4.01
C VAL A 65 -5.57 11.52 4.48
N GLY A 66 -5.58 10.89 5.65
CA GLY A 66 -6.80 10.35 6.20
C GLY A 66 -6.72 8.86 6.44
N LEU A 67 -7.88 8.19 6.43
CA LEU A 67 -7.93 6.75 6.64
C LEU A 67 -8.23 6.01 5.34
N HIS A 68 -7.27 5.21 4.89
CA HIS A 68 -7.43 4.45 3.66
C HIS A 68 -7.71 2.97 3.96
N GLU A 69 -8.67 2.41 3.26
CA GLU A 69 -9.04 1.00 3.44
C GLU A 69 -8.63 0.17 2.24
N MET A 70 -7.77 -0.81 2.47
CA MET A 70 -7.29 -1.69 1.39
C MET A 70 -8.13 -2.96 1.35
N HIS A 71 -8.32 -3.49 0.14
CA HIS A 71 -9.10 -4.71 -0.05
C HIS A 71 -8.38 -5.66 -1.01
N ILE A 72 -7.75 -6.68 -0.45
CA ILE A 72 -7.03 -7.66 -1.26
C ILE A 72 -7.75 -9.01 -1.25
N LYS A 73 -7.82 -9.64 -2.43
CA LYS A 73 -8.48 -10.92 -2.56
C LYS A 73 -7.63 -11.90 -3.37
N TYR A 74 -7.35 -13.06 -2.80
CA TYR A 74 -6.55 -14.07 -3.48
C TYR A 74 -7.42 -15.14 -4.12
N MET A 75 -7.21 -15.38 -5.40
CA MET A 75 -7.98 -16.38 -6.14
C MET A 75 -9.46 -16.28 -5.79
N GLY A 76 -9.97 -15.05 -5.73
CA GLY A 76 -11.37 -14.84 -5.40
C GLY A 76 -11.69 -15.18 -3.97
N SER A 77 -10.73 -14.94 -3.07
CA SER A 77 -10.91 -15.22 -1.66
C SER A 77 -10.21 -14.17 -0.79
N HIS A 78 -11.00 -13.48 0.02
CA HIS A 78 -10.46 -12.44 0.90
C HIS A 78 -9.34 -13.00 1.78
N ILE A 79 -8.39 -12.15 2.13
CA ILE A 79 -7.28 -12.57 2.98
C ILE A 79 -7.52 -12.19 4.44
N PRO A 80 -6.91 -12.95 5.36
CA PRO A 80 -7.05 -12.70 6.80
C PRO A 80 -6.33 -11.44 7.25
N GLU A 81 -5.77 -10.72 6.29
CA GLU A 81 -5.06 -9.47 6.58
C GLU A 81 -5.85 -8.27 6.07
N SER A 82 -6.94 -8.53 5.36
CA SER A 82 -7.77 -7.46 4.81
C SER A 82 -9.24 -7.78 5.01
N PRO A 83 -10.09 -6.74 4.93
CA PRO A 83 -9.63 -5.38 4.64
C PRO A 83 -8.85 -4.77 5.80
N LEU A 84 -7.98 -3.82 5.50
CA LEU A 84 -7.17 -3.16 6.51
C LEU A 84 -7.25 -1.64 6.37
N GLN A 85 -6.85 -0.93 7.43
CA GLN A 85 -6.88 0.53 7.41
C GLN A 85 -5.56 1.09 7.93
N PHE A 86 -5.03 2.09 7.22
CA PHE A 86 -3.77 2.72 7.60
C PHE A 86 -3.85 4.24 7.45
N TYR A 87 -3.71 4.94 8.57
CA TYR A 87 -3.78 6.40 8.56
C TYR A 87 -2.49 7.00 8.02
N VAL A 88 -2.61 7.98 7.14
CA VAL A 88 -1.46 8.65 6.55
C VAL A 88 -1.22 10.01 7.19
N ASN A 89 -0.11 10.13 7.92
CA ASN A 89 0.23 11.38 8.58
C ASN A 89 0.90 12.34 7.61
N TYR A 90 0.98 13.61 7.99
CA TYR A 90 1.61 14.63 7.15
C TYR A 90 3.09 14.79 7.50
N PRO A 91 3.93 14.91 6.46
CA PRO A 91 5.37 15.08 6.62
C PRO A 91 5.74 16.44 7.21
N ASN A 92 6.57 16.43 8.25
CA ASN A 92 7.00 17.66 8.90
C ASN A 92 8.44 18.00 8.53
N SER A 93 9.34 17.06 8.78
CA SER A 93 10.75 17.25 8.48
C SER A 93 11.15 16.49 7.21
N GLY A 94 11.82 17.19 6.30
CA GLY A 94 12.24 16.56 5.06
C GLY A 94 13.44 17.26 4.43
N SER A 95 14.10 16.58 3.49
CA SER A 95 15.26 17.15 2.82
C SER A 95 14.97 17.39 1.35
N GLY A 1 -7.23 38.23 3.83
CA GLY A 1 -7.09 36.94 4.48
C GLY A 1 -8.44 36.26 4.70
N SER A 2 -8.81 35.38 3.79
CA SER A 2 -10.09 34.66 3.90
C SER A 2 -9.88 33.24 4.38
N SER A 3 -10.66 32.83 5.36
CA SER A 3 -10.57 31.48 5.93
C SER A 3 -9.17 31.24 6.50
N GLY A 4 -8.65 32.25 7.20
CA GLY A 4 -7.33 32.13 7.80
C GLY A 4 -6.68 33.48 8.04
N SER A 5 -5.44 33.46 8.52
CA SER A 5 -4.71 34.69 8.81
C SER A 5 -4.06 35.25 7.54
N SER A 6 -3.11 34.49 6.99
CA SER A 6 -2.41 34.91 5.79
C SER A 6 -2.33 33.76 4.79
N GLY A 7 -1.70 34.02 3.64
CA GLY A 7 -1.56 33.00 2.62
C GLY A 7 -0.15 32.91 2.08
N VAL A 8 0.66 32.06 2.68
CA VAL A 8 2.04 31.88 2.26
C VAL A 8 2.15 30.83 1.17
N SER A 9 3.26 30.85 0.43
CA SER A 9 3.48 29.89 -0.64
C SER A 9 3.09 28.48 -0.21
N ASP A 10 2.56 27.70 -1.16
CA ASP A 10 2.15 26.34 -0.87
C ASP A 10 2.42 25.42 -2.07
N MET A 11 2.92 24.23 -1.79
CA MET A 11 3.22 23.27 -2.84
C MET A 11 2.49 21.95 -2.61
N ASN A 12 1.34 21.79 -3.27
CA ASN A 12 0.54 20.59 -3.14
C ASN A 12 0.69 19.68 -4.36
N GLY A 13 0.78 18.37 -4.12
CA GLY A 13 0.93 17.43 -5.21
C GLY A 13 1.11 16.01 -4.72
N LEU A 14 2.34 15.54 -4.66
CA LEU A 14 2.64 14.19 -4.20
C LEU A 14 3.95 14.15 -3.42
N GLY A 15 3.87 13.68 -2.19
CA GLY A 15 5.06 13.60 -1.34
C GLY A 15 4.77 13.01 0.02
N PHE A 16 4.35 11.75 0.04
CA PHE A 16 4.03 11.07 1.29
C PHE A 16 4.80 9.75 1.40
N LYS A 17 5.39 9.52 2.57
CA LYS A 17 6.14 8.29 2.81
C LYS A 17 5.42 7.08 2.23
N PRO A 18 6.17 6.22 1.52
CA PRO A 18 5.62 5.01 0.92
C PRO A 18 5.23 3.96 1.95
N PHE A 19 4.30 3.09 1.58
CA PHE A 19 3.84 2.04 2.48
C PHE A 19 3.94 0.67 1.82
N ASP A 20 5.01 -0.07 2.14
CA ASP A 20 5.22 -1.39 1.57
C ASP A 20 4.90 -2.48 2.59
N LEU A 21 3.78 -3.16 2.39
CA LEU A 21 3.36 -4.22 3.30
C LEU A 21 3.69 -5.59 2.72
N VAL A 22 3.90 -6.57 3.60
CA VAL A 22 4.21 -7.93 3.17
C VAL A 22 3.23 -8.94 3.77
N ILE A 23 2.76 -9.85 2.93
CA ILE A 23 1.82 -10.88 3.38
C ILE A 23 2.51 -11.92 4.24
N PRO A 24 1.84 -12.32 5.34
CA PRO A 24 2.38 -13.32 6.27
C PRO A 24 2.41 -14.72 5.66
N PHE A 25 1.32 -15.09 4.99
CA PHE A 25 1.22 -16.41 4.36
C PHE A 25 1.75 -16.36 2.93
N ALA A 26 1.76 -17.52 2.27
CA ALA A 26 2.25 -17.62 0.90
C ALA A 26 1.10 -17.82 -0.08
N VAL A 27 1.21 -17.21 -1.25
CA VAL A 27 0.16 -17.33 -2.27
C VAL A 27 0.77 -17.29 -3.67
N ARG A 28 0.01 -17.77 -4.65
CA ARG A 28 0.47 -17.79 -6.03
C ARG A 28 0.67 -16.37 -6.55
N LYS A 29 0.99 -16.27 -7.84
CA LYS A 29 1.22 -14.97 -8.47
C LYS A 29 0.51 -14.90 -9.83
N GLY A 30 -0.72 -14.39 -9.82
CA GLY A 30 -1.47 -14.26 -11.05
C GLY A 30 -2.96 -14.07 -10.80
N GLU A 31 -3.58 -15.03 -10.11
CA GLU A 31 -5.00 -14.96 -9.80
C GLU A 31 -5.24 -14.12 -8.56
N ILE A 32 -4.42 -13.10 -8.36
CA ILE A 32 -4.56 -12.22 -7.20
C ILE A 32 -4.77 -10.77 -7.63
N THR A 33 -5.53 -10.03 -6.83
CA THR A 33 -5.81 -8.63 -7.13
C THR A 33 -5.93 -7.81 -5.85
N GLY A 34 -5.97 -6.49 -6.00
CA GLY A 34 -6.08 -5.62 -4.85
C GLY A 34 -6.68 -4.27 -5.20
N GLU A 35 -7.15 -3.55 -4.18
CA GLU A 35 -7.74 -2.24 -4.40
C GLU A 35 -7.53 -1.34 -3.18
N VAL A 36 -7.55 -0.03 -3.40
CA VAL A 36 -7.36 0.93 -2.34
C VAL A 36 -8.47 1.98 -2.32
N HIS A 37 -9.13 2.11 -1.17
CA HIS A 37 -10.22 3.07 -1.03
C HIS A 37 -9.74 4.34 -0.32
N MET A 38 -9.49 5.39 -1.09
CA MET A 38 -9.02 6.66 -0.54
C MET A 38 -10.12 7.33 0.28
N PRO A 39 -9.72 8.04 1.34
CA PRO A 39 -10.65 8.75 2.22
C PRO A 39 -11.30 9.95 1.53
N SER A 40 -10.70 10.39 0.43
CA SER A 40 -11.22 11.53 -0.32
C SER A 40 -12.37 11.10 -1.24
N GLY A 41 -12.51 9.80 -1.42
CA GLY A 41 -13.57 9.28 -2.26
C GLY A 41 -13.04 8.71 -3.57
N LYS A 42 -11.72 8.62 -3.68
CA LYS A 42 -11.08 8.09 -4.88
C LYS A 42 -10.74 6.61 -4.70
N THR A 43 -10.07 6.05 -5.70
CA THR A 43 -9.68 4.64 -5.66
C THR A 43 -8.38 4.41 -6.42
N ALA A 44 -7.62 3.40 -6.00
CA ALA A 44 -6.36 3.08 -6.66
C ALA A 44 -5.94 1.64 -6.35
N THR A 45 -5.18 1.04 -7.26
CA THR A 45 -4.72 -0.33 -7.08
C THR A 45 -3.33 -0.36 -6.45
N PRO A 46 -3.12 -1.28 -5.50
CA PRO A 46 -1.84 -1.43 -4.80
C PRO A 46 -0.75 -1.99 -5.71
N GLU A 47 0.49 -1.91 -5.25
CA GLU A 47 1.62 -2.41 -6.03
C GLU A 47 1.97 -3.84 -5.62
N ILE A 48 1.61 -4.80 -6.47
CA ILE A 48 1.88 -6.21 -6.19
C ILE A 48 3.23 -6.62 -6.76
N VAL A 49 4.21 -6.82 -5.87
CA VAL A 49 5.54 -7.23 -6.27
C VAL A 49 5.93 -8.57 -5.67
N ASP A 50 6.46 -9.46 -6.50
CA ASP A 50 6.86 -10.78 -6.03
C ASP A 50 8.37 -10.81 -5.73
N ASN A 51 8.70 -10.91 -4.45
CA ASN A 51 10.09 -10.96 -4.03
C ASN A 51 10.82 -12.14 -4.67
N LYS A 52 12.15 -12.08 -4.65
CA LYS A 52 12.97 -13.14 -5.23
C LYS A 52 13.18 -14.28 -4.22
N ASP A 53 12.21 -14.46 -3.33
CA ASP A 53 12.28 -15.52 -2.33
C ASP A 53 11.06 -16.43 -2.41
N GLY A 54 9.92 -15.86 -2.77
CA GLY A 54 8.70 -16.64 -2.88
C GLY A 54 7.54 -16.00 -2.13
N THR A 55 7.51 -14.68 -2.11
CA THR A 55 6.45 -13.95 -1.43
C THR A 55 6.05 -12.70 -2.20
N VAL A 56 5.03 -12.01 -1.72
CA VAL A 56 4.54 -10.79 -2.36
C VAL A 56 4.60 -9.60 -1.41
N THR A 57 4.58 -8.40 -1.96
CA THR A 57 4.62 -7.18 -1.16
C THR A 57 3.64 -6.14 -1.69
N VAL A 58 2.69 -5.75 -0.84
CA VAL A 58 1.69 -4.75 -1.23
C VAL A 58 2.20 -3.34 -0.95
N ARG A 59 2.72 -2.69 -2.00
CA ARG A 59 3.22 -1.33 -1.86
C ARG A 59 2.26 -0.33 -2.47
N TYR A 60 1.78 0.60 -1.65
CA TYR A 60 0.85 1.63 -2.10
C TYR A 60 1.24 3.00 -1.57
N ALA A 61 1.60 3.89 -2.49
CA ALA A 61 2.00 5.25 -2.12
C ALA A 61 0.78 6.14 -1.90
N PRO A 62 0.66 6.70 -0.68
CA PRO A 62 -0.45 7.58 -0.32
C PRO A 62 -0.40 8.92 -1.05
N THR A 63 -1.53 9.34 -1.60
CA THR A 63 -1.61 10.60 -2.32
C THR A 63 -2.16 11.71 -1.43
N GLU A 64 -3.05 11.35 -0.51
CA GLU A 64 -3.65 12.32 0.40
C GLU A 64 -3.63 11.79 1.83
N VAL A 65 -3.87 12.68 2.79
CA VAL A 65 -3.88 12.31 4.20
C VAL A 65 -5.27 11.86 4.63
N GLY A 66 -5.31 10.91 5.58
CA GLY A 66 -6.57 10.41 6.06
C GLY A 66 -6.56 8.91 6.27
N LEU A 67 -7.74 8.32 6.40
CA LEU A 67 -7.86 6.88 6.60
C LEU A 67 -8.13 6.17 5.28
N HIS A 68 -7.22 5.28 4.90
CA HIS A 68 -7.36 4.53 3.66
C HIS A 68 -7.62 3.05 3.95
N GLU A 69 -8.56 2.48 3.21
CA GLU A 69 -8.91 1.07 3.39
C GLU A 69 -8.52 0.25 2.16
N MET A 70 -7.64 -0.72 2.36
CA MET A 70 -7.18 -1.57 1.27
C MET A 70 -7.97 -2.89 1.24
N HIS A 71 -8.16 -3.43 0.04
CA HIS A 71 -8.89 -4.67 -0.13
C HIS A 71 -8.16 -5.61 -1.09
N ILE A 72 -7.75 -6.77 -0.58
CA ILE A 72 -7.04 -7.74 -1.40
C ILE A 72 -7.72 -9.11 -1.34
N LYS A 73 -7.90 -9.74 -2.49
CA LYS A 73 -8.53 -11.04 -2.57
C LYS A 73 -7.70 -12.00 -3.42
N TYR A 74 -7.38 -13.15 -2.86
CA TYR A 74 -6.59 -14.16 -3.57
C TYR A 74 -7.48 -15.22 -4.20
N MET A 75 -7.45 -15.33 -5.52
CA MET A 75 -8.26 -16.31 -6.24
C MET A 75 -9.73 -16.19 -5.83
N GLY A 76 -10.24 -14.96 -5.79
CA GLY A 76 -11.62 -14.75 -5.42
C GLY A 76 -11.89 -15.11 -3.97
N SER A 77 -10.87 -14.99 -3.14
CA SER A 77 -11.01 -15.31 -1.71
C SER A 77 -10.29 -14.28 -0.85
N HIS A 78 -11.05 -13.60 0.00
CA HIS A 78 -10.48 -12.58 0.88
C HIS A 78 -9.43 -13.19 1.80
N ILE A 79 -8.42 -12.39 2.14
CA ILE A 79 -7.35 -12.85 3.02
C ILE A 79 -7.59 -12.39 4.46
N PRO A 80 -7.01 -13.14 5.41
CA PRO A 80 -7.14 -12.82 6.84
C PRO A 80 -6.37 -11.57 7.23
N GLU A 81 -5.73 -10.95 6.25
CA GLU A 81 -4.96 -9.73 6.49
C GLU A 81 -5.72 -8.50 6.00
N SER A 82 -6.72 -8.73 5.16
CA SER A 82 -7.53 -7.64 4.61
C SER A 82 -9.01 -7.91 4.81
N PRO A 83 -9.82 -6.84 4.72
CA PRO A 83 -9.32 -5.49 4.44
C PRO A 83 -8.54 -4.91 5.60
N LEU A 84 -7.63 -3.98 5.30
CA LEU A 84 -6.82 -3.34 6.33
C LEU A 84 -6.98 -1.83 6.30
N GLN A 85 -6.49 -1.16 7.33
CA GLN A 85 -6.57 0.29 7.42
C GLN A 85 -5.25 0.89 7.86
N PHE A 86 -4.84 1.98 7.20
CA PHE A 86 -3.59 2.65 7.52
C PHE A 86 -3.73 4.16 7.39
N TYR A 87 -3.54 4.87 8.49
CA TYR A 87 -3.64 6.32 8.51
C TYR A 87 -2.33 6.96 8.08
N VAL A 88 -2.42 7.81 7.04
CA VAL A 88 -1.23 8.50 6.53
C VAL A 88 -0.89 9.70 7.40
N ASN A 89 0.37 9.75 7.86
CA ASN A 89 0.83 10.85 8.69
C ASN A 89 1.49 11.93 7.84
N TYR A 90 1.17 13.19 8.15
CA TYR A 90 1.74 14.32 7.42
C TYR A 90 2.94 14.89 8.15
N PRO A 91 3.96 15.31 7.38
CA PRO A 91 5.19 15.88 7.94
C PRO A 91 4.95 17.27 8.53
N ASN A 92 4.68 17.31 9.84
CA ASN A 92 4.43 18.57 10.52
C ASN A 92 5.73 19.13 11.11
N SER A 93 5.73 20.42 11.42
CA SER A 93 6.90 21.08 11.98
C SER A 93 6.87 21.01 13.51
N GLY A 94 7.81 20.25 14.07
CA GLY A 94 7.88 20.12 15.51
C GLY A 94 6.90 19.10 16.06
N SER A 95 7.34 18.32 17.03
CA SER A 95 6.50 17.29 17.63
C SER A 95 5.36 17.92 18.43
N GLY A 1 9.60 -4.91 -12.62
CA GLY A 1 9.81 -6.30 -12.26
C GLY A 1 10.85 -6.98 -13.14
N SER A 2 10.55 -7.11 -14.43
CA SER A 2 11.47 -7.75 -15.36
C SER A 2 11.40 -7.08 -16.73
N SER A 3 12.30 -7.47 -17.62
CA SER A 3 12.35 -6.91 -18.97
C SER A 3 10.95 -6.76 -19.55
N GLY A 4 10.53 -5.52 -19.76
CA GLY A 4 9.21 -5.26 -20.31
C GLY A 4 8.81 -3.81 -20.21
N SER A 5 7.52 -3.54 -20.34
CA SER A 5 7.01 -2.18 -20.26
C SER A 5 5.58 -2.15 -19.70
N SER A 6 5.27 -1.11 -18.93
CA SER A 6 3.96 -0.97 -18.33
C SER A 6 3.74 0.46 -17.84
N GLY A 7 2.68 1.09 -18.34
CA GLY A 7 2.37 2.45 -17.93
C GLY A 7 3.40 3.45 -18.44
N VAL A 8 3.84 4.34 -17.54
CA VAL A 8 4.82 5.35 -17.91
C VAL A 8 5.82 5.58 -16.77
N SER A 9 7.07 5.23 -17.01
CA SER A 9 8.11 5.40 -16.00
C SER A 9 8.36 6.87 -15.71
N ASP A 10 8.10 7.27 -14.47
CA ASP A 10 8.30 8.66 -14.06
C ASP A 10 8.29 8.78 -12.54
N MET A 11 9.11 9.69 -12.02
CA MET A 11 9.20 9.91 -10.58
C MET A 11 8.97 11.38 -10.24
N ASN A 12 8.24 11.62 -9.15
CA ASN A 12 7.96 12.98 -8.71
C ASN A 12 7.92 13.08 -7.19
N GLY A 13 7.83 14.30 -6.67
CA GLY A 13 7.77 14.50 -5.24
C GLY A 13 6.39 14.29 -4.68
N LEU A 14 6.00 13.04 -4.50
CA LEU A 14 4.69 12.71 -3.95
C LEU A 14 4.54 13.21 -2.52
N GLY A 15 5.63 13.13 -1.76
CA GLY A 15 5.60 13.58 -0.38
C GLY A 15 5.43 12.44 0.60
N PHE A 16 4.19 12.08 0.89
CA PHE A 16 3.90 11.00 1.82
C PHE A 16 4.88 9.85 1.63
N LYS A 17 5.08 9.07 2.69
CA LYS A 17 5.99 7.93 2.66
C LYS A 17 5.32 6.71 2.03
N PRO A 18 6.13 5.80 1.47
CA PRO A 18 5.63 4.58 0.83
C PRO A 18 5.06 3.60 1.84
N PHE A 19 4.26 2.65 1.35
CA PHE A 19 3.65 1.64 2.20
C PHE A 19 4.02 0.23 1.75
N ASP A 20 5.02 -0.35 2.41
CA ASP A 20 5.47 -1.69 2.07
C ASP A 20 4.95 -2.71 3.08
N LEU A 21 4.24 -3.72 2.58
CA LEU A 21 3.68 -4.76 3.44
C LEU A 21 3.88 -6.14 2.81
N VAL A 22 4.19 -7.13 3.65
CA VAL A 22 4.40 -8.48 3.19
C VAL A 22 3.33 -9.43 3.74
N ILE A 23 2.76 -10.24 2.86
CA ILE A 23 1.72 -11.20 3.25
C ILE A 23 2.29 -12.28 4.16
N PRO A 24 1.53 -12.63 5.21
CA PRO A 24 1.94 -13.67 6.17
C PRO A 24 1.92 -15.06 5.56
N PHE A 25 0.81 -15.41 4.93
CA PHE A 25 0.67 -16.73 4.30
C PHE A 25 1.37 -16.76 2.95
N ALA A 26 1.22 -17.88 2.25
CA ALA A 26 1.84 -18.04 0.93
C ALA A 26 0.80 -18.01 -0.18
N VAL A 27 1.16 -17.41 -1.31
CA VAL A 27 0.25 -17.31 -2.44
C VAL A 27 1.02 -17.45 -3.76
N ARG A 28 0.29 -17.76 -4.83
CA ARG A 28 0.90 -17.92 -6.15
C ARG A 28 0.58 -16.73 -7.03
N LYS A 29 1.61 -16.19 -7.69
CA LYS A 29 1.45 -15.04 -8.56
C LYS A 29 0.75 -15.43 -9.86
N GLY A 30 -0.58 -15.50 -9.80
CA GLY A 30 -1.36 -15.86 -10.98
C GLY A 30 -2.75 -15.27 -10.97
N GLU A 31 -3.46 -15.49 -9.86
CA GLU A 31 -4.82 -14.97 -9.72
C GLU A 31 -4.98 -14.18 -8.42
N ILE A 32 -4.70 -12.89 -8.49
CA ILE A 32 -4.81 -12.02 -7.33
C ILE A 32 -5.02 -10.57 -7.73
N THR A 33 -5.75 -9.83 -6.91
CA THR A 33 -6.03 -8.41 -7.19
C THR A 33 -6.08 -7.60 -5.89
N GLY A 34 -6.01 -6.28 -6.03
CA GLY A 34 -6.05 -5.41 -4.87
C GLY A 34 -6.62 -4.04 -5.19
N GLU A 35 -7.17 -3.38 -4.18
CA GLU A 35 -7.74 -2.06 -4.36
C GLU A 35 -7.48 -1.18 -3.14
N VAL A 36 -7.53 0.13 -3.35
CA VAL A 36 -7.30 1.09 -2.27
C VAL A 36 -8.38 2.16 -2.23
N HIS A 37 -9.16 2.18 -1.16
CA HIS A 37 -10.23 3.16 -1.00
C HIS A 37 -9.74 4.39 -0.25
N MET A 38 -9.40 5.43 -1.01
CA MET A 38 -8.91 6.68 -0.43
C MET A 38 -9.97 7.30 0.48
N PRO A 39 -9.51 8.02 1.53
CA PRO A 39 -10.39 8.67 2.49
C PRO A 39 -11.13 9.85 1.88
N SER A 40 -10.55 10.44 0.84
CA SER A 40 -11.16 11.58 0.16
C SER A 40 -12.35 11.15 -0.68
N GLY A 41 -12.39 9.87 -1.03
CA GLY A 41 -13.48 9.34 -1.83
C GLY A 41 -13.02 8.86 -3.20
N LYS A 42 -11.73 8.58 -3.31
CA LYS A 42 -11.17 8.11 -4.57
C LYS A 42 -10.84 6.62 -4.49
N THR A 43 -10.22 6.10 -5.55
CA THR A 43 -9.85 4.69 -5.61
C THR A 43 -8.52 4.49 -6.34
N ALA A 44 -7.77 3.48 -5.94
CA ALA A 44 -6.49 3.18 -6.57
C ALA A 44 -6.04 1.76 -6.27
N THR A 45 -5.32 1.15 -7.21
CA THR A 45 -4.84 -0.21 -7.04
C THR A 45 -3.42 -0.23 -6.51
N PRO A 46 -3.15 -1.14 -5.57
CA PRO A 46 -1.83 -1.29 -4.94
C PRO A 46 -0.80 -1.85 -5.92
N GLU A 47 0.42 -2.05 -5.43
CA GLU A 47 1.50 -2.58 -6.25
C GLU A 47 1.87 -3.99 -5.82
N ILE A 48 1.44 -4.98 -6.60
CA ILE A 48 1.73 -6.38 -6.29
C ILE A 48 3.07 -6.80 -6.87
N VAL A 49 4.07 -6.96 -6.00
CA VAL A 49 5.40 -7.38 -6.42
C VAL A 49 5.82 -8.67 -5.75
N ASP A 50 6.56 -9.50 -6.48
CA ASP A 50 7.04 -10.78 -5.95
C ASP A 50 8.53 -10.73 -5.66
N ASN A 51 8.89 -10.73 -4.39
CA ASN A 51 10.29 -10.70 -3.98
C ASN A 51 11.06 -11.85 -4.60
N LYS A 52 12.39 -11.78 -4.51
CA LYS A 52 13.25 -12.81 -5.06
C LYS A 52 13.49 -13.92 -4.04
N ASP A 53 12.47 -14.19 -3.23
CA ASP A 53 12.57 -15.23 -2.20
C ASP A 53 11.40 -16.21 -2.30
N GLY A 54 10.22 -15.67 -2.58
CA GLY A 54 9.03 -16.50 -2.69
C GLY A 54 7.84 -15.92 -1.95
N THR A 55 7.72 -14.60 -1.99
CA THR A 55 6.61 -13.93 -1.31
C THR A 55 6.16 -12.69 -2.09
N VAL A 56 5.16 -12.01 -1.58
CA VAL A 56 4.63 -10.80 -2.22
C VAL A 56 4.77 -9.59 -1.32
N THR A 57 4.88 -8.41 -1.94
CA THR A 57 5.02 -7.17 -1.20
C THR A 57 4.06 -6.10 -1.71
N VAL A 58 3.06 -5.77 -0.90
CA VAL A 58 2.07 -4.76 -1.27
C VAL A 58 2.63 -3.36 -1.10
N ARG A 59 3.13 -2.79 -2.19
CA ARG A 59 3.69 -1.45 -2.16
C ARG A 59 2.70 -0.43 -2.72
N TYR A 60 2.39 0.58 -1.92
CA TYR A 60 1.45 1.62 -2.34
C TYR A 60 1.91 3.00 -1.85
N ALA A 61 1.83 3.98 -2.74
CA ALA A 61 2.23 5.35 -2.40
C ALA A 61 1.01 6.25 -2.23
N PRO A 62 0.72 6.64 -0.98
CA PRO A 62 -0.41 7.51 -0.66
C PRO A 62 -0.20 8.94 -1.15
N THR A 63 -1.24 9.50 -1.76
CA THR A 63 -1.17 10.86 -2.28
C THR A 63 -2.21 11.76 -1.62
N GLU A 64 -2.76 11.28 -0.51
CA GLU A 64 -3.77 12.04 0.23
C GLU A 64 -3.65 11.79 1.73
N VAL A 65 -4.46 12.51 2.51
CA VAL A 65 -4.45 12.36 3.96
C VAL A 65 -5.73 11.70 4.45
N GLY A 66 -5.68 11.14 5.66
CA GLY A 66 -6.84 10.49 6.23
C GLY A 66 -6.63 9.00 6.45
N LEU A 67 -7.71 8.24 6.43
CA LEU A 67 -7.64 6.79 6.62
C LEU A 67 -7.91 6.05 5.32
N HIS A 68 -6.92 5.31 4.84
CA HIS A 68 -7.07 4.54 3.61
C HIS A 68 -7.35 3.07 3.90
N GLU A 69 -8.34 2.52 3.22
CA GLU A 69 -8.71 1.12 3.42
C GLU A 69 -8.37 0.29 2.18
N MET A 70 -7.50 -0.70 2.35
CA MET A 70 -7.11 -1.57 1.25
C MET A 70 -7.92 -2.85 1.24
N HIS A 71 -8.24 -3.33 0.04
CA HIS A 71 -9.02 -4.56 -0.10
C HIS A 71 -8.35 -5.52 -1.08
N ILE A 72 -7.80 -6.61 -0.56
CA ILE A 72 -7.14 -7.60 -1.39
C ILE A 72 -7.85 -8.95 -1.32
N LYS A 73 -7.81 -9.69 -2.41
CA LYS A 73 -8.45 -11.00 -2.48
C LYS A 73 -7.63 -11.96 -3.34
N TYR A 74 -7.42 -13.18 -2.84
CA TYR A 74 -6.67 -14.18 -3.56
C TYR A 74 -7.60 -15.17 -4.26
N MET A 75 -7.70 -15.04 -5.58
CA MET A 75 -8.56 -15.92 -6.37
C MET A 75 -10.01 -15.79 -5.93
N GLY A 76 -10.42 -14.58 -5.58
CA GLY A 76 -11.78 -14.35 -5.15
C GLY A 76 -12.00 -14.70 -3.69
N SER A 77 -10.91 -14.92 -2.97
CA SER A 77 -10.98 -15.27 -1.56
C SER A 77 -10.27 -14.23 -0.70
N HIS A 78 -11.03 -13.59 0.18
CA HIS A 78 -10.47 -12.57 1.07
C HIS A 78 -9.46 -13.18 2.03
N ILE A 79 -8.35 -12.46 2.24
CA ILE A 79 -7.31 -12.93 3.14
C ILE A 79 -7.52 -12.43 4.56
N PRO A 80 -6.91 -13.12 5.53
CA PRO A 80 -7.02 -12.74 6.96
C PRO A 80 -6.29 -11.45 7.27
N GLU A 81 -5.58 -10.90 6.28
CA GLU A 81 -4.84 -9.66 6.46
C GLU A 81 -5.64 -8.48 5.95
N SER A 82 -6.65 -8.75 5.13
CA SER A 82 -7.48 -7.70 4.56
C SER A 82 -8.97 -8.02 4.77
N PRO A 83 -9.80 -6.98 4.66
CA PRO A 83 -9.36 -5.62 4.36
C PRO A 83 -8.58 -4.99 5.52
N LEU A 84 -7.66 -4.10 5.19
CA LEU A 84 -6.86 -3.42 6.20
C LEU A 84 -6.96 -1.90 6.07
N GLN A 85 -6.56 -1.19 7.11
CA GLN A 85 -6.60 0.26 7.11
C GLN A 85 -5.29 0.85 7.61
N PHE A 86 -4.87 1.95 7.00
CA PHE A 86 -3.63 2.62 7.39
C PHE A 86 -3.76 4.14 7.27
N TYR A 87 -3.60 4.83 8.39
CA TYR A 87 -3.70 6.28 8.41
C TYR A 87 -2.43 6.92 7.89
N VAL A 88 -2.59 7.99 7.11
CA VAL A 88 -1.45 8.70 6.54
C VAL A 88 -1.34 10.10 7.11
N ASN A 89 -0.40 10.29 8.04
CA ASN A 89 -0.19 11.58 8.68
C ASN A 89 0.57 12.52 7.74
N TYR A 90 0.37 13.82 7.93
CA TYR A 90 1.04 14.82 7.11
C TYR A 90 2.51 14.96 7.50
N PRO A 91 3.38 15.12 6.49
CA PRO A 91 4.82 15.26 6.70
C PRO A 91 5.18 16.60 7.35
N ASN A 92 6.48 16.84 7.50
CA ASN A 92 6.95 18.08 8.11
C ASN A 92 8.28 18.51 7.51
N SER A 93 8.35 19.77 7.08
CA SER A 93 9.57 20.30 6.48
C SER A 93 10.49 20.90 7.53
N GLY A 94 11.62 20.25 7.76
CA GLY A 94 12.57 20.74 8.75
C GLY A 94 13.11 19.63 9.63
N SER A 95 14.17 19.93 10.38
CA SER A 95 14.78 18.95 11.27
C SER A 95 14.93 19.50 12.68
N GLY A 1 30.04 -2.05 4.37
CA GLY A 1 30.22 -3.38 4.89
C GLY A 1 29.94 -4.45 3.86
N SER A 2 29.23 -5.50 4.27
CA SER A 2 28.91 -6.60 3.36
C SER A 2 28.27 -6.08 2.07
N SER A 3 29.09 -5.93 1.04
CA SER A 3 28.61 -5.44 -0.25
C SER A 3 27.57 -6.39 -0.84
N GLY A 4 26.58 -5.81 -1.51
CA GLY A 4 25.53 -6.62 -2.12
C GLY A 4 24.15 -6.28 -1.58
N SER A 5 23.80 -5.00 -1.62
CA SER A 5 22.51 -4.54 -1.13
C SER A 5 22.14 -3.20 -1.74
N SER A 6 20.88 -2.80 -1.57
CA SER A 6 20.40 -1.53 -2.11
C SER A 6 20.57 -0.41 -1.08
N GLY A 7 20.02 -0.62 0.11
CA GLY A 7 20.13 0.38 1.17
C GLY A 7 19.96 1.79 0.64
N VAL A 8 18.81 2.06 0.04
CA VAL A 8 18.54 3.39 -0.51
C VAL A 8 18.36 4.42 0.60
N SER A 9 18.84 5.63 0.35
CA SER A 9 18.74 6.71 1.33
C SER A 9 18.70 8.07 0.64
N ASP A 10 17.64 8.83 0.92
CA ASP A 10 17.48 10.15 0.33
C ASP A 10 16.32 10.90 0.98
N MET A 11 16.23 12.20 0.70
CA MET A 11 15.18 13.04 1.27
C MET A 11 14.78 14.14 0.30
N ASN A 12 13.50 14.49 0.29
CA ASN A 12 12.99 15.54 -0.58
C ASN A 12 12.58 16.77 0.22
N GLY A 13 11.77 16.55 1.25
CA GLY A 13 11.33 17.66 2.08
C GLY A 13 9.84 17.58 2.39
N LEU A 14 9.04 17.26 1.36
CA LEU A 14 7.60 17.16 1.53
C LEU A 14 7.04 16.03 0.67
N GLY A 15 6.65 14.93 1.33
CA GLY A 15 6.11 13.80 0.62
C GLY A 15 5.77 12.63 1.53
N PHE A 16 4.51 12.26 1.58
CA PHE A 16 4.06 11.16 2.43
C PHE A 16 4.91 9.91 2.18
N LYS A 17 5.31 9.26 3.27
CA LYS A 17 6.12 8.06 3.18
C LYS A 17 5.30 6.88 2.68
N PRO A 18 5.92 6.03 1.84
CA PRO A 18 5.27 4.85 1.27
C PRO A 18 5.00 3.77 2.32
N PHE A 19 3.95 2.99 2.10
CA PHE A 19 3.59 1.92 3.03
C PHE A 19 3.88 0.55 2.42
N ASP A 20 5.02 -0.02 2.79
CA ASP A 20 5.41 -1.33 2.29
C ASP A 20 4.91 -2.44 3.21
N LEU A 21 4.41 -3.51 2.60
CA LEU A 21 3.90 -4.65 3.36
C LEU A 21 4.26 -5.96 2.70
N VAL A 22 4.43 -7.01 3.51
CA VAL A 22 4.78 -8.33 2.99
C VAL A 22 3.86 -9.41 3.56
N ILE A 23 3.06 -10.01 2.70
CA ILE A 23 2.14 -11.06 3.12
C ILE A 23 2.86 -12.13 3.95
N PRO A 24 2.22 -12.55 5.05
CA PRO A 24 2.78 -13.57 5.95
C PRO A 24 2.81 -14.96 5.30
N PHE A 25 1.66 -15.37 4.77
CA PHE A 25 1.55 -16.67 4.12
C PHE A 25 2.13 -16.64 2.71
N ALA A 26 2.03 -17.76 2.01
CA ALA A 26 2.55 -17.86 0.64
C ALA A 26 1.42 -17.76 -0.38
N VAL A 27 1.69 -17.08 -1.48
CA VAL A 27 0.69 -16.91 -2.54
C VAL A 27 1.36 -16.78 -3.91
N ARG A 28 0.59 -17.01 -4.96
CA ARG A 28 1.10 -16.93 -6.32
C ARG A 28 0.65 -15.62 -6.98
N LYS A 29 1.41 -15.18 -7.99
CA LYS A 29 1.10 -13.95 -8.70
C LYS A 29 0.33 -14.26 -9.99
N GLY A 30 -0.99 -14.19 -9.90
CA GLY A 30 -1.83 -14.46 -11.06
C GLY A 30 -3.29 -14.16 -10.81
N GLU A 31 -3.97 -15.06 -10.11
CA GLU A 31 -5.38 -14.89 -9.80
C GLU A 31 -5.57 -14.02 -8.55
N ILE A 32 -4.66 -13.07 -8.36
CA ILE A 32 -4.72 -12.18 -7.21
C ILE A 32 -4.95 -10.74 -7.64
N THR A 33 -5.63 -9.97 -6.79
CA THR A 33 -5.91 -8.57 -7.09
C THR A 33 -6.06 -7.75 -5.81
N GLY A 34 -6.03 -6.43 -5.94
CA GLY A 34 -6.16 -5.57 -4.78
C GLY A 34 -6.76 -4.22 -5.14
N GLU A 35 -7.27 -3.52 -4.13
CA GLU A 35 -7.88 -2.21 -4.35
C GLU A 35 -7.67 -1.31 -3.13
N VAL A 36 -7.80 -0.01 -3.34
CA VAL A 36 -7.63 0.96 -2.26
C VAL A 36 -8.71 2.03 -2.31
N HIS A 37 -9.32 2.30 -1.15
CA HIS A 37 -10.38 3.29 -1.04
C HIS A 37 -9.87 4.56 -0.36
N MET A 38 -9.44 5.53 -1.16
CA MET A 38 -8.93 6.79 -0.62
C MET A 38 -10.01 7.54 0.15
N PRO A 39 -9.59 8.31 1.16
CA PRO A 39 -10.52 9.08 2.00
C PRO A 39 -11.14 10.25 1.24
N SER A 40 -10.41 10.78 0.26
CA SER A 40 -10.89 11.90 -0.54
C SER A 40 -12.04 11.47 -1.44
N GLY A 41 -12.13 10.17 -1.69
CA GLY A 41 -13.19 9.65 -2.55
C GLY A 41 -12.67 9.09 -3.85
N LYS A 42 -11.39 8.72 -3.86
CA LYS A 42 -10.76 8.17 -5.06
C LYS A 42 -10.48 6.68 -4.90
N THR A 43 -9.97 6.07 -5.96
CA THR A 43 -9.65 4.65 -5.93
C THR A 43 -8.31 4.37 -6.59
N ALA A 44 -7.62 3.34 -6.11
CA ALA A 44 -6.33 2.96 -6.66
C ALA A 44 -5.95 1.54 -6.28
N THR A 45 -5.29 0.83 -7.18
CA THR A 45 -4.88 -0.54 -6.94
C THR A 45 -3.49 -0.60 -6.31
N PRO A 46 -3.34 -1.46 -5.30
CA PRO A 46 -2.06 -1.63 -4.59
C PRO A 46 -1.00 -2.31 -5.46
N GLU A 47 0.24 -2.29 -4.99
CA GLU A 47 1.35 -2.90 -5.72
C GLU A 47 1.44 -4.38 -5.41
N ILE A 48 1.75 -5.18 -6.44
CA ILE A 48 1.87 -6.62 -6.28
C ILE A 48 3.14 -7.14 -6.95
N VAL A 49 4.15 -7.43 -6.15
CA VAL A 49 5.42 -7.95 -6.66
C VAL A 49 5.77 -9.28 -6.02
N ASP A 50 6.31 -10.19 -6.83
CA ASP A 50 6.70 -11.52 -6.33
C ASP A 50 8.21 -11.65 -6.28
N ASN A 51 8.78 -11.48 -5.10
CA ASN A 51 10.23 -11.57 -4.92
C ASN A 51 10.76 -12.88 -5.49
N LYS A 52 12.07 -12.98 -5.61
CA LYS A 52 12.72 -14.18 -6.15
C LYS A 52 12.98 -15.20 -5.04
N ASP A 53 12.18 -15.14 -3.98
CA ASP A 53 12.32 -16.06 -2.86
C ASP A 53 11.05 -16.89 -2.67
N GLY A 54 9.91 -16.26 -2.94
CA GLY A 54 8.64 -16.95 -2.79
C GLY A 54 7.67 -16.20 -1.91
N THR A 55 7.69 -14.87 -2.01
CA THR A 55 6.81 -14.03 -1.21
C THR A 55 6.33 -12.82 -2.02
N VAL A 56 5.36 -12.10 -1.47
CA VAL A 56 4.81 -10.93 -2.14
C VAL A 56 4.96 -9.69 -1.28
N THR A 57 5.07 -8.53 -1.92
CA THR A 57 5.23 -7.27 -1.21
C THR A 57 4.20 -6.24 -1.68
N VAL A 58 3.20 -5.98 -0.84
CA VAL A 58 2.15 -5.02 -1.16
C VAL A 58 2.51 -3.62 -0.66
N ARG A 59 2.77 -2.71 -1.59
CA ARG A 59 3.13 -1.34 -1.24
C ARG A 59 2.26 -0.34 -1.99
N TYR A 60 2.00 0.80 -1.36
CA TYR A 60 1.17 1.83 -1.96
C TYR A 60 1.58 3.22 -1.48
N ALA A 61 1.59 4.18 -2.39
CA ALA A 61 1.97 5.55 -2.06
C ALA A 61 0.73 6.42 -1.82
N PRO A 62 0.61 6.95 -0.60
CA PRO A 62 -0.52 7.81 -0.21
C PRO A 62 -0.48 9.16 -0.92
N THR A 63 -1.57 9.51 -1.60
CA THR A 63 -1.67 10.77 -2.30
C THR A 63 -2.21 11.86 -1.40
N GLU A 64 -3.07 11.49 -0.46
CA GLU A 64 -3.66 12.45 0.47
C GLU A 64 -3.70 11.89 1.88
N VAL A 65 -4.06 12.73 2.84
CA VAL A 65 -4.14 12.31 4.23
C VAL A 65 -5.55 11.87 4.60
N GLY A 66 -5.65 10.98 5.58
CA GLY A 66 -6.94 10.48 6.01
C GLY A 66 -6.94 8.99 6.27
N LEU A 67 -8.12 8.38 6.23
CA LEU A 67 -8.25 6.95 6.46
C LEU A 67 -8.38 6.18 5.15
N HIS A 68 -7.36 5.38 4.83
CA HIS A 68 -7.37 4.60 3.61
C HIS A 68 -7.59 3.12 3.90
N GLU A 69 -8.60 2.54 3.26
CA GLU A 69 -8.92 1.13 3.45
C GLU A 69 -8.60 0.31 2.21
N MET A 70 -7.69 -0.65 2.36
CA MET A 70 -7.29 -1.50 1.24
C MET A 70 -8.08 -2.81 1.25
N HIS A 71 -8.33 -3.34 0.06
CA HIS A 71 -9.08 -4.58 -0.08
C HIS A 71 -8.39 -5.53 -1.06
N ILE A 72 -7.78 -6.58 -0.54
CA ILE A 72 -7.09 -7.56 -1.37
C ILE A 72 -7.79 -8.90 -1.34
N LYS A 73 -7.88 -9.54 -2.51
CA LYS A 73 -8.53 -10.85 -2.62
C LYS A 73 -7.69 -11.80 -3.46
N TYR A 74 -7.40 -12.97 -2.91
CA TYR A 74 -6.61 -13.98 -3.60
C TYR A 74 -7.50 -15.07 -4.18
N MET A 75 -7.39 -15.28 -5.49
CA MET A 75 -8.18 -16.30 -6.17
C MET A 75 -9.66 -16.19 -5.77
N GLY A 76 -10.15 -14.97 -5.67
CA GLY A 76 -11.54 -14.76 -5.30
C GLY A 76 -11.81 -15.09 -3.85
N SER A 77 -10.80 -14.89 -3.00
CA SER A 77 -10.93 -15.17 -1.58
C SER A 77 -10.21 -14.13 -0.74
N HIS A 78 -10.95 -13.52 0.19
CA HIS A 78 -10.38 -12.49 1.05
C HIS A 78 -9.27 -13.08 1.94
N ILE A 79 -8.22 -12.28 2.16
CA ILE A 79 -7.10 -12.73 2.99
C ILE A 79 -7.30 -12.30 4.44
N PRO A 80 -6.69 -13.07 5.37
CA PRO A 80 -6.78 -12.79 6.80
C PRO A 80 -6.02 -11.53 7.20
N GLU A 81 -5.45 -10.85 6.21
CA GLU A 81 -4.70 -9.62 6.45
C GLU A 81 -5.47 -8.40 5.96
N SER A 82 -6.56 -8.65 5.23
CA SER A 82 -7.38 -7.56 4.70
C SER A 82 -8.86 -7.83 4.96
N PRO A 83 -9.66 -6.76 4.88
CA PRO A 83 -9.18 -5.41 4.57
C PRO A 83 -8.35 -4.82 5.71
N LEU A 84 -7.68 -3.71 5.42
CA LEU A 84 -6.85 -3.04 6.41
C LEU A 84 -7.08 -1.53 6.39
N GLN A 85 -6.61 -0.85 7.42
CA GLN A 85 -6.75 0.60 7.53
C GLN A 85 -5.45 1.26 7.95
N PHE A 86 -5.02 2.25 7.17
CA PHE A 86 -3.78 2.96 7.47
C PHE A 86 -3.98 4.46 7.36
N TYR A 87 -3.80 5.16 8.47
CA TYR A 87 -3.97 6.61 8.50
C TYR A 87 -2.66 7.32 8.11
N VAL A 88 -2.76 8.22 7.14
CA VAL A 88 -1.59 8.96 6.67
C VAL A 88 -1.67 10.43 7.11
N ASN A 89 -1.01 10.75 8.22
CA ASN A 89 -0.99 12.10 8.73
C ASN A 89 0.21 12.87 8.22
N TYR A 90 0.20 14.19 8.43
CA TYR A 90 1.30 15.04 7.98
C TYR A 90 2.62 14.63 8.63
N PRO A 91 3.70 14.67 7.85
CA PRO A 91 5.03 14.31 8.33
C PRO A 91 5.59 15.33 9.33
N ASN A 92 4.80 16.35 9.62
CA ASN A 92 5.21 17.39 10.55
C ASN A 92 5.12 16.89 11.99
N SER A 93 6.08 17.30 12.81
CA SER A 93 6.12 16.90 14.21
C SER A 93 6.28 18.11 15.13
N GLY A 94 5.84 17.96 16.37
CA GLY A 94 5.94 19.05 17.33
C GLY A 94 7.37 19.32 17.75
N SER A 95 7.87 18.53 18.70
CA SER A 95 9.23 18.69 19.20
C SER A 95 10.19 18.98 18.06
N GLY A 1 1.03 -17.61 14.25
CA GLY A 1 2.32 -17.08 14.64
C GLY A 1 2.90 -16.16 13.58
N SER A 2 3.32 -14.97 14.00
CA SER A 2 3.90 -14.00 13.08
C SER A 2 5.43 -14.01 13.17
N SER A 3 6.07 -14.69 12.23
CA SER A 3 7.52 -14.78 12.20
C SER A 3 8.07 -14.32 10.86
N GLY A 4 8.81 -13.22 10.88
CA GLY A 4 9.38 -12.68 9.65
C GLY A 4 10.15 -11.39 9.89
N SER A 5 11.47 -11.46 9.76
CA SER A 5 12.31 -10.28 9.96
C SER A 5 12.78 -9.72 8.63
N SER A 6 12.54 -8.43 8.41
CA SER A 6 12.93 -7.76 7.17
C SER A 6 13.49 -6.38 7.46
N GLY A 7 14.56 -6.02 6.76
CA GLY A 7 15.17 -4.72 6.94
C GLY A 7 14.86 -3.76 5.82
N VAL A 8 14.46 -2.54 6.16
CA VAL A 8 14.13 -1.53 5.16
C VAL A 8 14.80 -0.20 5.49
N SER A 9 15.37 0.43 4.46
CA SER A 9 16.04 1.72 4.64
C SER A 9 15.03 2.86 4.74
N ASP A 10 15.45 3.96 5.36
CA ASP A 10 14.57 5.12 5.53
C ASP A 10 14.76 6.09 4.37
N MET A 11 13.66 6.51 3.77
CA MET A 11 13.70 7.45 2.65
C MET A 11 12.47 8.36 2.66
N ASN A 12 12.72 9.67 2.54
CA ASN A 12 11.63 10.64 2.53
C ASN A 12 11.18 10.94 1.11
N GLY A 13 9.86 10.85 0.88
CA GLY A 13 9.33 11.11 -0.44
C GLY A 13 8.60 12.44 -0.51
N LEU A 14 8.54 13.02 -1.71
CA LEU A 14 7.88 14.30 -1.92
C LEU A 14 6.38 14.17 -1.73
N GLY A 15 5.92 14.24 -0.48
CA GLY A 15 4.50 14.13 -0.20
C GLY A 15 4.22 13.34 1.06
N PHE A 16 4.18 12.01 0.93
CA PHE A 16 3.91 11.14 2.06
C PHE A 16 4.77 9.88 1.98
N LYS A 17 5.01 9.27 3.14
CA LYS A 17 5.82 8.05 3.20
C LYS A 17 5.04 6.86 2.65
N PRO A 18 5.73 6.00 1.89
CA PRO A 18 5.13 4.81 1.29
C PRO A 18 4.78 3.76 2.33
N PHE A 19 3.89 2.84 1.96
CA PHE A 19 3.46 1.77 2.87
C PHE A 19 3.70 0.40 2.24
N ASP A 20 4.81 -0.24 2.63
CA ASP A 20 5.16 -1.55 2.10
C ASP A 20 4.64 -2.65 3.02
N LEU A 21 3.90 -3.60 2.44
CA LEU A 21 3.35 -4.70 3.21
C LEU A 21 3.69 -6.04 2.58
N VAL A 22 3.97 -7.04 3.41
CA VAL A 22 4.31 -8.37 2.92
C VAL A 22 3.33 -9.42 3.44
N ILE A 23 2.77 -10.20 2.53
CA ILE A 23 1.82 -11.24 2.90
C ILE A 23 2.51 -12.37 3.66
N PRO A 24 1.88 -12.80 4.77
CA PRO A 24 2.42 -13.88 5.62
C PRO A 24 2.35 -15.23 4.93
N PHE A 25 1.18 -15.57 4.41
CA PHE A 25 0.97 -16.85 3.74
C PHE A 25 1.55 -16.81 2.32
N ALA A 26 1.71 -17.99 1.72
CA ALA A 26 2.26 -18.08 0.38
C ALA A 26 1.15 -18.00 -0.67
N VAL A 27 1.41 -17.25 -1.74
CA VAL A 27 0.44 -17.09 -2.81
C VAL A 27 1.10 -17.18 -4.18
N ARG A 28 0.30 -17.45 -5.21
CA ARG A 28 0.81 -17.57 -6.57
C ARG A 28 0.27 -16.46 -7.45
N LYS A 29 1.13 -15.50 -7.79
CA LYS A 29 0.73 -14.37 -8.63
C LYS A 29 -0.10 -14.86 -9.82
N GLY A 30 -1.02 -14.01 -10.27
CA GLY A 30 -1.87 -14.36 -11.39
C GLY A 30 -3.34 -14.21 -11.08
N GLU A 31 -3.83 -15.02 -10.14
CA GLU A 31 -5.22 -14.98 -9.75
C GLU A 31 -5.42 -14.14 -8.49
N ILE A 32 -4.60 -13.10 -8.35
CA ILE A 32 -4.67 -12.21 -7.19
C ILE A 32 -4.89 -10.77 -7.62
N THR A 33 -5.60 -10.01 -6.78
CA THR A 33 -5.87 -8.60 -7.07
C THR A 33 -5.87 -7.77 -5.79
N GLY A 34 -5.87 -6.45 -5.96
CA GLY A 34 -5.88 -5.56 -4.81
C GLY A 34 -6.46 -4.21 -5.12
N GLU A 35 -6.96 -3.52 -4.10
CA GLU A 35 -7.56 -2.20 -4.28
C GLU A 35 -7.31 -1.32 -3.06
N VAL A 36 -7.39 -0.01 -3.26
CA VAL A 36 -7.17 0.95 -2.17
C VAL A 36 -8.20 2.07 -2.22
N HIS A 37 -9.00 2.16 -1.15
CA HIS A 37 -10.02 3.21 -1.07
C HIS A 37 -9.48 4.45 -0.39
N MET A 38 -9.61 5.59 -1.05
CA MET A 38 -9.13 6.86 -0.51
C MET A 38 -10.24 7.58 0.25
N PRO A 39 -9.85 8.37 1.26
CA PRO A 39 -10.80 9.13 2.08
C PRO A 39 -11.46 10.27 1.31
N SER A 40 -10.73 10.81 0.33
CA SER A 40 -11.24 11.91 -0.48
C SER A 40 -12.37 11.44 -1.38
N GLY A 41 -12.42 10.13 -1.63
CA GLY A 41 -13.46 9.58 -2.48
C GLY A 41 -12.91 9.00 -3.76
N LYS A 42 -11.63 8.66 -3.75
CA LYS A 42 -10.98 8.09 -4.93
C LYS A 42 -10.55 6.64 -4.67
N THR A 43 -10.04 5.98 -5.71
CA THR A 43 -9.60 4.60 -5.60
C THR A 43 -8.25 4.41 -6.27
N ALA A 44 -7.49 3.42 -5.79
CA ALA A 44 -6.17 3.12 -6.34
C ALA A 44 -5.78 1.67 -6.09
N THR A 45 -5.03 1.09 -7.02
CA THR A 45 -4.59 -0.30 -6.89
C THR A 45 -3.20 -0.37 -6.28
N PRO A 46 -3.00 -1.33 -5.36
CA PRO A 46 -1.72 -1.53 -4.68
C PRO A 46 -0.64 -2.08 -5.63
N GLU A 47 0.58 -2.21 -5.12
CA GLU A 47 1.68 -2.72 -5.91
C GLU A 47 1.97 -4.18 -5.57
N ILE A 48 1.57 -5.09 -6.46
CA ILE A 48 1.79 -6.51 -6.24
C ILE A 48 3.11 -6.96 -6.87
N VAL A 49 4.11 -7.20 -6.02
CA VAL A 49 5.42 -7.63 -6.49
C VAL A 49 5.83 -8.95 -5.84
N ASP A 50 6.34 -9.87 -6.64
CA ASP A 50 6.77 -11.17 -6.13
C ASP A 50 8.29 -11.23 -6.00
N ASN A 51 8.77 -11.16 -4.76
CA ASN A 51 10.20 -11.20 -4.50
C ASN A 51 10.83 -12.45 -5.10
N LYS A 52 12.16 -12.47 -5.17
CA LYS A 52 12.89 -13.60 -5.73
C LYS A 52 13.14 -14.67 -4.67
N ASP A 53 12.23 -14.74 -3.70
CA ASP A 53 12.34 -15.72 -2.63
C ASP A 53 11.08 -16.56 -2.52
N GLY A 54 9.95 -16.00 -2.95
CA GLY A 54 8.70 -16.72 -2.90
C GLY A 54 7.67 -16.00 -2.05
N THR A 55 7.74 -14.67 -2.02
CA THR A 55 6.80 -13.88 -1.24
C THR A 55 6.31 -12.67 -2.04
N VAL A 56 5.26 -12.02 -1.54
CA VAL A 56 4.70 -10.85 -2.20
C VAL A 56 4.81 -9.61 -1.33
N THR A 57 4.88 -8.45 -1.96
CA THR A 57 5.00 -7.19 -1.23
C THR A 57 4.00 -6.16 -1.77
N VAL A 58 2.92 -5.95 -1.03
CA VAL A 58 1.90 -4.99 -1.42
C VAL A 58 2.26 -3.57 -0.95
N ARG A 59 2.86 -2.80 -1.85
CA ARG A 59 3.25 -1.43 -1.53
C ARG A 59 2.36 -0.43 -2.25
N TYR A 60 2.19 0.75 -1.65
CA TYR A 60 1.36 1.79 -2.24
C TYR A 60 1.77 3.17 -1.71
N ALA A 61 1.76 4.16 -2.59
CA ALA A 61 2.12 5.53 -2.22
C ALA A 61 0.87 6.40 -2.06
N PRO A 62 0.61 6.84 -0.82
CA PRO A 62 -0.53 7.69 -0.52
C PRO A 62 -0.40 9.10 -1.09
N THR A 63 -1.43 9.55 -1.81
CA THR A 63 -1.42 10.87 -2.41
C THR A 63 -2.12 11.89 -1.52
N GLU A 64 -2.99 11.41 -0.65
CA GLU A 64 -3.73 12.28 0.27
C GLU A 64 -3.69 11.74 1.69
N VAL A 65 -4.22 12.52 2.62
CA VAL A 65 -4.25 12.11 4.02
C VAL A 65 -5.63 11.63 4.44
N GLY A 66 -5.70 10.91 5.57
CA GLY A 66 -6.96 10.41 6.05
C GLY A 66 -6.91 8.92 6.33
N LEU A 67 -8.07 8.27 6.28
CA LEU A 67 -8.15 6.84 6.54
C LEU A 67 -8.40 6.06 5.24
N HIS A 68 -7.39 5.30 4.82
CA HIS A 68 -7.50 4.51 3.60
C HIS A 68 -7.70 3.04 3.92
N GLU A 69 -8.64 2.40 3.23
CA GLU A 69 -8.92 0.99 3.45
C GLU A 69 -8.55 0.16 2.23
N MET A 70 -7.63 -0.79 2.42
CA MET A 70 -7.19 -1.65 1.34
C MET A 70 -8.01 -2.93 1.28
N HIS A 71 -8.19 -3.47 0.07
CA HIS A 71 -8.97 -4.69 -0.11
C HIS A 71 -8.24 -5.65 -1.04
N ILE A 72 -7.59 -6.65 -0.46
CA ILE A 72 -6.85 -7.65 -1.24
C ILE A 72 -7.53 -9.01 -1.18
N LYS A 73 -7.66 -9.65 -2.33
CA LYS A 73 -8.29 -10.96 -2.40
C LYS A 73 -7.45 -11.92 -3.25
N TYR A 74 -7.07 -13.05 -2.66
CA TYR A 74 -6.27 -14.04 -3.36
C TYR A 74 -7.16 -15.11 -4.00
N MET A 75 -7.14 -15.17 -5.33
CA MET A 75 -7.94 -16.15 -6.06
C MET A 75 -9.42 -16.04 -5.67
N GLY A 76 -9.90 -14.80 -5.56
CA GLY A 76 -11.29 -14.59 -5.20
C GLY A 76 -11.58 -14.97 -3.76
N SER A 77 -10.58 -14.80 -2.89
CA SER A 77 -10.74 -15.13 -1.47
C SER A 77 -10.06 -14.08 -0.59
N HIS A 78 -10.85 -13.44 0.26
CA HIS A 78 -10.33 -12.42 1.15
C HIS A 78 -9.27 -13.00 2.08
N ILE A 79 -8.23 -12.22 2.35
CA ILE A 79 -7.15 -12.65 3.23
C ILE A 79 -7.39 -12.20 4.66
N PRO A 80 -6.79 -12.94 5.62
CA PRO A 80 -6.93 -12.64 7.05
C PRO A 80 -6.20 -11.35 7.44
N GLU A 81 -5.63 -10.67 6.45
CA GLU A 81 -4.91 -9.43 6.68
C GLU A 81 -5.70 -8.23 6.16
N SER A 82 -6.80 -8.51 5.48
CA SER A 82 -7.63 -7.45 4.92
C SER A 82 -9.12 -7.76 5.14
N PRO A 83 -9.96 -6.73 5.02
CA PRO A 83 -9.51 -5.37 4.71
C PRO A 83 -8.73 -4.74 5.86
N LEU A 84 -7.84 -3.82 5.53
CA LEU A 84 -7.03 -3.13 6.55
C LEU A 84 -7.19 -1.62 6.44
N GLN A 85 -6.75 -0.91 7.48
CA GLN A 85 -6.85 0.55 7.49
C GLN A 85 -5.52 1.17 7.93
N PHE A 86 -5.05 2.14 7.16
CA PHE A 86 -3.80 2.82 7.47
C PHE A 86 -3.95 4.33 7.35
N TYR A 87 -3.76 5.03 8.47
CA TYR A 87 -3.88 6.49 8.50
C TYR A 87 -2.58 7.15 8.08
N VAL A 88 -2.68 8.13 7.18
CA VAL A 88 -1.50 8.84 6.69
C VAL A 88 -1.44 10.25 7.27
N ASN A 89 -0.37 10.56 7.98
CA ASN A 89 -0.19 11.87 8.58
C ASN A 89 0.86 12.68 7.84
N TYR A 90 0.88 13.98 8.05
CA TYR A 90 1.83 14.87 7.39
C TYR A 90 3.25 14.59 7.89
N PRO A 91 4.21 14.62 6.95
CA PRO A 91 5.62 14.38 7.27
C PRO A 91 6.24 15.50 8.09
N ASN A 92 6.63 15.20 9.31
CA ASN A 92 7.24 16.19 10.20
C ASN A 92 8.56 16.69 9.63
N SER A 93 8.93 17.91 9.98
CA SER A 93 10.17 18.51 9.50
C SER A 93 10.98 19.08 10.66
N GLY A 94 12.20 19.53 10.36
CA GLY A 94 13.06 20.09 11.39
C GLY A 94 13.24 19.14 12.56
N SER A 95 12.58 19.45 13.67
CA SER A 95 12.68 18.62 14.87
C SER A 95 12.39 17.16 14.54
N GLY A 1 24.91 29.97 12.07
CA GLY A 1 23.95 30.38 11.07
C GLY A 1 22.78 29.44 10.97
N SER A 2 21.58 29.93 11.28
CA SER A 2 20.37 29.13 11.22
C SER A 2 19.58 29.42 9.95
N SER A 3 19.72 28.54 8.96
CA SER A 3 19.02 28.70 7.69
C SER A 3 19.13 27.43 6.85
N GLY A 4 17.99 26.99 6.30
CA GLY A 4 17.98 25.79 5.49
C GLY A 4 16.90 25.84 4.42
N SER A 5 16.33 24.68 4.13
CA SER A 5 15.27 24.58 3.12
C SER A 5 13.89 24.71 3.75
N SER A 6 12.93 25.21 2.98
CA SER A 6 11.58 25.39 3.47
C SER A 6 10.70 24.19 3.11
N GLY A 7 10.41 23.37 4.11
CA GLY A 7 9.59 22.18 3.89
C GLY A 7 10.02 21.41 2.66
N VAL A 8 9.05 20.80 1.98
CA VAL A 8 9.34 20.01 0.78
C VAL A 8 9.12 20.83 -0.48
N SER A 9 9.83 20.48 -1.55
CA SER A 9 9.71 21.19 -2.82
C SER A 9 9.24 20.25 -3.92
N ASP A 10 8.27 19.40 -3.61
CA ASP A 10 7.73 18.46 -4.57
C ASP A 10 6.36 17.97 -4.14
N MET A 11 5.45 17.85 -5.10
CA MET A 11 4.09 17.40 -4.81
C MET A 11 3.87 16.00 -5.37
N ASN A 12 4.41 15.74 -6.56
CA ASN A 12 4.27 14.44 -7.20
C ASN A 12 5.55 13.62 -7.09
N GLY A 13 6.68 14.25 -7.45
CA GLY A 13 7.96 13.57 -7.38
C GLY A 13 8.19 12.92 -6.02
N LEU A 14 7.89 13.66 -4.96
CA LEU A 14 8.07 13.15 -3.60
C LEU A 14 7.01 13.71 -2.66
N GLY A 15 6.05 12.87 -2.28
CA GLY A 15 5.00 13.31 -1.40
C GLY A 15 5.08 12.65 -0.03
N PHE A 16 4.02 11.92 0.34
CA PHE A 16 3.97 11.24 1.63
C PHE A 16 4.86 10.00 1.61
N LYS A 17 5.15 9.47 2.80
CA LYS A 17 5.98 8.28 2.92
C LYS A 17 5.27 7.05 2.37
N PRO A 18 6.02 6.18 1.67
CA PRO A 18 5.47 4.95 1.09
C PRO A 18 5.08 3.92 2.14
N PHE A 19 4.12 3.08 1.80
CA PHE A 19 3.65 2.05 2.73
C PHE A 19 3.99 0.66 2.20
N ASP A 20 5.08 0.09 2.70
CA ASP A 20 5.51 -1.24 2.28
C ASP A 20 4.89 -2.32 3.16
N LEU A 21 4.25 -3.30 2.54
CA LEU A 21 3.62 -4.39 3.27
C LEU A 21 3.98 -5.75 2.65
N VAL A 22 4.15 -6.75 3.50
CA VAL A 22 4.48 -8.10 3.04
C VAL A 22 3.50 -9.13 3.58
N ILE A 23 2.87 -9.87 2.67
CA ILE A 23 1.90 -10.90 3.05
C ILE A 23 2.58 -12.00 3.87
N PRO A 24 1.92 -12.39 4.98
CA PRO A 24 2.44 -13.44 5.87
C PRO A 24 2.37 -14.82 5.23
N PHE A 25 1.21 -15.15 4.68
CA PHE A 25 1.01 -16.44 4.04
C PHE A 25 1.59 -16.45 2.62
N ALA A 26 1.75 -17.63 2.05
CA ALA A 26 2.30 -17.78 0.71
C ALA A 26 1.20 -17.60 -0.34
N VAL A 27 1.58 -17.00 -1.47
CA VAL A 27 0.64 -16.77 -2.56
C VAL A 27 1.36 -16.39 -3.84
N ARG A 28 0.68 -16.53 -4.97
CA ARG A 28 1.26 -16.20 -6.27
C ARG A 28 0.49 -15.06 -6.94
N LYS A 29 1.19 -14.30 -7.78
CA LYS A 29 0.57 -13.18 -8.48
C LYS A 29 -0.29 -13.67 -9.65
N GLY A 30 -1.16 -14.63 -9.37
CA GLY A 30 -2.03 -15.17 -10.39
C GLY A 30 -3.42 -14.57 -10.36
N GLU A 31 -4.36 -15.27 -9.75
CA GLU A 31 -5.73 -14.79 -9.65
C GLU A 31 -5.91 -13.88 -8.44
N ILE A 32 -4.87 -13.13 -8.11
CA ILE A 32 -4.91 -12.22 -6.98
C ILE A 32 -5.04 -10.77 -7.43
N THR A 33 -5.66 -9.95 -6.60
CA THR A 33 -5.85 -8.54 -6.91
C THR A 33 -5.85 -7.68 -5.65
N GLY A 34 -5.79 -6.36 -5.83
CA GLY A 34 -5.78 -5.46 -4.70
C GLY A 34 -6.36 -4.10 -5.04
N GLU A 35 -6.97 -3.46 -4.04
CA GLU A 35 -7.57 -2.14 -4.23
C GLU A 35 -7.33 -1.25 -3.03
N VAL A 36 -7.40 0.06 -3.25
CA VAL A 36 -7.19 1.03 -2.18
C VAL A 36 -8.24 2.13 -2.22
N HIS A 37 -9.13 2.13 -1.22
CA HIS A 37 -10.19 3.13 -1.14
C HIS A 37 -9.71 4.37 -0.40
N MET A 38 -9.77 5.51 -1.06
CA MET A 38 -9.34 6.77 -0.45
C MET A 38 -10.49 7.42 0.30
N PRO A 39 -10.15 8.19 1.36
CA PRO A 39 -11.14 8.89 2.19
C PRO A 39 -11.81 10.03 1.45
N SER A 40 -11.08 10.63 0.51
CA SER A 40 -11.61 11.75 -0.27
C SER A 40 -12.72 11.28 -1.21
N GLY A 41 -12.72 9.99 -1.52
CA GLY A 41 -13.73 9.44 -2.40
C GLY A 41 -13.15 8.90 -3.69
N LYS A 42 -11.85 8.60 -3.68
CA LYS A 42 -11.18 8.08 -4.85
C LYS A 42 -10.73 6.63 -4.63
N THR A 43 -10.14 6.04 -5.66
CA THR A 43 -9.67 4.66 -5.59
C THR A 43 -8.30 4.51 -6.24
N ALA A 44 -7.58 3.47 -5.84
CA ALA A 44 -6.25 3.21 -6.39
C ALA A 44 -5.82 1.77 -6.12
N THR A 45 -5.02 1.22 -7.03
CA THR A 45 -4.54 -0.15 -6.90
C THR A 45 -3.14 -0.19 -6.30
N PRO A 46 -2.92 -1.14 -5.37
CA PRO A 46 -1.62 -1.30 -4.71
C PRO A 46 -0.55 -1.83 -5.65
N GLU A 47 0.62 -2.13 -5.09
CA GLU A 47 1.74 -2.64 -5.89
C GLU A 47 2.02 -4.10 -5.55
N ILE A 48 1.62 -4.99 -6.45
CA ILE A 48 1.83 -6.42 -6.24
C ILE A 48 3.16 -6.88 -6.81
N VAL A 49 4.15 -7.07 -5.93
CA VAL A 49 5.47 -7.50 -6.34
C VAL A 49 5.84 -8.83 -5.70
N ASP A 50 6.45 -9.72 -6.49
CA ASP A 50 6.85 -11.02 -6.01
C ASP A 50 8.37 -11.10 -5.85
N ASN A 51 8.84 -11.05 -4.61
CA ASN A 51 10.27 -11.11 -4.33
C ASN A 51 10.90 -12.33 -4.98
N LYS A 52 12.21 -12.27 -5.18
CA LYS A 52 12.94 -13.37 -5.79
C LYS A 52 13.21 -14.49 -4.78
N ASP A 53 12.55 -14.40 -3.63
CA ASP A 53 12.71 -15.40 -2.57
C ASP A 53 11.53 -16.35 -2.53
N GLY A 54 10.33 -15.80 -2.75
CA GLY A 54 9.14 -16.63 -2.74
C GLY A 54 8.02 -16.01 -1.91
N THR A 55 7.95 -14.68 -1.92
CA THR A 55 6.92 -13.97 -1.16
C THR A 55 6.38 -12.78 -1.95
N VAL A 56 5.34 -12.15 -1.43
CA VAL A 56 4.73 -11.00 -2.08
C VAL A 56 4.82 -9.76 -1.19
N THR A 57 4.88 -8.59 -1.82
CA THR A 57 4.96 -7.34 -1.09
C THR A 57 4.00 -6.30 -1.66
N VAL A 58 3.03 -5.89 -0.85
CA VAL A 58 2.05 -4.90 -1.29
C VAL A 58 2.45 -3.50 -0.83
N ARG A 59 3.05 -2.74 -1.74
CA ARG A 59 3.50 -1.38 -1.45
C ARG A 59 2.69 -0.37 -2.25
N TYR A 60 2.47 0.80 -1.66
CA TYR A 60 1.70 1.85 -2.32
C TYR A 60 2.15 3.24 -1.83
N ALA A 61 1.95 4.25 -2.65
CA ALA A 61 2.31 5.61 -2.31
C ALA A 61 1.08 6.48 -2.08
N PRO A 62 0.87 6.88 -0.82
CA PRO A 62 -0.28 7.71 -0.43
C PRO A 62 -0.16 9.13 -0.96
N THR A 63 -1.20 9.60 -1.65
CA THR A 63 -1.20 10.95 -2.20
C THR A 63 -1.89 11.93 -1.26
N GLU A 64 -2.98 11.48 -0.64
CA GLU A 64 -3.73 12.32 0.28
C GLU A 64 -3.68 11.75 1.69
N VAL A 65 -4.09 12.56 2.67
CA VAL A 65 -4.10 12.13 4.07
C VAL A 65 -5.47 11.59 4.47
N GLY A 66 -5.50 10.77 5.51
CA GLY A 66 -6.75 10.21 5.98
C GLY A 66 -6.65 8.73 6.25
N LEU A 67 -7.79 8.05 6.26
CA LEU A 67 -7.84 6.62 6.51
C LEU A 67 -8.15 5.84 5.23
N HIS A 68 -7.15 5.16 4.70
CA HIS A 68 -7.33 4.38 3.47
C HIS A 68 -7.59 2.90 3.79
N GLU A 69 -8.56 2.31 3.12
CA GLU A 69 -8.91 0.92 3.34
C GLU A 69 -8.56 0.07 2.12
N MET A 70 -7.66 -0.89 2.31
CA MET A 70 -7.23 -1.77 1.23
C MET A 70 -8.12 -3.00 1.16
N HIS A 71 -8.30 -3.52 -0.05
CA HIS A 71 -9.12 -4.71 -0.26
C HIS A 71 -8.42 -5.71 -1.18
N ILE A 72 -7.84 -6.75 -0.58
CA ILE A 72 -7.14 -7.78 -1.34
C ILE A 72 -7.91 -9.09 -1.33
N LYS A 73 -7.99 -9.73 -2.50
CA LYS A 73 -8.70 -11.00 -2.63
C LYS A 73 -7.91 -11.97 -3.50
N TYR A 74 -7.60 -13.14 -2.95
CA TYR A 74 -6.84 -14.15 -3.68
C TYR A 74 -7.77 -15.25 -4.21
N MET A 75 -7.67 -15.53 -5.51
CA MET A 75 -8.50 -16.54 -6.14
C MET A 75 -9.95 -16.39 -5.73
N GLY A 76 -10.43 -15.15 -5.67
CA GLY A 76 -11.80 -14.90 -5.29
C GLY A 76 -12.06 -15.20 -3.83
N SER A 77 -11.02 -15.05 -3.00
CA SER A 77 -11.15 -15.32 -1.57
C SER A 77 -10.42 -14.26 -0.76
N HIS A 78 -11.15 -13.57 0.11
CA HIS A 78 -10.56 -12.52 0.95
C HIS A 78 -9.51 -13.11 1.88
N ILE A 79 -8.46 -12.34 2.14
CA ILE A 79 -7.38 -12.79 3.01
C ILE A 79 -7.65 -12.38 4.46
N PRO A 80 -7.08 -13.15 5.40
CA PRO A 80 -7.25 -12.88 6.84
C PRO A 80 -6.51 -11.61 7.27
N GLU A 81 -5.90 -10.93 6.32
CA GLU A 81 -5.16 -9.71 6.61
C GLU A 81 -5.91 -8.48 6.08
N SER A 82 -6.97 -8.72 5.33
CA SER A 82 -7.77 -7.64 4.75
C SER A 82 -9.25 -7.91 4.94
N PRO A 83 -10.07 -6.84 4.82
CA PRO A 83 -9.56 -5.49 4.53
C PRO A 83 -8.78 -4.89 5.69
N LEU A 84 -7.93 -3.92 5.39
CA LEU A 84 -7.13 -3.26 6.41
C LEU A 84 -7.21 -1.74 6.28
N GLN A 85 -6.84 -1.04 7.34
CA GLN A 85 -6.87 0.43 7.34
C GLN A 85 -5.53 1.00 7.83
N PHE A 86 -5.00 1.96 7.09
CA PHE A 86 -3.74 2.59 7.45
C PHE A 86 -3.83 4.11 7.33
N TYR A 87 -3.67 4.80 8.45
CA TYR A 87 -3.73 6.26 8.46
C TYR A 87 -2.45 6.87 7.91
N VAL A 88 -2.60 7.93 7.14
CA VAL A 88 -1.46 8.61 6.55
C VAL A 88 -1.23 9.98 7.20
N ASN A 89 -0.08 10.15 7.83
CA ASN A 89 0.25 11.41 8.49
C ASN A 89 1.30 12.18 7.69
N TYR A 90 1.27 13.50 7.81
CA TYR A 90 2.21 14.36 7.09
C TYR A 90 3.65 14.06 7.53
N PRO A 91 4.57 14.07 6.55
CA PRO A 91 5.99 13.80 6.80
C PRO A 91 6.67 14.92 7.58
N ASN A 92 6.78 14.74 8.89
CA ASN A 92 7.40 15.74 9.75
C ASN A 92 8.71 15.22 10.33
N SER A 93 9.80 15.41 9.57
CA SER A 93 11.11 14.95 10.01
C SER A 93 11.70 15.90 11.04
N GLY A 94 11.76 17.18 10.68
CA GLY A 94 12.31 18.17 11.60
C GLY A 94 13.12 19.24 10.88
N SER A 95 14.44 19.21 11.09
CA SER A 95 15.32 20.18 10.46
C SER A 95 15.80 19.68 9.09
N GLY A 1 -6.65 37.63 -1.92
CA GLY A 1 -5.57 36.66 -1.89
C GLY A 1 -4.89 36.59 -0.53
N SER A 2 -4.52 35.39 -0.11
CA SER A 2 -3.88 35.20 1.18
C SER A 2 -2.38 35.49 1.08
N SER A 3 -2.04 36.57 0.40
CA SER A 3 -0.64 36.97 0.23
C SER A 3 0.09 36.95 1.56
N GLY A 4 1.35 36.50 1.53
CA GLY A 4 2.14 36.43 2.74
C GLY A 4 3.47 37.16 2.61
N SER A 5 4.23 37.21 3.70
CA SER A 5 5.52 37.88 3.70
C SER A 5 6.65 36.87 3.91
N SER A 6 6.49 36.00 4.89
CA SER A 6 7.50 35.00 5.20
C SER A 6 6.89 33.60 5.25
N GLY A 7 7.51 32.66 4.57
CA GLY A 7 7.02 31.29 4.55
C GLY A 7 6.66 30.83 3.16
N VAL A 8 5.43 30.33 3.00
CA VAL A 8 4.97 29.85 1.70
C VAL A 8 6.05 29.05 0.98
N SER A 9 6.79 28.26 1.74
CA SER A 9 7.86 27.45 1.19
C SER A 9 7.50 25.96 1.24
N ASP A 10 7.84 25.24 0.16
CA ASP A 10 7.57 23.81 0.09
C ASP A 10 8.77 23.00 0.55
N MET A 11 8.88 22.78 1.85
CA MET A 11 9.98 22.01 2.42
C MET A 11 9.56 20.58 2.69
N ASN A 12 9.68 19.72 1.68
CA ASN A 12 9.31 18.32 1.82
C ASN A 12 7.82 18.18 2.16
N GLY A 13 6.99 18.94 1.45
CA GLY A 13 5.55 18.88 1.67
C GLY A 13 4.89 17.74 0.93
N LEU A 14 5.29 17.54 -0.32
CA LEU A 14 4.72 16.47 -1.14
C LEU A 14 5.61 15.24 -1.11
N GLY A 15 5.40 14.40 -0.10
CA GLY A 15 6.20 13.19 0.03
C GLY A 15 5.78 12.34 1.22
N PHE A 16 4.61 11.72 1.12
CA PHE A 16 4.10 10.89 2.20
C PHE A 16 4.83 9.54 2.24
N LYS A 17 5.14 9.09 3.45
CA LYS A 17 5.85 7.82 3.63
C LYS A 17 5.04 6.67 3.02
N PRO A 18 5.74 5.83 2.23
CA PRO A 18 5.12 4.67 1.57
C PRO A 18 4.72 3.58 2.56
N PHE A 19 3.75 2.77 2.17
CA PHE A 19 3.27 1.68 3.03
C PHE A 19 3.65 0.33 2.43
N ASP A 20 4.60 -0.35 3.06
CA ASP A 20 5.05 -1.66 2.59
C ASP A 20 4.40 -2.76 3.41
N LEU A 21 3.90 -3.78 2.73
CA LEU A 21 3.25 -4.91 3.39
C LEU A 21 3.66 -6.22 2.74
N VAL A 22 4.01 -7.20 3.57
CA VAL A 22 4.42 -8.52 3.07
C VAL A 22 3.48 -9.61 3.57
N ILE A 23 2.79 -10.26 2.63
CA ILE A 23 1.86 -11.33 2.98
C ILE A 23 2.54 -12.40 3.82
N PRO A 24 1.84 -12.84 4.89
CA PRO A 24 2.36 -13.87 5.80
C PRO A 24 2.42 -15.24 5.14
N PHE A 25 1.33 -15.64 4.51
CA PHE A 25 1.26 -16.93 3.84
C PHE A 25 1.86 -16.86 2.44
N ALA A 26 1.89 -18.00 1.76
CA ALA A 26 2.44 -18.06 0.40
C ALA A 26 1.33 -17.98 -0.64
N VAL A 27 1.53 -17.16 -1.66
CA VAL A 27 0.55 -16.99 -2.73
C VAL A 27 1.23 -16.89 -4.09
N ARG A 28 0.46 -17.14 -5.14
CA ARG A 28 0.98 -17.07 -6.50
C ARG A 28 0.27 -15.99 -7.31
N LYS A 29 1.03 -15.32 -8.16
CA LYS A 29 0.48 -14.26 -9.00
C LYS A 29 -0.45 -14.83 -10.07
N GLY A 30 -1.54 -14.13 -10.34
CA GLY A 30 -2.48 -14.59 -11.34
C GLY A 30 -3.92 -14.20 -11.02
N GLU A 31 -4.61 -15.06 -10.27
CA GLU A 31 -5.99 -14.81 -9.89
C GLU A 31 -6.05 -13.94 -8.64
N ILE A 32 -5.09 -13.03 -8.50
CA ILE A 32 -5.04 -12.14 -7.34
C ILE A 32 -5.22 -10.69 -7.76
N THR A 33 -5.85 -9.91 -6.89
CA THR A 33 -6.08 -8.49 -7.17
C THR A 33 -6.08 -7.67 -5.89
N GLY A 34 -6.00 -6.35 -6.04
CA GLY A 34 -5.97 -5.47 -4.89
C GLY A 34 -6.55 -4.10 -5.18
N GLU A 35 -7.14 -3.47 -4.17
CA GLU A 35 -7.73 -2.15 -4.34
C GLU A 35 -7.56 -1.31 -3.08
N VAL A 36 -7.68 0.00 -3.22
CA VAL A 36 -7.54 0.92 -2.09
C VAL A 36 -8.60 2.01 -2.14
N HIS A 37 -9.28 2.21 -1.01
CA HIS A 37 -10.31 3.23 -0.92
C HIS A 37 -9.78 4.50 -0.25
N MET A 38 -9.69 5.58 -1.02
CA MET A 38 -9.19 6.84 -0.52
C MET A 38 -10.28 7.57 0.29
N PRO A 39 -9.85 8.36 1.28
CA PRO A 39 -10.76 9.12 2.14
C PRO A 39 -11.45 10.25 1.38
N SER A 40 -10.77 10.78 0.37
CA SER A 40 -11.31 11.88 -0.42
C SER A 40 -12.48 11.41 -1.28
N GLY A 41 -12.53 10.10 -1.53
CA GLY A 41 -13.60 9.54 -2.33
C GLY A 41 -13.11 8.98 -3.66
N LYS A 42 -11.83 8.62 -3.70
CA LYS A 42 -11.23 8.07 -4.91
C LYS A 42 -10.80 6.62 -4.69
N THR A 43 -10.38 5.96 -5.76
CA THR A 43 -9.94 4.57 -5.69
C THR A 43 -8.60 4.39 -6.40
N ALA A 44 -7.82 3.41 -5.93
CA ALA A 44 -6.52 3.12 -6.52
C ALA A 44 -6.04 1.73 -6.13
N THR A 45 -5.40 1.04 -7.09
CA THR A 45 -4.90 -0.30 -6.84
C THR A 45 -3.48 -0.27 -6.29
N PRO A 46 -3.19 -1.16 -5.33
CA PRO A 46 -1.88 -1.25 -4.70
C PRO A 46 -0.81 -1.78 -5.66
N GLU A 47 0.38 -2.05 -5.13
CA GLU A 47 1.48 -2.56 -5.93
C GLU A 47 1.89 -3.97 -5.47
N ILE A 48 1.50 -4.97 -6.25
CA ILE A 48 1.84 -6.35 -5.92
C ILE A 48 3.15 -6.78 -6.56
N VAL A 49 4.15 -7.05 -5.74
CA VAL A 49 5.46 -7.46 -6.23
C VAL A 49 5.86 -8.81 -5.64
N ASP A 50 6.51 -9.64 -6.45
CA ASP A 50 6.95 -10.96 -6.00
C ASP A 50 8.47 -10.98 -5.82
N ASN A 51 8.90 -10.95 -4.57
CA ASN A 51 10.33 -10.97 -4.25
C ASN A 51 11.00 -12.20 -4.86
N LYS A 52 12.31 -12.11 -5.06
CA LYS A 52 13.07 -13.21 -5.64
C LYS A 52 13.35 -14.29 -4.59
N ASP A 53 12.70 -14.17 -3.44
CA ASP A 53 12.88 -15.13 -2.36
C ASP A 53 11.73 -16.14 -2.34
N GLY A 54 10.53 -15.66 -2.61
CA GLY A 54 9.36 -16.54 -2.62
C GLY A 54 8.20 -15.96 -1.84
N THR A 55 8.11 -14.62 -1.81
CA THR A 55 7.04 -13.95 -1.09
C THR A 55 6.49 -12.78 -1.90
N VAL A 56 5.44 -12.16 -1.38
CA VAL A 56 4.82 -11.02 -2.05
C VAL A 56 4.88 -9.77 -1.19
N THR A 57 5.01 -8.61 -1.83
CA THR A 57 5.07 -7.34 -1.11
C THR A 57 4.11 -6.32 -1.71
N VAL A 58 3.03 -6.05 -0.98
CA VAL A 58 2.02 -5.08 -1.44
C VAL A 58 2.35 -3.67 -0.94
N ARG A 59 2.79 -2.82 -1.86
CA ARG A 59 3.14 -1.45 -1.53
C ARG A 59 2.17 -0.46 -2.18
N TYR A 60 1.95 0.67 -1.54
CA TYR A 60 1.05 1.68 -2.05
C TYR A 60 1.39 3.06 -1.47
N ALA A 61 1.90 3.94 -2.33
CA ALA A 61 2.26 5.29 -1.90
C ALA A 61 1.03 6.19 -1.84
N PRO A 62 0.72 6.67 -0.63
CA PRO A 62 -0.43 7.56 -0.40
C PRO A 62 -0.22 8.94 -1.00
N THR A 63 -1.18 9.37 -1.83
CA THR A 63 -1.10 10.68 -2.47
C THR A 63 -1.76 11.75 -1.61
N GLU A 64 -2.85 11.38 -0.93
CA GLU A 64 -3.55 12.32 -0.07
C GLU A 64 -3.52 11.86 1.38
N VAL A 65 -3.92 12.74 2.29
CA VAL A 65 -3.93 12.44 3.72
C VAL A 65 -5.29 11.90 4.15
N GLY A 66 -5.32 11.23 5.29
CA GLY A 66 -6.55 10.68 5.81
C GLY A 66 -6.47 9.18 6.05
N LEU A 67 -7.62 8.52 6.09
CA LEU A 67 -7.68 7.08 6.32
C LEU A 67 -7.93 6.33 5.02
N HIS A 68 -7.11 5.33 4.74
CA HIS A 68 -7.25 4.53 3.52
C HIS A 68 -7.40 3.05 3.86
N GLU A 69 -8.42 2.43 3.28
CA GLU A 69 -8.68 1.01 3.53
C GLU A 69 -8.40 0.19 2.27
N MET A 70 -7.46 -0.75 2.38
CA MET A 70 -7.09 -1.60 1.26
C MET A 70 -7.90 -2.89 1.27
N HIS A 71 -8.19 -3.43 0.10
CA HIS A 71 -8.95 -4.67 -0.02
C HIS A 71 -8.30 -5.62 -1.03
N ILE A 72 -7.63 -6.65 -0.52
CA ILE A 72 -6.97 -7.63 -1.37
C ILE A 72 -7.67 -8.98 -1.30
N LYS A 73 -7.84 -9.61 -2.46
CA LYS A 73 -8.49 -10.92 -2.52
C LYS A 73 -7.69 -11.87 -3.40
N TYR A 74 -7.55 -13.11 -2.94
CA TYR A 74 -6.81 -14.13 -3.68
C TYR A 74 -7.74 -15.22 -4.20
N MET A 75 -7.68 -15.48 -5.49
CA MET A 75 -8.52 -16.50 -6.11
C MET A 75 -9.97 -16.32 -5.71
N GLY A 76 -10.43 -15.07 -5.68
CA GLY A 76 -11.80 -14.79 -5.31
C GLY A 76 -12.09 -15.09 -3.85
N SER A 77 -11.09 -14.88 -3.00
CA SER A 77 -11.23 -15.14 -1.57
C SER A 77 -10.44 -14.13 -0.75
N HIS A 78 -11.13 -13.42 0.14
CA HIS A 78 -10.50 -12.42 0.99
C HIS A 78 -9.38 -13.05 1.83
N ILE A 79 -8.30 -12.30 2.03
CA ILE A 79 -7.17 -12.78 2.80
C ILE A 79 -7.32 -12.41 4.28
N PRO A 80 -6.68 -13.20 5.16
CA PRO A 80 -6.73 -12.97 6.60
C PRO A 80 -5.95 -11.72 7.02
N GLU A 81 -5.42 -11.01 6.03
CA GLU A 81 -4.64 -9.80 6.29
C GLU A 81 -5.43 -8.56 5.88
N SER A 82 -6.56 -8.78 5.21
CA SER A 82 -7.39 -7.67 4.74
C SER A 82 -8.87 -7.93 5.08
N PRO A 83 -9.67 -6.85 5.07
CA PRO A 83 -9.18 -5.50 4.75
C PRO A 83 -8.27 -4.94 5.85
N LEU A 84 -7.63 -3.82 5.54
CA LEU A 84 -6.73 -3.17 6.50
C LEU A 84 -6.96 -1.67 6.52
N GLN A 85 -6.44 -1.01 7.56
CA GLN A 85 -6.58 0.44 7.70
C GLN A 85 -5.23 1.08 8.03
N PHE A 86 -4.89 2.12 7.28
CA PHE A 86 -3.63 2.83 7.50
C PHE A 86 -3.82 4.34 7.33
N TYR A 87 -3.58 5.08 8.41
CA TYR A 87 -3.72 6.53 8.39
C TYR A 87 -2.46 7.19 7.86
N VAL A 88 -2.64 8.18 6.99
CA VAL A 88 -1.51 8.90 6.40
C VAL A 88 -1.30 10.24 7.10
N ASN A 89 -0.09 10.44 7.64
CA ASN A 89 0.24 11.68 8.33
C ASN A 89 0.81 12.71 7.36
N TYR A 90 0.92 13.95 7.82
CA TYR A 90 1.45 15.02 6.99
C TYR A 90 2.92 15.30 7.31
N PRO A 91 3.72 15.51 6.26
CA PRO A 91 5.15 15.80 6.41
C PRO A 91 5.41 17.16 7.03
N ASN A 92 5.79 17.16 8.30
CA ASN A 92 6.08 18.40 9.02
C ASN A 92 7.33 19.07 8.46
N SER A 93 7.40 20.40 8.60
CA SER A 93 8.54 21.15 8.11
C SER A 93 9.76 20.93 8.98
N GLY A 94 9.55 20.98 10.30
CA GLY A 94 10.65 20.78 11.23
C GLY A 94 10.35 19.69 12.24
N SER A 95 11.35 18.85 12.52
CA SER A 95 11.20 17.75 13.47
C SER A 95 12.37 17.69 14.42
N GLY A 1 2.10 -15.07 11.46
CA GLY A 1 3.21 -15.61 10.71
C GLY A 1 4.32 -14.60 10.49
N SER A 2 5.57 -15.03 10.68
CA SER A 2 6.70 -14.14 10.51
C SER A 2 7.04 -13.97 9.03
N SER A 3 7.98 -13.08 8.74
CA SER A 3 8.40 -12.81 7.37
C SER A 3 9.60 -11.88 7.33
N GLY A 4 10.65 -12.31 6.63
CA GLY A 4 11.85 -11.50 6.53
C GLY A 4 12.36 -11.40 5.11
N SER A 5 13.00 -10.27 4.78
CA SER A 5 13.53 -10.06 3.45
C SER A 5 15.01 -9.69 3.51
N SER A 6 15.66 -9.72 2.36
CA SER A 6 17.09 -9.39 2.27
C SER A 6 17.29 -8.03 1.61
N GLY A 7 17.88 -7.10 2.34
CA GLY A 7 18.13 -5.77 1.81
C GLY A 7 17.25 -4.72 2.45
N VAL A 8 17.21 -3.53 1.84
CA VAL A 8 16.41 -2.44 2.36
C VAL A 8 15.70 -1.70 1.23
N SER A 9 14.50 -1.22 1.51
CA SER A 9 13.72 -0.48 0.51
C SER A 9 14.02 1.00 0.57
N ASP A 10 15.06 1.41 -0.15
CA ASP A 10 15.47 2.82 -0.20
C ASP A 10 14.55 3.62 -1.12
N MET A 11 13.69 4.43 -0.53
CA MET A 11 12.77 5.25 -1.31
C MET A 11 12.06 6.27 -0.42
N ASN A 12 11.75 7.43 -0.99
CA ASN A 12 11.08 8.48 -0.23
C ASN A 12 9.89 9.03 -1.02
N GLY A 13 8.71 8.94 -0.42
CA GLY A 13 7.51 9.44 -1.09
C GLY A 13 7.31 10.92 -0.88
N LEU A 14 6.20 11.44 -1.40
CA LEU A 14 5.88 12.86 -1.27
C LEU A 14 5.34 13.18 0.12
N GLY A 15 6.25 13.34 1.07
CA GLY A 15 5.85 13.65 2.44
C GLY A 15 5.31 12.43 3.16
N PHE A 16 4.36 11.74 2.53
CA PHE A 16 3.76 10.55 3.13
C PHE A 16 4.65 9.34 2.94
N LYS A 17 5.17 8.81 4.04
CA LYS A 17 6.04 7.64 4.01
C LYS A 17 5.35 6.46 3.31
N PRO A 18 6.12 5.69 2.54
CA PRO A 18 5.61 4.53 1.81
C PRO A 18 5.23 3.39 2.74
N PHE A 19 4.09 2.76 2.47
CA PHE A 19 3.61 1.65 3.29
C PHE A 19 3.96 0.31 2.63
N ASP A 20 5.04 -0.31 3.10
CA ASP A 20 5.48 -1.59 2.57
C ASP A 20 4.97 -2.74 3.43
N LEU A 21 4.46 -3.78 2.78
CA LEU A 21 3.94 -4.95 3.50
C LEU A 21 4.23 -6.23 2.73
N VAL A 22 4.57 -7.28 3.46
CA VAL A 22 4.88 -8.57 2.84
C VAL A 22 3.95 -9.66 3.37
N ILE A 23 3.15 -10.22 2.47
CA ILE A 23 2.21 -11.28 2.83
C ILE A 23 2.93 -12.48 3.43
N PRO A 24 2.37 -13.06 4.50
CA PRO A 24 2.94 -14.22 5.17
C PRO A 24 2.86 -15.48 4.33
N PHE A 25 1.68 -15.74 3.76
CA PHE A 25 1.47 -16.91 2.93
C PHE A 25 2.02 -16.69 1.53
N ALA A 26 2.33 -17.79 0.84
CA ALA A 26 2.86 -17.71 -0.52
C ALA A 26 1.75 -17.82 -1.56
N VAL A 27 1.81 -16.95 -2.56
CA VAL A 27 0.80 -16.95 -3.63
C VAL A 27 1.44 -16.70 -4.98
N ARG A 28 0.72 -17.07 -6.04
CA ARG A 28 1.22 -16.89 -7.40
C ARG A 28 0.46 -15.78 -8.11
N LYS A 29 1.19 -14.78 -8.60
CA LYS A 29 0.58 -13.66 -9.30
C LYS A 29 -0.21 -14.13 -10.52
N GLY A 30 -1.52 -14.31 -10.33
CA GLY A 30 -2.36 -14.76 -11.42
C GLY A 30 -3.83 -14.54 -11.15
N GLU A 31 -4.32 -15.11 -10.04
CA GLU A 31 -5.72 -14.96 -9.67
C GLU A 31 -5.86 -14.08 -8.44
N ILE A 32 -4.97 -13.10 -8.31
CA ILE A 32 -5.01 -12.19 -7.18
C ILE A 32 -5.14 -10.75 -7.64
N THR A 33 -5.77 -9.91 -6.81
CA THR A 33 -5.97 -8.51 -7.14
C THR A 33 -6.04 -7.66 -5.88
N GLY A 34 -5.69 -6.38 -6.02
CA GLY A 34 -5.73 -5.48 -4.88
C GLY A 34 -6.33 -4.13 -5.22
N GLU A 35 -6.79 -3.41 -4.21
CA GLU A 35 -7.39 -2.10 -4.41
C GLU A 35 -7.27 -1.23 -3.16
N VAL A 36 -7.32 0.08 -3.33
CA VAL A 36 -7.22 1.01 -2.22
C VAL A 36 -8.35 2.03 -2.24
N HIS A 37 -9.09 2.11 -1.14
CA HIS A 37 -10.20 3.05 -1.04
C HIS A 37 -9.78 4.32 -0.31
N MET A 38 -9.54 5.39 -1.09
CA MET A 38 -9.13 6.66 -0.51
C MET A 38 -10.28 7.32 0.24
N PRO A 39 -9.93 8.10 1.28
CA PRO A 39 -10.92 8.79 2.11
C PRO A 39 -11.62 9.92 1.36
N SER A 40 -10.95 10.45 0.33
CA SER A 40 -11.50 11.54 -0.46
C SER A 40 -12.61 11.03 -1.37
N GLY A 41 -12.66 9.72 -1.58
CA GLY A 41 -13.68 9.14 -2.42
C GLY A 41 -13.11 8.60 -3.72
N LYS A 42 -11.81 8.34 -3.74
CA LYS A 42 -11.15 7.81 -4.94
C LYS A 42 -10.71 6.38 -4.72
N THR A 43 -10.15 5.77 -5.76
CA THR A 43 -9.68 4.39 -5.69
C THR A 43 -8.36 4.22 -6.43
N ALA A 44 -7.53 3.30 -5.94
CA ALA A 44 -6.23 3.04 -6.55
C ALA A 44 -5.75 1.63 -6.23
N THR A 45 -5.09 1.00 -7.19
CA THR A 45 -4.58 -0.35 -7.01
C THR A 45 -3.18 -0.33 -6.41
N PRO A 46 -2.97 -1.17 -5.38
CA PRO A 46 -1.68 -1.27 -4.69
C PRO A 46 -0.61 -1.92 -5.56
N GLU A 47 0.60 -2.02 -5.03
CA GLU A 47 1.71 -2.62 -5.76
C GLU A 47 1.80 -4.13 -5.49
N ILE A 48 2.09 -4.90 -6.52
CA ILE A 48 2.21 -6.35 -6.39
C ILE A 48 3.46 -6.86 -7.08
N VAL A 49 4.50 -7.12 -6.30
CA VAL A 49 5.76 -7.62 -6.84
C VAL A 49 6.16 -8.93 -6.16
N ASP A 50 6.65 -9.88 -6.96
CA ASP A 50 7.07 -11.18 -6.43
C ASP A 50 8.54 -11.14 -6.00
N ASN A 51 8.78 -11.34 -4.71
CA ASN A 51 10.13 -11.33 -4.18
C ASN A 51 10.92 -12.55 -4.66
N LYS A 52 12.21 -12.55 -4.37
CA LYS A 52 13.08 -13.67 -4.77
C LYS A 52 13.04 -14.79 -3.74
N ASP A 53 12.10 -14.69 -2.81
CA ASP A 53 11.96 -15.69 -1.76
C ASP A 53 10.74 -16.56 -2.02
N GLY A 54 9.70 -15.97 -2.62
CA GLY A 54 8.49 -16.71 -2.90
C GLY A 54 7.26 -16.05 -2.31
N THR A 55 7.30 -14.74 -2.16
CA THR A 55 6.19 -13.99 -1.60
C THR A 55 5.93 -12.71 -2.39
N VAL A 56 4.92 -11.95 -1.95
CA VAL A 56 4.58 -10.69 -2.61
C VAL A 56 4.75 -9.50 -1.68
N THR A 57 5.00 -8.33 -2.25
CA THR A 57 5.18 -7.11 -1.47
C THR A 57 4.05 -6.13 -1.71
N VAL A 58 3.11 -6.08 -0.76
CA VAL A 58 1.98 -5.17 -0.87
C VAL A 58 2.35 -3.76 -0.42
N ARG A 59 2.68 -2.90 -1.38
CA ARG A 59 3.06 -1.53 -1.08
C ARG A 59 2.35 -0.56 -2.02
N TYR A 60 2.04 0.63 -1.51
CA TYR A 60 1.35 1.65 -2.30
C TYR A 60 1.75 3.05 -1.84
N ALA A 61 1.75 3.99 -2.77
CA ALA A 61 2.10 5.37 -2.47
C ALA A 61 0.86 6.25 -2.35
N PRO A 62 0.56 6.69 -1.13
CA PRO A 62 -0.61 7.54 -0.85
C PRO A 62 -0.44 8.95 -1.43
N THR A 63 -1.47 9.41 -2.13
CA THR A 63 -1.44 10.74 -2.73
C THR A 63 -2.18 11.75 -1.87
N GLU A 64 -2.95 11.25 -0.90
CA GLU A 64 -3.72 12.10 -0.01
C GLU A 64 -3.67 11.59 1.43
N VAL A 65 -4.13 12.41 2.36
CA VAL A 65 -4.14 12.04 3.77
C VAL A 65 -5.51 11.57 4.21
N GLY A 66 -5.59 10.94 5.37
CA GLY A 66 -6.85 10.45 5.88
C GLY A 66 -6.85 8.96 6.15
N LEU A 67 -8.03 8.39 6.36
CA LEU A 67 -8.15 6.96 6.62
C LEU A 67 -8.31 6.18 5.32
N HIS A 68 -7.27 5.44 4.95
CA HIS A 68 -7.29 4.64 3.73
C HIS A 68 -7.44 3.16 4.04
N GLU A 69 -8.39 2.51 3.38
CA GLU A 69 -8.63 1.09 3.59
C GLU A 69 -8.23 0.27 2.37
N MET A 70 -7.34 -0.70 2.58
CA MET A 70 -6.88 -1.55 1.49
C MET A 70 -7.76 -2.78 1.35
N HIS A 71 -7.90 -3.27 0.12
CA HIS A 71 -8.71 -4.45 -0.15
C HIS A 71 -7.96 -5.44 -1.03
N ILE A 72 -7.61 -6.59 -0.45
CA ILE A 72 -6.89 -7.62 -1.18
C ILE A 72 -7.62 -8.96 -1.11
N LYS A 73 -7.88 -9.54 -2.28
CA LYS A 73 -8.57 -10.82 -2.36
C LYS A 73 -7.76 -11.83 -3.17
N TYR A 74 -7.49 -12.99 -2.59
CA TYR A 74 -6.74 -14.03 -3.27
C TYR A 74 -7.67 -15.09 -3.86
N MET A 75 -7.74 -15.12 -5.19
CA MET A 75 -8.59 -16.08 -5.87
C MET A 75 -10.06 -15.88 -5.51
N GLY A 76 -10.45 -14.62 -5.32
CA GLY A 76 -11.82 -14.31 -4.97
C GLY A 76 -12.11 -14.57 -3.50
N SER A 77 -11.07 -14.53 -2.68
CA SER A 77 -11.23 -14.78 -1.24
C SER A 77 -10.42 -13.75 -0.44
N HIS A 78 -11.12 -13.02 0.43
CA HIS A 78 -10.47 -12.01 1.26
C HIS A 78 -9.51 -12.66 2.26
N ILE A 79 -8.36 -12.03 2.46
CA ILE A 79 -7.36 -12.55 3.38
C ILE A 79 -7.65 -12.09 4.81
N PRO A 80 -7.16 -12.87 5.79
CA PRO A 80 -7.35 -12.56 7.21
C PRO A 80 -6.56 -11.34 7.65
N GLU A 81 -5.88 -10.70 6.70
CA GLU A 81 -5.08 -9.51 6.99
C GLU A 81 -5.71 -8.28 6.36
N SER A 82 -6.66 -8.49 5.47
CA SER A 82 -7.33 -7.40 4.79
C SER A 82 -8.84 -7.66 4.68
N PRO A 83 -9.61 -6.58 4.43
CA PRO A 83 -9.05 -5.23 4.26
C PRO A 83 -8.51 -4.66 5.57
N LEU A 84 -7.52 -3.78 5.45
CA LEU A 84 -6.92 -3.15 6.62
C LEU A 84 -7.07 -1.64 6.57
N GLN A 85 -6.76 -0.98 7.69
CA GLN A 85 -6.86 0.47 7.76
C GLN A 85 -5.53 1.08 8.16
N PHE A 86 -5.13 2.15 7.46
CA PHE A 86 -3.87 2.83 7.75
C PHE A 86 -4.02 4.34 7.57
N TYR A 87 -3.81 5.08 8.66
CA TYR A 87 -3.93 6.52 8.64
C TYR A 87 -2.62 7.16 8.16
N VAL A 88 -2.74 8.24 7.41
CA VAL A 88 -1.58 8.96 6.89
C VAL A 88 -1.58 10.41 7.32
N ASN A 89 -0.50 10.85 7.96
CA ASN A 89 -0.38 12.22 8.43
C ASN A 89 0.28 13.10 7.36
N TYR A 90 0.20 14.41 7.56
CA TYR A 90 0.77 15.37 6.61
C TYR A 90 2.00 16.05 7.21
N PRO A 91 3.02 16.29 6.37
CA PRO A 91 4.25 16.95 6.79
C PRO A 91 4.05 18.42 7.11
N ASN A 92 4.39 18.81 8.34
CA ASN A 92 4.25 20.18 8.78
C ASN A 92 5.57 20.74 9.27
N SER A 93 6.56 20.81 8.36
CA SER A 93 7.87 21.32 8.71
C SER A 93 8.08 22.71 8.10
N GLY A 94 8.76 23.57 8.86
CA GLY A 94 9.02 24.93 8.39
C GLY A 94 9.66 25.79 9.46
N SER A 95 10.98 25.76 9.54
CA SER A 95 11.71 26.55 10.53
C SER A 95 13.22 26.43 10.32
N GLY A 1 11.95 -14.26 4.07
CA GLY A 1 12.80 -13.95 5.21
C GLY A 1 12.86 -12.46 5.49
N SER A 2 13.83 -12.06 6.31
CA SER A 2 13.99 -10.65 6.67
C SER A 2 15.41 -10.18 6.39
N SER A 3 15.52 -9.10 5.62
CA SER A 3 16.81 -8.53 5.28
C SER A 3 16.81 -7.01 5.41
N GLY A 4 17.55 -6.52 6.39
CA GLY A 4 17.62 -5.08 6.61
C GLY A 4 18.48 -4.71 7.80
N SER A 5 19.80 -4.74 7.60
CA SER A 5 20.74 -4.42 8.66
C SER A 5 21.03 -2.92 8.70
N SER A 6 20.73 -2.29 9.82
CA SER A 6 20.95 -0.85 9.98
C SER A 6 20.64 -0.10 8.69
N GLY A 7 19.51 -0.45 8.06
CA GLY A 7 19.11 0.19 6.83
C GLY A 7 17.87 1.03 6.98
N VAL A 8 17.90 1.97 7.94
CA VAL A 8 16.77 2.85 8.19
C VAL A 8 16.89 4.13 7.39
N SER A 9 16.27 4.16 6.22
CA SER A 9 16.31 5.34 5.36
C SER A 9 15.10 6.24 5.61
N ASP A 10 15.33 7.38 6.25
CA ASP A 10 14.26 8.32 6.56
C ASP A 10 14.14 9.36 5.46
N MET A 11 14.02 8.89 4.22
CA MET A 11 13.89 9.79 3.07
C MET A 11 12.52 10.45 3.05
N ASN A 12 12.46 11.68 2.54
CA ASN A 12 11.21 12.42 2.47
C ASN A 12 10.50 12.17 1.14
N GLY A 13 11.26 12.28 0.05
CA GLY A 13 10.69 12.06 -1.27
C GLY A 13 9.67 13.13 -1.65
N LEU A 14 8.63 12.72 -2.37
CA LEU A 14 7.59 13.64 -2.80
C LEU A 14 6.90 14.28 -1.60
N GLY A 15 6.62 13.47 -0.59
CA GLY A 15 5.96 13.97 0.61
C GLY A 15 5.58 12.86 1.57
N PHE A 16 4.43 12.25 1.34
CA PHE A 16 3.95 11.17 2.20
C PHE A 16 4.86 9.95 2.09
N LYS A 17 5.09 9.28 3.22
CA LYS A 17 5.93 8.10 3.26
C LYS A 17 5.21 6.90 2.66
N PRO A 18 5.97 6.01 2.00
CA PRO A 18 5.43 4.80 1.38
C PRO A 18 4.96 3.78 2.42
N PHE A 19 4.17 2.82 1.97
CA PHE A 19 3.65 1.78 2.85
C PHE A 19 3.88 0.39 2.25
N ASP A 20 4.76 -0.37 2.87
CA ASP A 20 5.07 -1.72 2.40
C ASP A 20 4.50 -2.77 3.34
N LEU A 21 3.98 -3.86 2.78
CA LEU A 21 3.40 -4.94 3.57
C LEU A 21 3.80 -6.30 3.01
N VAL A 22 4.20 -7.21 3.90
CA VAL A 22 4.59 -8.55 3.49
C VAL A 22 3.59 -9.59 3.97
N ILE A 23 2.81 -10.13 3.03
CA ILE A 23 1.81 -11.13 3.36
C ILE A 23 2.42 -12.30 4.12
N PRO A 24 1.73 -12.75 5.18
CA PRO A 24 2.20 -13.86 6.01
C PRO A 24 2.15 -15.19 5.28
N PHE A 25 0.99 -15.50 4.69
CA PHE A 25 0.81 -16.75 3.96
C PHE A 25 1.43 -16.65 2.57
N ALA A 26 1.52 -17.80 1.89
CA ALA A 26 2.09 -17.85 0.55
C ALA A 26 1.02 -17.73 -0.51
N VAL A 27 1.42 -17.41 -1.73
CA VAL A 27 0.48 -17.27 -2.84
C VAL A 27 1.20 -17.37 -4.19
N ARG A 28 0.44 -17.66 -5.23
CA ARG A 28 1.01 -17.79 -6.57
C ARG A 28 0.75 -16.52 -7.39
N LYS A 29 1.84 -15.81 -7.72
CA LYS A 29 1.74 -14.58 -8.49
C LYS A 29 1.07 -14.84 -9.84
N GLY A 30 -0.26 -14.89 -9.84
CA GLY A 30 -1.00 -15.13 -11.06
C GLY A 30 -2.46 -14.72 -10.95
N GLU A 31 -3.14 -15.23 -9.94
CA GLU A 31 -4.55 -14.92 -9.72
C GLU A 31 -4.75 -14.15 -8.43
N ILE A 32 -4.52 -12.83 -8.49
CA ILE A 32 -4.67 -11.98 -7.32
C ILE A 32 -4.92 -10.54 -7.73
N THR A 33 -5.67 -9.82 -6.90
CA THR A 33 -5.99 -8.42 -7.18
C THR A 33 -6.07 -7.61 -5.89
N GLY A 34 -5.94 -6.29 -6.02
CA GLY A 34 -6.01 -5.43 -4.85
C GLY A 34 -6.61 -4.07 -5.17
N GLU A 35 -7.22 -3.46 -4.17
CA GLU A 35 -7.84 -2.15 -4.35
C GLU A 35 -7.62 -1.26 -3.12
N VAL A 36 -7.58 0.05 -3.34
CA VAL A 36 -7.37 1.00 -2.26
C VAL A 36 -8.53 1.98 -2.17
N HIS A 37 -9.14 2.07 -0.98
CA HIS A 37 -10.26 2.98 -0.76
C HIS A 37 -9.77 4.29 -0.13
N MET A 38 -9.65 5.33 -0.96
CA MET A 38 -9.20 6.63 -0.50
C MET A 38 -10.19 7.21 0.50
N PRO A 39 -9.69 8.08 1.40
CA PRO A 39 -10.52 8.72 2.42
C PRO A 39 -11.49 9.75 1.83
N SER A 40 -11.05 10.41 0.77
CA SER A 40 -11.87 11.42 0.10
C SER A 40 -12.95 10.76 -0.75
N GLY A 41 -12.84 9.45 -0.93
CA GLY A 41 -13.81 8.72 -1.72
C GLY A 41 -13.22 8.17 -3.01
N LYS A 42 -11.98 8.58 -3.30
CA LYS A 42 -11.30 8.12 -4.51
C LYS A 42 -10.86 6.67 -4.37
N THR A 43 -10.15 6.18 -5.38
CA THR A 43 -9.66 4.81 -5.38
C THR A 43 -8.36 4.67 -6.15
N ALA A 44 -7.59 3.63 -5.84
CA ALA A 44 -6.32 3.39 -6.51
C ALA A 44 -5.89 1.94 -6.37
N THR A 45 -5.02 1.49 -7.27
CA THR A 45 -4.53 0.12 -7.24
C THR A 45 -3.14 0.04 -6.61
N PRO A 46 -2.97 -0.87 -5.64
CA PRO A 46 -1.70 -1.06 -4.95
C PRO A 46 -0.63 -1.67 -5.85
N GLU A 47 0.57 -1.87 -5.30
CA GLU A 47 1.67 -2.44 -6.06
C GLU A 47 1.95 -3.87 -5.59
N ILE A 48 1.64 -4.84 -6.45
CA ILE A 48 1.86 -6.24 -6.13
C ILE A 48 3.13 -6.76 -6.79
N VAL A 49 4.16 -7.00 -5.98
CA VAL A 49 5.43 -7.50 -6.48
C VAL A 49 5.82 -8.81 -5.81
N ASP A 50 6.40 -9.71 -6.58
CA ASP A 50 6.81 -11.01 -6.06
C ASP A 50 8.32 -11.05 -5.81
N ASN A 51 8.69 -11.18 -4.54
CA ASN A 51 10.10 -11.22 -4.17
C ASN A 51 10.83 -12.33 -4.91
N LYS A 52 12.16 -12.25 -4.92
CA LYS A 52 12.98 -13.26 -5.60
C LYS A 52 13.28 -14.44 -4.68
N ASP A 53 12.46 -14.59 -3.64
CA ASP A 53 12.63 -15.67 -2.68
C ASP A 53 11.42 -16.61 -2.69
N GLY A 54 10.23 -16.03 -2.62
CA GLY A 54 9.01 -16.82 -2.63
C GLY A 54 7.89 -16.16 -1.86
N THR A 55 7.81 -14.85 -1.94
CA THR A 55 6.77 -14.09 -1.24
C THR A 55 6.30 -12.90 -2.07
N VAL A 56 5.40 -12.11 -1.51
CA VAL A 56 4.87 -10.93 -2.19
C VAL A 56 5.02 -9.68 -1.33
N THR A 57 5.02 -8.52 -1.98
CA THR A 57 5.15 -7.26 -1.27
C THR A 57 4.18 -6.22 -1.81
N VAL A 58 3.15 -5.91 -1.03
CA VAL A 58 2.15 -4.93 -1.43
C VAL A 58 2.54 -3.53 -0.99
N ARG A 59 2.88 -2.68 -1.95
CA ARG A 59 3.28 -1.31 -1.65
C ARG A 59 2.30 -0.32 -2.28
N TYR A 60 2.06 0.78 -1.59
CA TYR A 60 1.14 1.81 -2.07
C TYR A 60 1.45 3.16 -1.44
N ALA A 61 1.99 4.08 -2.23
CA ALA A 61 2.33 5.41 -1.75
C ALA A 61 1.10 6.30 -1.70
N PRO A 62 0.79 6.82 -0.50
CA PRO A 62 -0.37 7.70 -0.30
C PRO A 62 -0.18 9.06 -0.95
N THR A 63 -1.17 9.49 -1.72
CA THR A 63 -1.11 10.78 -2.40
C THR A 63 -1.95 11.82 -1.67
N GLU A 64 -2.89 11.36 -0.85
CA GLU A 64 -3.75 12.25 -0.10
C GLU A 64 -3.72 11.91 1.39
N VAL A 65 -4.30 12.79 2.21
CA VAL A 65 -4.35 12.57 3.65
C VAL A 65 -5.65 11.91 4.06
N GLY A 66 -5.66 11.32 5.26
CA GLY A 66 -6.85 10.66 5.76
C GLY A 66 -6.63 9.18 5.99
N LEU A 67 -7.73 8.43 6.05
CA LEU A 67 -7.66 6.99 6.27
C LEU A 67 -7.92 6.23 4.98
N HIS A 68 -7.04 5.28 4.66
CA HIS A 68 -7.19 4.47 3.46
C HIS A 68 -7.41 3.00 3.80
N GLU A 69 -8.39 2.39 3.16
CA GLU A 69 -8.71 0.98 3.40
C GLU A 69 -8.38 0.14 2.17
N MET A 70 -7.45 -0.81 2.34
CA MET A 70 -7.06 -1.69 1.25
C MET A 70 -7.92 -2.95 1.22
N HIS A 71 -8.14 -3.47 0.02
CA HIS A 71 -8.96 -4.68 -0.15
C HIS A 71 -8.27 -5.66 -1.10
N ILE A 72 -7.65 -6.70 -0.53
CA ILE A 72 -6.97 -7.70 -1.33
C ILE A 72 -7.70 -9.03 -1.27
N LYS A 73 -7.89 -9.66 -2.43
CA LYS A 73 -8.56 -10.95 -2.51
C LYS A 73 -7.79 -11.92 -3.40
N TYR A 74 -7.45 -13.07 -2.84
CA TYR A 74 -6.71 -14.08 -3.58
C TYR A 74 -7.65 -15.07 -4.25
N MET A 75 -7.71 -15.02 -5.58
CA MET A 75 -8.57 -15.91 -6.34
C MET A 75 -10.03 -15.76 -5.91
N GLY A 76 -10.41 -14.53 -5.55
CA GLY A 76 -11.78 -14.27 -5.12
C GLY A 76 -12.00 -14.62 -3.66
N SER A 77 -10.91 -14.76 -2.92
CA SER A 77 -10.99 -15.09 -1.50
C SER A 77 -10.32 -14.02 -0.65
N HIS A 78 -11.03 -13.52 0.35
CA HIS A 78 -10.51 -12.49 1.24
C HIS A 78 -9.47 -13.08 2.19
N ILE A 79 -8.36 -12.35 2.37
CA ILE A 79 -7.29 -12.80 3.24
C ILE A 79 -7.50 -12.30 4.67
N PRO A 80 -6.89 -12.99 5.65
CA PRO A 80 -6.99 -12.63 7.05
C PRO A 80 -6.26 -11.34 7.38
N GLU A 81 -5.59 -10.78 6.37
CA GLU A 81 -4.85 -9.54 6.56
C GLU A 81 -5.62 -8.34 6.00
N SER A 82 -6.63 -8.64 5.18
CA SER A 82 -7.45 -7.59 4.58
C SER A 82 -8.93 -7.92 4.71
N PRO A 83 -9.78 -6.90 4.55
CA PRO A 83 -9.33 -5.53 4.27
C PRO A 83 -8.63 -4.90 5.47
N LEU A 84 -7.69 -4.00 5.19
CA LEU A 84 -6.94 -3.32 6.24
C LEU A 84 -7.07 -1.81 6.11
N GLN A 85 -6.69 -1.09 7.17
CA GLN A 85 -6.75 0.37 7.16
C GLN A 85 -5.46 0.98 7.66
N PHE A 86 -5.04 2.07 7.03
CA PHE A 86 -3.81 2.75 7.42
C PHE A 86 -3.95 4.26 7.28
N TYR A 87 -3.57 4.98 8.33
CA TYR A 87 -3.66 6.44 8.33
C TYR A 87 -2.39 7.06 7.77
N VAL A 88 -2.57 8.07 6.92
CA VAL A 88 -1.43 8.77 6.31
C VAL A 88 -1.20 10.13 6.96
N ASN A 89 -0.07 10.28 7.64
CA ASN A 89 0.27 11.53 8.30
C ASN A 89 1.02 12.46 7.35
N TYR A 90 0.71 13.75 7.43
CA TYR A 90 1.36 14.74 6.58
C TYR A 90 2.86 14.81 6.87
N PRO A 91 3.66 14.91 5.80
CA PRO A 91 5.12 14.98 5.91
C PRO A 91 5.59 16.31 6.49
N ASN A 92 6.34 16.24 7.58
CA ASN A 92 6.85 17.44 8.25
C ASN A 92 7.26 18.48 7.21
N SER A 93 7.03 19.75 7.56
CA SER A 93 7.36 20.85 6.65
C SER A 93 8.06 21.98 7.42
N GLY A 94 9.11 22.52 6.83
CA GLY A 94 9.84 23.60 7.47
C GLY A 94 10.97 23.10 8.33
N SER A 95 11.80 24.03 8.81
CA SER A 95 12.95 23.67 9.65
C SER A 95 12.51 22.77 10.80
N GLY A 1 22.07 11.51 23.14
CA GLY A 1 23.07 11.79 22.13
C GLY A 1 22.88 13.15 21.49
N SER A 2 23.98 13.88 21.32
CA SER A 2 23.94 15.21 20.73
C SER A 2 25.30 15.60 20.15
N SER A 3 25.27 16.37 19.07
CA SER A 3 26.51 16.81 18.42
C SER A 3 26.34 18.19 17.80
N GLY A 4 27.44 18.77 17.36
CA GLY A 4 27.38 20.09 16.74
C GLY A 4 26.71 20.07 15.39
N SER A 5 27.13 20.97 14.51
CA SER A 5 26.55 21.06 13.17
C SER A 5 26.50 19.68 12.51
N SER A 6 25.48 19.48 11.66
CA SER A 6 25.32 18.20 10.97
C SER A 6 25.00 18.43 9.50
N GLY A 7 25.80 17.81 8.62
CA GLY A 7 25.58 17.96 7.19
C GLY A 7 25.19 16.65 6.53
N VAL A 8 25.45 16.54 5.23
CA VAL A 8 25.13 15.34 4.48
C VAL A 8 23.90 14.65 5.07
N SER A 9 22.91 15.45 5.48
CA SER A 9 21.69 14.91 6.06
C SER A 9 20.61 14.77 5.00
N ASP A 10 20.50 13.58 4.42
CA ASP A 10 19.50 13.32 3.39
C ASP A 10 18.51 12.26 3.85
N MET A 11 17.23 12.56 3.69
CA MET A 11 16.17 11.63 4.10
C MET A 11 15.41 11.11 2.90
N ASN A 12 15.05 9.83 2.93
CA ASN A 12 14.31 9.21 1.83
C ASN A 12 12.83 9.53 1.92
N GLY A 13 12.15 9.52 0.77
CA GLY A 13 10.73 9.81 0.75
C GLY A 13 10.45 11.30 0.63
N LEU A 14 10.48 11.80 -0.60
CA LEU A 14 10.23 13.21 -0.86
C LEU A 14 9.01 13.70 -0.07
N GLY A 15 7.94 12.90 -0.09
CA GLY A 15 6.74 13.28 0.63
C GLY A 15 6.29 12.19 1.59
N PHE A 16 4.98 11.94 1.63
CA PHE A 16 4.42 10.92 2.51
C PHE A 16 5.28 9.66 2.49
N LYS A 17 5.47 9.07 3.67
CA LYS A 17 6.27 7.86 3.79
C LYS A 17 5.56 6.67 3.16
N PRO A 18 6.32 5.81 2.47
CA PRO A 18 5.77 4.61 1.82
C PRO A 18 5.31 3.56 2.82
N PHE A 19 4.39 2.70 2.38
CA PHE A 19 3.86 1.65 3.23
C PHE A 19 4.09 0.28 2.61
N ASP A 20 5.11 -0.43 3.09
CA ASP A 20 5.43 -1.76 2.58
C ASP A 20 4.83 -2.84 3.46
N LEU A 21 4.30 -3.88 2.83
CA LEU A 21 3.68 -4.99 3.56
C LEU A 21 3.93 -6.31 2.85
N VAL A 22 4.08 -7.38 3.64
CA VAL A 22 4.33 -8.70 3.08
C VAL A 22 3.25 -9.69 3.53
N ILE A 23 2.76 -10.48 2.58
CA ILE A 23 1.73 -11.46 2.87
C ILE A 23 2.28 -12.62 3.70
N PRO A 24 1.53 -13.02 4.73
CA PRO A 24 1.92 -14.12 5.62
C PRO A 24 1.87 -15.47 4.93
N PHE A 25 0.75 -15.77 4.28
CA PHE A 25 0.58 -17.03 3.57
C PHE A 25 1.39 -17.04 2.28
N ALA A 26 1.64 -18.24 1.76
CA ALA A 26 2.39 -18.39 0.52
C ALA A 26 1.56 -17.96 -0.68
N VAL A 27 2.20 -17.25 -1.61
CA VAL A 27 1.53 -16.77 -2.81
C VAL A 27 2.51 -16.11 -3.77
N ARG A 28 2.13 -16.03 -5.04
CA ARG A 28 2.97 -15.42 -6.06
C ARG A 28 2.17 -14.45 -6.93
N LYS A 29 1.35 -15.01 -7.81
CA LYS A 29 0.52 -14.20 -8.71
C LYS A 29 -0.43 -15.09 -9.51
N GLY A 30 -1.44 -14.46 -10.11
CA GLY A 30 -2.41 -15.20 -10.89
C GLY A 30 -3.83 -14.73 -10.65
N GLU A 31 -4.48 -15.30 -9.64
CA GLU A 31 -5.85 -14.94 -9.31
C GLU A 31 -5.89 -14.00 -8.10
N ILE A 32 -4.86 -13.18 -7.98
CA ILE A 32 -4.78 -12.23 -6.86
C ILE A 32 -4.95 -10.79 -7.35
N THR A 33 -5.58 -9.96 -6.53
CA THR A 33 -5.81 -8.56 -6.88
C THR A 33 -5.81 -7.69 -5.63
N GLY A 34 -5.96 -6.38 -5.85
CA GLY A 34 -5.98 -5.45 -4.73
C GLY A 34 -6.65 -4.13 -5.08
N GLU A 35 -7.13 -3.42 -4.07
CA GLU A 35 -7.79 -2.14 -4.28
C GLU A 35 -7.56 -1.20 -3.10
N VAL A 36 -7.66 0.10 -3.36
CA VAL A 36 -7.46 1.11 -2.31
C VAL A 36 -8.58 2.13 -2.32
N HIS A 37 -9.27 2.26 -1.18
CA HIS A 37 -10.36 3.20 -1.05
C HIS A 37 -9.89 4.49 -0.38
N MET A 38 -9.56 5.50 -1.19
CA MET A 38 -9.10 6.77 -0.67
C MET A 38 -10.17 7.44 0.18
N PRO A 39 -9.74 8.25 1.16
CA PRO A 39 -10.65 8.96 2.06
C PRO A 39 -11.43 10.06 1.35
N SER A 40 -10.83 10.63 0.31
CA SER A 40 -11.47 11.70 -0.45
C SER A 40 -12.66 11.16 -1.26
N GLY A 41 -12.65 9.86 -1.51
CA GLY A 41 -13.71 9.24 -2.27
C GLY A 41 -13.25 8.71 -3.61
N LYS A 42 -11.96 8.45 -3.72
CA LYS A 42 -11.39 7.95 -4.97
C LYS A 42 -11.03 6.47 -4.85
N THR A 43 -10.42 5.92 -5.89
CA THR A 43 -10.03 4.52 -5.90
C THR A 43 -8.71 4.32 -6.64
N ALA A 44 -7.93 3.34 -6.19
CA ALA A 44 -6.64 3.04 -6.82
C ALA A 44 -6.16 1.65 -6.44
N THR A 45 -5.51 0.98 -7.40
CA THR A 45 -5.00 -0.37 -7.17
C THR A 45 -3.62 -0.33 -6.51
N PRO A 46 -3.45 -1.17 -5.48
CA PRO A 46 -2.18 -1.25 -4.75
C PRO A 46 -1.07 -1.88 -5.58
N GLU A 47 0.17 -1.73 -5.10
CA GLU A 47 1.32 -2.27 -5.80
C GLU A 47 1.57 -3.73 -5.42
N ILE A 48 1.94 -4.55 -6.39
CA ILE A 48 2.21 -5.96 -6.15
C ILE A 48 3.52 -6.39 -6.78
N VAL A 49 4.47 -6.80 -5.93
CA VAL A 49 5.78 -7.24 -6.40
C VAL A 49 6.08 -8.66 -5.93
N ASP A 50 6.69 -9.45 -6.81
CA ASP A 50 7.04 -10.83 -6.47
C ASP A 50 8.54 -10.96 -6.21
N ASN A 51 8.90 -10.96 -4.93
CA ASN A 51 10.30 -11.07 -4.55
C ASN A 51 10.94 -12.32 -5.14
N LYS A 52 12.26 -12.35 -5.19
CA LYS A 52 12.99 -13.48 -5.74
C LYS A 52 13.19 -14.57 -4.69
N ASP A 53 12.23 -14.67 -3.77
CA ASP A 53 12.30 -15.67 -2.71
C ASP A 53 11.04 -16.53 -2.70
N GLY A 54 9.95 -15.99 -3.21
CA GLY A 54 8.70 -16.72 -3.26
C GLY A 54 7.60 -16.05 -2.46
N THR A 55 7.77 -14.76 -2.20
CA THR A 55 6.78 -14.00 -1.45
C THR A 55 6.32 -12.77 -2.21
N VAL A 56 5.40 -12.02 -1.62
CA VAL A 56 4.88 -10.81 -2.25
C VAL A 56 5.03 -9.60 -1.33
N THR A 57 5.04 -8.41 -1.92
CA THR A 57 5.17 -7.18 -1.16
C THR A 57 4.12 -6.16 -1.57
N VAL A 58 3.08 -6.03 -0.75
CA VAL A 58 1.99 -5.08 -1.02
C VAL A 58 2.36 -3.69 -0.54
N ARG A 59 2.53 -2.77 -1.49
CA ARG A 59 2.89 -1.39 -1.17
C ARG A 59 1.91 -0.41 -1.83
N TYR A 60 1.79 0.77 -1.24
CA TYR A 60 0.89 1.78 -1.76
C TYR A 60 1.32 3.18 -1.32
N ALA A 61 1.74 3.99 -2.28
CA ALA A 61 2.18 5.35 -1.98
C ALA A 61 0.99 6.30 -1.84
N PRO A 62 0.78 6.80 -0.61
CA PRO A 62 -0.32 7.71 -0.32
C PRO A 62 -0.12 9.09 -0.94
N THR A 63 -1.11 9.54 -1.70
CA THR A 63 -1.05 10.84 -2.36
C THR A 63 -1.70 11.92 -1.51
N GLU A 64 -2.80 11.57 -0.87
CA GLU A 64 -3.53 12.52 -0.02
C GLU A 64 -3.53 12.05 1.44
N VAL A 65 -3.93 12.95 2.34
CA VAL A 65 -3.97 12.63 3.75
C VAL A 65 -5.36 12.14 4.16
N GLY A 66 -5.40 11.26 5.15
CA GLY A 66 -6.67 10.73 5.62
C GLY A 66 -6.61 9.25 5.90
N LEU A 67 -7.77 8.60 5.90
CA LEU A 67 -7.86 7.16 6.16
C LEU A 67 -8.02 6.38 4.86
N HIS A 68 -7.06 5.48 4.60
CA HIS A 68 -7.10 4.68 3.38
C HIS A 68 -7.33 3.20 3.72
N GLU A 69 -8.32 2.59 3.07
CA GLU A 69 -8.64 1.19 3.32
C GLU A 69 -8.30 0.34 2.09
N MET A 70 -7.41 -0.62 2.27
CA MET A 70 -7.00 -1.50 1.19
C MET A 70 -7.78 -2.81 1.23
N HIS A 71 -8.05 -3.37 0.04
CA HIS A 71 -8.79 -4.62 -0.05
C HIS A 71 -8.14 -5.56 -1.06
N ILE A 72 -7.65 -6.69 -0.59
CA ILE A 72 -7.00 -7.67 -1.45
C ILE A 72 -7.65 -9.04 -1.31
N LYS A 73 -7.80 -9.74 -2.44
CA LYS A 73 -8.41 -11.06 -2.45
C LYS A 73 -7.58 -12.03 -3.28
N TYR A 74 -7.44 -13.26 -2.79
CA TYR A 74 -6.68 -14.28 -3.50
C TYR A 74 -7.58 -15.42 -3.95
N MET A 75 -7.53 -15.72 -5.25
CA MET A 75 -8.34 -16.79 -5.81
C MET A 75 -9.82 -16.60 -5.45
N GLY A 76 -10.27 -15.35 -5.46
CA GLY A 76 -11.65 -15.06 -5.14
C GLY A 76 -11.97 -15.29 -3.67
N SER A 77 -10.98 -15.05 -2.82
CA SER A 77 -11.16 -15.25 -1.38
C SER A 77 -10.36 -14.21 -0.59
N HIS A 78 -11.06 -13.47 0.26
CA HIS A 78 -10.42 -12.44 1.08
C HIS A 78 -9.30 -13.05 1.93
N ILE A 79 -8.26 -12.26 2.17
CA ILE A 79 -7.12 -12.71 2.96
C ILE A 79 -7.27 -12.29 4.41
N PRO A 80 -6.61 -13.03 5.32
CA PRO A 80 -6.64 -12.75 6.75
C PRO A 80 -5.89 -11.47 7.12
N GLU A 81 -5.38 -10.79 6.10
CA GLU A 81 -4.63 -9.55 6.31
C GLU A 81 -5.46 -8.34 5.88
N SER A 82 -6.52 -8.59 5.12
CA SER A 82 -7.38 -7.52 4.64
C SER A 82 -8.85 -7.84 4.93
N PRO A 83 -9.70 -6.79 4.91
CA PRO A 83 -9.25 -5.43 4.61
C PRO A 83 -8.40 -4.84 5.72
N LEU A 84 -7.79 -3.69 5.45
CA LEU A 84 -6.95 -3.01 6.44
C LEU A 84 -7.18 -1.51 6.41
N GLN A 85 -6.73 -0.83 7.47
CA GLN A 85 -6.89 0.61 7.56
C GLN A 85 -5.58 1.28 8.00
N PHE A 86 -5.16 2.29 7.24
CA PHE A 86 -3.93 3.00 7.55
C PHE A 86 -4.09 4.50 7.31
N TYR A 87 -3.94 5.28 8.37
CA TYR A 87 -4.08 6.73 8.28
C TYR A 87 -2.78 7.37 7.81
N VAL A 88 -2.90 8.41 6.99
CA VAL A 88 -1.74 9.12 6.47
C VAL A 88 -1.51 10.43 7.20
N ASN A 89 -0.44 10.49 7.98
CA ASN A 89 -0.12 11.69 8.75
C ASN A 89 0.97 12.51 8.03
N TYR A 90 0.74 13.81 7.92
CA TYR A 90 1.69 14.70 7.27
C TYR A 90 2.96 14.84 8.10
N PRO A 91 4.12 14.86 7.41
CA PRO A 91 5.42 15.00 8.06
C PRO A 91 5.64 16.38 8.66
N ASN A 92 5.91 16.43 9.95
CA ASN A 92 6.14 17.70 10.64
C ASN A 92 7.40 18.38 10.13
N SER A 93 8.50 17.65 10.14
CA SER A 93 9.78 18.18 9.67
C SER A 93 10.20 19.39 10.50
N GLY A 94 10.00 19.29 11.81
CA GLY A 94 10.36 20.39 12.70
C GLY A 94 9.28 21.46 12.77
N SER A 95 9.01 22.09 11.63
CA SER A 95 7.99 23.14 11.57
C SER A 95 6.64 22.56 11.19
N GLY A 1 15.50 -7.94 7.17
CA GLY A 1 14.75 -7.43 8.31
C GLY A 1 15.02 -5.96 8.56
N SER A 2 14.67 -5.11 7.59
CA SER A 2 14.88 -3.68 7.71
C SER A 2 13.56 -2.96 7.93
N SER A 3 13.63 -1.64 8.13
CA SER A 3 12.43 -0.84 8.36
C SER A 3 12.05 -0.09 7.09
N GLY A 4 13.02 0.57 6.47
CA GLY A 4 12.76 1.31 5.25
C GLY A 4 12.69 0.42 4.03
N SER A 5 13.76 0.43 3.23
CA SER A 5 13.81 -0.38 2.02
C SER A 5 12.56 -0.17 1.17
N SER A 6 12.14 1.09 1.06
CA SER A 6 10.95 1.43 0.27
C SER A 6 11.21 1.19 -1.22
N GLY A 7 12.33 1.69 -1.71
CA GLY A 7 12.66 1.53 -3.11
C GLY A 7 13.18 2.80 -3.74
N VAL A 8 12.73 3.08 -4.96
CA VAL A 8 13.14 4.28 -5.68
C VAL A 8 12.74 5.54 -4.92
N SER A 9 13.73 6.38 -4.62
CA SER A 9 13.48 7.63 -3.90
C SER A 9 14.04 8.83 -4.67
N ASP A 10 13.14 9.61 -5.26
CA ASP A 10 13.54 10.79 -6.02
C ASP A 10 13.33 12.06 -5.21
N MET A 11 14.41 12.80 -5.00
CA MET A 11 14.35 14.04 -4.24
C MET A 11 13.79 13.79 -2.83
N ASN A 12 14.23 12.70 -2.22
CA ASN A 12 13.78 12.35 -0.88
C ASN A 12 12.25 12.17 -0.85
N GLY A 13 11.72 11.52 -1.88
CA GLY A 13 10.29 11.30 -1.95
C GLY A 13 9.51 12.57 -2.24
N LEU A 14 8.32 12.43 -2.81
CA LEU A 14 7.49 13.58 -3.13
C LEU A 14 6.93 14.21 -1.86
N GLY A 15 6.48 13.37 -0.93
CA GLY A 15 5.93 13.87 0.31
C GLY A 15 5.61 12.76 1.29
N PHE A 16 4.37 12.29 1.29
CA PHE A 16 3.95 11.22 2.19
C PHE A 16 4.81 9.98 2.00
N LYS A 17 5.30 9.43 3.11
CA LYS A 17 6.14 8.23 3.07
C LYS A 17 5.39 7.07 2.43
N PRO A 18 6.14 6.15 1.82
CA PRO A 18 5.57 4.96 1.16
C PRO A 18 5.00 3.96 2.15
N PHE A 19 4.51 2.84 1.64
CA PHE A 19 3.93 1.80 2.50
C PHE A 19 4.22 0.42 1.93
N ASP A 20 5.04 -0.35 2.66
CA ASP A 20 5.40 -1.70 2.23
C ASP A 20 4.75 -2.74 3.14
N LEU A 21 4.15 -3.75 2.52
CA LEU A 21 3.49 -4.82 3.27
C LEU A 21 3.79 -6.19 2.66
N VAL A 22 4.21 -7.12 3.51
CA VAL A 22 4.54 -8.47 3.05
C VAL A 22 3.57 -9.49 3.64
N ILE A 23 2.84 -10.17 2.75
CA ILE A 23 1.88 -11.18 3.18
C ILE A 23 2.56 -12.29 3.98
N PRO A 24 1.91 -12.73 5.06
CA PRO A 24 2.42 -13.80 5.92
C PRO A 24 2.41 -15.15 5.24
N PHE A 25 1.26 -15.51 4.68
CA PHE A 25 1.11 -16.80 3.98
C PHE A 25 1.60 -16.70 2.55
N ALA A 26 1.77 -17.85 1.91
CA ALA A 26 2.23 -17.90 0.52
C ALA A 26 1.05 -17.89 -0.45
N VAL A 27 1.28 -17.34 -1.64
CA VAL A 27 0.24 -17.26 -2.66
C VAL A 27 0.84 -17.33 -4.06
N ARG A 28 0.01 -17.66 -5.04
CA ARG A 28 0.45 -17.76 -6.42
C ARG A 28 -0.13 -16.62 -7.26
N LYS A 29 0.75 -15.79 -7.80
CA LYS A 29 0.32 -14.66 -8.63
C LYS A 29 -0.53 -15.14 -9.80
N GLY A 30 -1.54 -14.35 -10.15
CA GLY A 30 -2.41 -14.70 -11.26
C GLY A 30 -3.88 -14.47 -10.94
N GLU A 31 -4.43 -15.29 -10.05
CA GLU A 31 -5.83 -15.15 -9.67
C GLU A 31 -5.98 -14.26 -8.44
N ILE A 32 -5.11 -13.27 -8.33
CA ILE A 32 -5.13 -12.34 -7.21
C ILE A 32 -5.31 -10.90 -7.67
N THR A 33 -5.94 -10.08 -6.85
CA THR A 33 -6.17 -8.69 -7.18
C THR A 33 -6.12 -7.81 -5.93
N GLY A 34 -5.90 -6.51 -6.14
CA GLY A 34 -5.83 -5.58 -5.02
C GLY A 34 -6.43 -4.23 -5.35
N GLU A 35 -7.00 -3.57 -4.35
CA GLU A 35 -7.61 -2.26 -4.54
C GLU A 35 -7.45 -1.40 -3.30
N VAL A 36 -7.55 -0.08 -3.47
CA VAL A 36 -7.41 0.85 -2.37
C VAL A 36 -8.49 1.92 -2.42
N HIS A 37 -9.22 2.08 -1.32
CA HIS A 37 -10.30 3.07 -1.24
C HIS A 37 -9.83 4.30 -0.47
N MET A 38 -9.45 5.34 -1.21
CA MET A 38 -8.99 6.58 -0.60
C MET A 38 -10.11 7.27 0.16
N PRO A 39 -9.75 7.98 1.24
CA PRO A 39 -10.73 8.70 2.08
C PRO A 39 -11.33 9.91 1.36
N SER A 40 -10.57 10.46 0.41
CA SER A 40 -11.04 11.62 -0.35
C SER A 40 -12.20 11.25 -1.26
N GLY A 41 -12.30 9.96 -1.58
CA GLY A 41 -13.36 9.50 -2.45
C GLY A 41 -12.85 8.98 -3.77
N LYS A 42 -11.59 8.58 -3.81
CA LYS A 42 -10.97 8.08 -5.03
C LYS A 42 -10.55 6.62 -4.86
N THR A 43 -10.10 6.01 -5.95
CA THR A 43 -9.67 4.61 -5.93
C THR A 43 -8.30 4.45 -6.58
N ALA A 44 -7.56 3.44 -6.15
CA ALA A 44 -6.24 3.17 -6.70
C ALA A 44 -5.79 1.75 -6.38
N THR A 45 -5.13 1.11 -7.33
CA THR A 45 -4.65 -0.26 -7.15
C THR A 45 -3.22 -0.27 -6.63
N PRO A 46 -2.94 -1.17 -5.69
CA PRO A 46 -1.61 -1.31 -5.08
C PRO A 46 -0.59 -1.87 -6.06
N GLU A 47 0.65 -2.05 -5.59
CA GLU A 47 1.71 -2.58 -6.42
C GLU A 47 2.09 -4.00 -6.00
N ILE A 48 1.66 -4.98 -6.78
CA ILE A 48 1.96 -6.38 -6.49
C ILE A 48 3.29 -6.79 -7.09
N VAL A 49 4.30 -6.92 -6.23
CA VAL A 49 5.63 -7.33 -6.68
C VAL A 49 6.03 -8.66 -6.07
N ASP A 50 6.89 -9.39 -6.76
CA ASP A 50 7.36 -10.69 -6.30
C ASP A 50 8.80 -10.60 -5.80
N ASN A 51 8.99 -10.79 -4.50
CA ASN A 51 10.32 -10.73 -3.91
C ASN A 51 11.27 -11.71 -4.59
N LYS A 52 12.53 -11.71 -4.16
CA LYS A 52 13.53 -12.60 -4.73
C LYS A 52 13.72 -13.83 -3.85
N ASP A 53 12.66 -14.20 -3.13
CA ASP A 53 12.71 -15.37 -2.26
C ASP A 53 11.56 -16.33 -2.56
N GLY A 54 10.39 -15.76 -2.83
CA GLY A 54 9.22 -16.57 -3.14
C GLY A 54 7.97 -16.06 -2.47
N THR A 55 7.85 -14.74 -2.39
CA THR A 55 6.67 -14.12 -1.78
C THR A 55 6.29 -12.83 -2.50
N VAL A 56 5.19 -12.22 -2.07
CA VAL A 56 4.72 -10.98 -2.68
C VAL A 56 4.84 -9.81 -1.71
N THR A 57 4.85 -8.60 -2.26
CA THR A 57 4.96 -7.39 -1.44
C THR A 57 4.06 -6.29 -1.96
N VAL A 58 2.99 -5.99 -1.22
CA VAL A 58 2.04 -4.95 -1.61
C VAL A 58 2.61 -3.57 -1.31
N ARG A 59 3.20 -2.94 -2.32
CA ARG A 59 3.78 -1.62 -2.17
C ARG A 59 2.86 -0.55 -2.78
N TYR A 60 2.49 0.44 -1.97
CA TYR A 60 1.62 1.51 -2.43
C TYR A 60 1.91 2.80 -1.68
N ALA A 61 1.89 3.92 -2.40
CA ALA A 61 2.15 5.22 -1.81
C ALA A 61 0.86 6.03 -1.67
N PRO A 62 0.69 6.65 -0.50
CA PRO A 62 -0.50 7.45 -0.20
C PRO A 62 -0.53 8.75 -1.00
N THR A 63 -1.69 9.08 -1.56
CA THR A 63 -1.85 10.29 -2.35
C THR A 63 -2.42 11.43 -1.50
N GLU A 64 -3.27 11.08 -0.54
CA GLU A 64 -3.87 12.07 0.33
C GLU A 64 -3.84 11.60 1.79
N VAL A 65 -4.23 12.49 2.70
CA VAL A 65 -4.25 12.18 4.12
C VAL A 65 -5.61 11.64 4.55
N GLY A 66 -5.63 10.98 5.70
CA GLY A 66 -6.88 10.43 6.21
C GLY A 66 -6.81 8.93 6.44
N LEU A 67 -7.96 8.29 6.53
CA LEU A 67 -8.02 6.86 6.75
C LEU A 67 -8.30 6.11 5.45
N HIS A 68 -7.29 5.42 4.93
CA HIS A 68 -7.42 4.68 3.70
C HIS A 68 -7.70 3.20 3.98
N GLU A 69 -8.63 2.63 3.23
CA GLU A 69 -8.99 1.22 3.41
C GLU A 69 -8.61 0.40 2.19
N MET A 70 -7.72 -0.57 2.39
CA MET A 70 -7.27 -1.42 1.30
C MET A 70 -8.09 -2.70 1.23
N HIS A 71 -8.27 -3.22 0.02
CA HIS A 71 -9.05 -4.44 -0.18
C HIS A 71 -8.31 -5.41 -1.11
N ILE A 72 -7.98 -6.59 -0.60
CA ILE A 72 -7.27 -7.59 -1.38
C ILE A 72 -7.97 -8.94 -1.28
N LYS A 73 -8.00 -9.66 -2.41
CA LYS A 73 -8.63 -10.97 -2.46
C LYS A 73 -7.78 -11.96 -3.26
N TYR A 74 -7.50 -13.11 -2.65
CA TYR A 74 -6.68 -14.14 -3.31
C TYR A 74 -7.57 -15.24 -3.87
N MET A 75 -7.70 -15.26 -5.20
CA MET A 75 -8.51 -16.26 -5.87
C MET A 75 -9.96 -16.19 -5.41
N GLY A 76 -10.48 -14.96 -5.28
CA GLY A 76 -11.86 -14.78 -4.85
C GLY A 76 -12.04 -15.10 -3.37
N SER A 77 -10.99 -14.92 -2.60
CA SER A 77 -11.04 -15.18 -1.16
C SER A 77 -10.38 -14.06 -0.37
N HIS A 78 -11.13 -13.49 0.56
CA HIS A 78 -10.62 -12.40 1.39
C HIS A 78 -9.63 -12.92 2.43
N ILE A 79 -8.46 -12.30 2.48
CA ILE A 79 -7.43 -12.71 3.44
C ILE A 79 -7.69 -12.10 4.81
N PRO A 80 -7.12 -12.74 5.85
CA PRO A 80 -7.27 -12.28 7.23
C PRO A 80 -6.51 -10.98 7.50
N GLU A 81 -5.91 -10.43 6.45
CA GLU A 81 -5.16 -9.19 6.56
C GLU A 81 -5.81 -8.08 5.75
N SER A 82 -6.86 -8.42 5.02
CA SER A 82 -7.57 -7.46 4.20
C SER A 82 -9.08 -7.65 4.33
N PRO A 83 -9.82 -6.52 4.33
CA PRO A 83 -9.23 -5.18 4.21
C PRO A 83 -8.45 -4.79 5.45
N LEU A 84 -7.79 -3.62 5.38
CA LEU A 84 -7.01 -3.13 6.51
C LEU A 84 -7.17 -1.62 6.66
N GLN A 85 -6.74 -1.10 7.81
CA GLN A 85 -6.84 0.34 8.07
C GLN A 85 -5.46 0.93 8.35
N PHE A 86 -5.14 2.02 7.65
CA PHE A 86 -3.85 2.68 7.83
C PHE A 86 -3.99 4.19 7.65
N TYR A 87 -3.69 4.93 8.72
CA TYR A 87 -3.79 6.38 8.69
C TYR A 87 -2.48 7.00 8.20
N VAL A 88 -2.61 8.08 7.43
CA VAL A 88 -1.44 8.77 6.89
C VAL A 88 -1.22 10.11 7.58
N ASN A 89 -0.12 10.24 8.31
CA ASN A 89 0.20 11.47 9.02
C ASN A 89 0.87 12.48 8.10
N TYR A 90 0.82 13.74 8.47
CA TYR A 90 1.43 14.80 7.68
C TYR A 90 2.93 14.89 7.93
N PRO A 91 3.70 15.13 6.87
CA PRO A 91 5.17 15.24 6.95
C PRO A 91 5.60 16.51 7.68
N ASN A 92 6.01 16.35 8.93
CA ASN A 92 6.46 17.49 9.72
C ASN A 92 7.98 17.60 9.71
N SER A 93 8.65 16.61 10.31
CA SER A 93 10.11 16.60 10.37
C SER A 93 10.69 15.62 9.36
N GLY A 94 11.58 16.11 8.52
CA GLY A 94 12.19 15.26 7.50
C GLY A 94 13.48 14.62 7.99
N SER A 95 14.38 15.44 8.52
CA SER A 95 15.66 14.95 9.01
C SER A 95 15.53 14.44 10.44
N GLY A 1 -2.96 -2.71 23.69
CA GLY A 1 -1.59 -2.60 24.17
C GLY A 1 -0.71 -1.83 23.20
N SER A 2 -0.36 -0.60 23.57
CA SER A 2 0.49 0.24 22.73
C SER A 2 1.88 -0.37 22.59
N SER A 3 2.26 -0.67 21.36
CA SER A 3 3.57 -1.26 21.08
C SER A 3 4.66 -0.19 21.06
N GLY A 4 4.42 0.87 20.30
CA GLY A 4 5.37 1.95 20.21
C GLY A 4 5.50 2.50 18.80
N SER A 5 6.42 3.44 18.61
CA SER A 5 6.64 4.05 17.30
C SER A 5 7.79 3.36 16.57
N SER A 6 7.68 3.28 15.24
CA SER A 6 8.70 2.64 14.43
C SER A 6 9.18 3.59 13.33
N GLY A 7 10.35 3.28 12.76
CA GLY A 7 10.91 4.11 11.72
C GLY A 7 11.33 5.48 12.22
N VAL A 8 12.60 5.82 11.99
CA VAL A 8 13.13 7.10 12.43
C VAL A 8 13.51 7.97 11.24
N SER A 9 12.56 8.77 10.77
CA SER A 9 12.81 9.65 9.63
C SER A 9 14.18 10.28 9.72
N ASP A 10 14.93 10.22 8.62
CA ASP A 10 16.26 10.80 8.57
C ASP A 10 16.39 11.79 7.42
N MET A 11 15.89 11.40 6.25
CA MET A 11 15.94 12.27 5.07
C MET A 11 14.55 12.82 4.74
N ASN A 12 13.81 13.20 5.77
CA ASN A 12 12.47 13.75 5.59
C ASN A 12 12.48 14.88 4.58
N GLY A 13 11.46 14.92 3.74
CA GLY A 13 11.36 15.97 2.73
C GLY A 13 9.94 16.25 2.32
N LEU A 14 9.64 16.03 1.05
CA LEU A 14 8.29 16.27 0.53
C LEU A 14 7.73 15.02 -0.13
N GLY A 15 6.70 14.44 0.49
CA GLY A 15 6.09 13.24 -0.05
C GLY A 15 5.73 12.24 1.03
N PHE A 16 4.43 12.04 1.23
CA PHE A 16 3.95 11.10 2.24
C PHE A 16 4.80 9.84 2.26
N LYS A 17 5.15 9.38 3.46
CA LYS A 17 5.96 8.19 3.61
C LYS A 17 5.27 6.97 3.01
N PRO A 18 6.04 6.16 2.28
CA PRO A 18 5.51 4.94 1.63
C PRO A 18 5.14 3.86 2.63
N PHE A 19 4.17 3.03 2.27
CA PHE A 19 3.71 1.96 3.14
C PHE A 19 3.91 0.60 2.48
N ASP A 20 5.01 -0.07 2.84
CA ASP A 20 5.31 -1.39 2.28
C ASP A 20 4.86 -2.50 3.22
N LEU A 21 4.40 -3.60 2.64
CA LEU A 21 3.93 -4.74 3.41
C LEU A 21 4.25 -6.06 2.72
N VAL A 22 4.44 -7.11 3.49
CA VAL A 22 4.75 -8.42 2.96
C VAL A 22 3.81 -9.49 3.50
N ILE A 23 2.99 -10.06 2.62
CA ILE A 23 2.03 -11.08 3.01
C ILE A 23 2.70 -12.15 3.87
N PRO A 24 2.02 -12.53 4.97
CA PRO A 24 2.53 -13.55 5.90
C PRO A 24 2.54 -14.94 5.29
N PHE A 25 1.44 -15.30 4.64
CA PHE A 25 1.31 -16.61 4.01
C PHE A 25 1.92 -16.60 2.61
N ALA A 26 1.90 -17.75 1.95
CA ALA A 26 2.44 -17.88 0.61
C ALA A 26 1.33 -17.83 -0.44
N VAL A 27 1.59 -17.09 -1.52
CA VAL A 27 0.61 -16.95 -2.60
C VAL A 27 1.30 -16.82 -3.96
N ARG A 28 0.56 -17.08 -5.02
CA ARG A 28 1.10 -17.00 -6.37
C ARG A 28 0.56 -15.77 -7.09
N LYS A 29 1.41 -15.13 -7.88
CA LYS A 29 1.03 -13.94 -8.63
C LYS A 29 0.28 -14.31 -9.90
N GLY A 30 -1.04 -14.46 -9.79
CA GLY A 30 -1.84 -14.83 -10.94
C GLY A 30 -3.27 -14.35 -10.81
N GLU A 31 -4.09 -15.12 -10.07
CA GLU A 31 -5.49 -14.77 -9.87
C GLU A 31 -5.66 -13.89 -8.64
N ILE A 32 -4.66 -13.06 -8.36
CA ILE A 32 -4.71 -12.17 -7.22
C ILE A 32 -4.98 -10.73 -7.65
N THR A 33 -5.59 -9.95 -6.76
CA THR A 33 -5.91 -8.56 -7.05
C THR A 33 -5.97 -7.74 -5.76
N GLY A 34 -5.98 -6.42 -5.91
CA GLY A 34 -6.03 -5.54 -4.75
C GLY A 34 -6.61 -4.18 -5.09
N GLU A 35 -7.10 -3.49 -4.07
CA GLU A 35 -7.70 -2.16 -4.26
C GLU A 35 -7.47 -1.28 -3.03
N VAL A 36 -7.53 0.03 -3.23
CA VAL A 36 -7.34 0.98 -2.15
C VAL A 36 -8.37 2.10 -2.21
N HIS A 37 -9.21 2.18 -1.19
CA HIS A 37 -10.24 3.21 -1.12
C HIS A 37 -9.72 4.45 -0.41
N MET A 38 -9.61 5.55 -1.15
CA MET A 38 -9.13 6.81 -0.60
C MET A 38 -10.23 7.53 0.18
N PRO A 39 -9.85 8.21 1.26
CA PRO A 39 -10.78 8.95 2.11
C PRO A 39 -11.35 10.18 1.41
N SER A 40 -10.69 10.60 0.33
CA SER A 40 -11.11 11.77 -0.42
C SER A 40 -12.23 11.41 -1.40
N GLY A 41 -12.36 10.12 -1.69
CA GLY A 41 -13.37 9.66 -2.61
C GLY A 41 -12.79 9.09 -3.89
N LYS A 42 -11.53 8.69 -3.82
CA LYS A 42 -10.84 8.12 -4.98
C LYS A 42 -10.49 6.65 -4.74
N THR A 43 -9.80 6.05 -5.70
CA THR A 43 -9.40 4.65 -5.60
C THR A 43 -8.02 4.42 -6.20
N ALA A 44 -7.34 3.38 -5.74
CA ALA A 44 -6.01 3.04 -6.24
C ALA A 44 -5.70 1.57 -6.03
N THR A 45 -4.79 1.05 -6.83
CA THR A 45 -4.39 -0.36 -6.73
C THR A 45 -3.04 -0.50 -6.05
N PRO A 46 -2.95 -1.43 -5.09
CA PRO A 46 -1.72 -1.69 -4.35
C PRO A 46 -0.64 -2.34 -5.20
N GLU A 47 0.50 -2.65 -4.60
CA GLU A 47 1.60 -3.28 -5.31
C GLU A 47 1.46 -4.80 -5.30
N ILE A 48 1.78 -5.42 -6.42
CA ILE A 48 1.70 -6.87 -6.55
C ILE A 48 2.92 -7.44 -7.25
N VAL A 49 3.93 -7.79 -6.46
CA VAL A 49 5.17 -8.36 -7.00
C VAL A 49 5.63 -9.56 -6.16
N ASP A 50 6.07 -10.60 -6.86
CA ASP A 50 6.54 -11.80 -6.18
C ASP A 50 8.07 -11.83 -6.12
N ASN A 51 8.63 -11.49 -4.97
CA ASN A 51 10.07 -11.46 -4.78
C ASN A 51 10.71 -12.71 -5.38
N LYS A 52 12.04 -12.70 -5.49
CA LYS A 52 12.77 -13.83 -6.03
C LYS A 52 12.97 -14.91 -4.98
N ASP A 53 12.25 -14.79 -3.88
CA ASP A 53 12.35 -15.76 -2.78
C ASP A 53 11.07 -16.60 -2.68
N GLY A 54 9.93 -15.95 -2.91
CA GLY A 54 8.66 -16.65 -2.84
C GLY A 54 7.63 -15.92 -1.99
N THR A 55 7.72 -14.59 -1.98
CA THR A 55 6.79 -13.78 -1.20
C THR A 55 6.28 -12.60 -2.02
N VAL A 56 5.19 -11.99 -1.56
CA VAL A 56 4.61 -10.85 -2.25
C VAL A 56 4.86 -9.55 -1.48
N THR A 57 4.85 -8.43 -2.19
CA THR A 57 5.07 -7.14 -1.57
C THR A 57 3.93 -6.17 -1.88
N VAL A 58 3.11 -5.90 -0.88
CA VAL A 58 1.98 -5.00 -1.03
C VAL A 58 2.29 -3.61 -0.49
N ARG A 59 2.35 -2.62 -1.38
CA ARG A 59 2.65 -1.26 -0.99
C ARG A 59 1.93 -0.26 -1.88
N TYR A 60 1.56 0.89 -1.31
CA TYR A 60 0.85 1.92 -2.06
C TYR A 60 1.25 3.31 -1.58
N ALA A 61 1.51 4.20 -2.53
CA ALA A 61 1.91 5.56 -2.21
C ALA A 61 0.69 6.46 -2.05
N PRO A 62 0.43 6.91 -0.82
CA PRO A 62 -0.71 7.78 -0.51
C PRO A 62 -0.52 9.19 -1.07
N THR A 63 -1.56 9.70 -1.72
CA THR A 63 -1.53 11.02 -2.32
C THR A 63 -2.22 12.04 -1.43
N GLU A 64 -3.23 11.58 -0.69
CA GLU A 64 -3.99 12.46 0.20
C GLU A 64 -3.90 11.97 1.64
N VAL A 65 -4.30 12.83 2.58
CA VAL A 65 -4.27 12.48 3.99
C VAL A 65 -5.61 11.94 4.46
N GLY A 66 -5.60 11.16 5.54
CA GLY A 66 -6.82 10.58 6.07
C GLY A 66 -6.71 9.09 6.31
N LEU A 67 -7.84 8.40 6.28
CA LEU A 67 -7.87 6.96 6.51
C LEU A 67 -8.11 6.21 5.21
N HIS A 68 -7.18 5.34 4.84
CA HIS A 68 -7.30 4.56 3.61
C HIS A 68 -7.50 3.08 3.93
N GLU A 69 -8.47 2.47 3.26
CA GLU A 69 -8.77 1.06 3.48
C GLU A 69 -8.42 0.24 2.24
N MET A 70 -7.52 -0.72 2.41
CA MET A 70 -7.10 -1.59 1.31
C MET A 70 -7.89 -2.89 1.30
N HIS A 71 -8.12 -3.43 0.10
CA HIS A 71 -8.87 -4.67 -0.04
C HIS A 71 -8.17 -5.60 -1.02
N ILE A 72 -7.56 -6.66 -0.50
CA ILE A 72 -6.86 -7.63 -1.32
C ILE A 72 -7.56 -8.98 -1.28
N LYS A 73 -7.70 -9.60 -2.46
CA LYS A 73 -8.36 -10.90 -2.56
C LYS A 73 -7.55 -11.84 -3.45
N TYR A 74 -7.17 -12.99 -2.91
CA TYR A 74 -6.40 -13.97 -3.65
C TYR A 74 -7.31 -15.05 -4.24
N MET A 75 -7.25 -15.20 -5.57
CA MET A 75 -8.06 -16.19 -6.26
C MET A 75 -9.53 -16.05 -5.87
N GLY A 76 -10.00 -14.81 -5.78
CA GLY A 76 -11.39 -14.55 -5.44
C GLY A 76 -11.69 -14.92 -4.00
N SER A 77 -10.69 -14.81 -3.12
CA SER A 77 -10.85 -15.14 -1.72
C SER A 77 -10.15 -14.12 -0.84
N HIS A 78 -10.90 -13.49 0.06
CA HIS A 78 -10.35 -12.50 0.97
C HIS A 78 -9.29 -13.11 1.87
N ILE A 79 -8.26 -12.33 2.18
CA ILE A 79 -7.18 -12.80 3.03
C ILE A 79 -7.39 -12.38 4.48
N PRO A 80 -6.77 -13.12 5.41
CA PRO A 80 -6.88 -12.83 6.85
C PRO A 80 -6.16 -11.54 7.24
N GLU A 81 -5.57 -10.87 6.26
CA GLU A 81 -4.85 -9.63 6.50
C GLU A 81 -5.68 -8.43 6.07
N SER A 82 -6.70 -8.68 5.25
CA SER A 82 -7.56 -7.61 4.76
C SER A 82 -9.02 -7.93 5.05
N PRO A 83 -9.87 -6.90 5.01
CA PRO A 83 -9.43 -5.53 4.71
C PRO A 83 -8.60 -4.93 5.83
N LEU A 84 -7.89 -3.84 5.52
CA LEU A 84 -7.04 -3.17 6.50
C LEU A 84 -7.18 -1.66 6.38
N GLN A 85 -6.71 -0.95 7.42
CA GLN A 85 -6.79 0.51 7.43
C GLN A 85 -5.44 1.11 7.84
N PHE A 86 -5.05 2.18 7.18
CA PHE A 86 -3.79 2.85 7.47
C PHE A 86 -3.93 4.36 7.32
N TYR A 87 -3.74 5.09 8.43
CA TYR A 87 -3.85 6.53 8.42
C TYR A 87 -2.59 7.17 7.84
N VAL A 88 -2.78 8.24 7.08
CA VAL A 88 -1.66 8.95 6.46
C VAL A 88 -1.52 10.36 7.02
N ASN A 89 -0.59 10.53 7.95
CA ASN A 89 -0.36 11.84 8.57
C ASN A 89 0.56 12.70 7.70
N TYR A 90 0.46 14.01 7.86
CA TYR A 90 1.27 14.94 7.10
C TYR A 90 2.67 15.05 7.68
N PRO A 91 3.68 15.13 6.80
CA PRO A 91 5.08 15.25 7.21
C PRO A 91 5.39 16.60 7.83
N ASN A 92 6.48 16.65 8.61
CA ASN A 92 6.89 17.90 9.26
C ASN A 92 7.99 18.59 8.46
N SER A 93 8.13 19.89 8.68
CA SER A 93 9.15 20.67 7.99
C SER A 93 10.48 20.62 8.73
N GLY A 94 11.40 19.79 8.24
CA GLY A 94 12.70 19.66 8.86
C GLY A 94 13.83 20.05 7.94
N SER A 95 14.22 21.31 8.00
CA SER A 95 15.30 21.82 7.15
C SER A 95 16.66 21.59 7.81
N GLY A 1 15.99 38.12 4.35
CA GLY A 1 16.26 39.28 3.53
C GLY A 1 15.37 39.34 2.31
N SER A 2 15.74 38.61 1.27
CA SER A 2 14.97 38.59 0.03
C SER A 2 13.72 37.72 0.19
N SER A 3 12.75 37.94 -0.69
CA SER A 3 11.51 37.18 -0.66
C SER A 3 11.57 35.98 -1.59
N GLY A 4 10.64 35.04 -1.40
CA GLY A 4 10.62 33.85 -2.24
C GLY A 4 9.21 33.45 -2.62
N SER A 5 9.09 32.70 -3.71
CA SER A 5 7.79 32.25 -4.19
C SER A 5 7.73 30.73 -4.27
N SER A 6 6.55 30.20 -4.56
CA SER A 6 6.36 28.76 -4.67
C SER A 6 6.15 28.34 -6.11
N GLY A 7 5.25 29.04 -6.80
CA GLY A 7 4.97 28.73 -8.18
C GLY A 7 4.10 27.50 -8.34
N VAL A 8 4.23 26.82 -9.47
CA VAL A 8 3.44 25.62 -9.74
C VAL A 8 4.34 24.39 -9.78
N SER A 9 4.76 23.93 -8.60
CA SER A 9 5.63 22.75 -8.51
C SER A 9 4.89 21.49 -8.97
N ASP A 10 5.06 21.15 -10.24
CA ASP A 10 4.42 19.97 -10.79
C ASP A 10 5.36 18.76 -10.77
N MET A 11 5.37 18.05 -9.66
CA MET A 11 6.23 16.87 -9.51
C MET A 11 5.46 15.72 -8.88
N ASN A 12 6.02 14.51 -8.99
CA ASN A 12 5.39 13.32 -8.42
C ASN A 12 6.43 12.35 -7.89
N GLY A 13 6.43 12.17 -6.57
CA GLY A 13 7.38 11.26 -5.94
C GLY A 13 7.46 11.45 -4.44
N LEU A 14 8.08 12.55 -4.02
CA LEU A 14 8.23 12.85 -2.60
C LEU A 14 6.98 13.54 -2.05
N GLY A 15 6.00 12.74 -1.65
CA GLY A 15 4.77 13.31 -1.11
C GLY A 15 4.45 12.79 0.28
N PHE A 16 4.22 11.48 0.39
CA PHE A 16 3.91 10.87 1.68
C PHE A 16 4.58 9.51 1.81
N LYS A 17 5.15 9.25 2.98
CA LYS A 17 5.83 7.99 3.24
C LYS A 17 5.10 6.82 2.56
N PRO A 18 5.86 5.94 1.91
CA PRO A 18 5.31 4.78 1.22
C PRO A 18 4.75 3.74 2.18
N PHE A 19 4.06 2.74 1.65
CA PHE A 19 3.47 1.69 2.46
C PHE A 19 3.92 0.31 1.98
N ASP A 20 4.91 -0.25 2.67
CA ASP A 20 5.45 -1.55 2.31
C ASP A 20 4.89 -2.63 3.24
N LEU A 21 4.34 -3.69 2.64
CA LEU A 21 3.76 -4.79 3.41
C LEU A 21 4.00 -6.12 2.70
N VAL A 22 4.22 -7.17 3.50
CA VAL A 22 4.44 -8.50 2.94
C VAL A 22 3.50 -9.52 3.56
N ILE A 23 2.65 -10.12 2.72
CA ILE A 23 1.70 -11.12 3.20
C ILE A 23 2.38 -12.20 4.03
N PRO A 24 1.73 -12.59 5.13
CA PRO A 24 2.27 -13.62 6.03
C PRO A 24 2.26 -15.01 5.39
N PHE A 25 1.14 -15.37 4.78
CA PHE A 25 1.00 -16.67 4.13
C PHE A 25 1.65 -16.66 2.75
N ALA A 26 1.93 -17.85 2.23
CA ALA A 26 2.56 -17.99 0.92
C ALA A 26 1.51 -17.89 -0.19
N VAL A 27 1.90 -17.23 -1.29
CA VAL A 27 1.00 -17.08 -2.42
C VAL A 27 1.77 -16.64 -3.67
N ARG A 28 1.15 -16.84 -4.83
CA ARG A 28 1.78 -16.47 -6.10
C ARG A 28 0.88 -15.52 -6.89
N LYS A 29 1.50 -14.64 -7.67
CA LYS A 29 0.77 -13.68 -8.48
C LYS A 29 -0.04 -14.39 -9.56
N GLY A 30 -0.99 -13.66 -10.16
CA GLY A 30 -1.82 -14.24 -11.20
C GLY A 30 -3.30 -14.08 -10.92
N GLU A 31 -3.84 -14.96 -10.09
CA GLU A 31 -5.26 -14.91 -9.74
C GLU A 31 -5.48 -14.06 -8.49
N ILE A 32 -4.61 -13.08 -8.28
CA ILE A 32 -4.71 -12.20 -7.14
C ILE A 32 -4.90 -10.76 -7.56
N THR A 33 -5.59 -9.97 -6.73
CA THR A 33 -5.85 -8.57 -7.03
C THR A 33 -5.95 -7.75 -5.75
N GLY A 34 -5.95 -6.43 -5.89
CA GLY A 34 -6.05 -5.56 -4.74
C GLY A 34 -6.61 -4.19 -5.09
N GLU A 35 -7.13 -3.49 -4.09
CA GLU A 35 -7.70 -2.17 -4.31
C GLU A 35 -7.48 -1.28 -3.08
N VAL A 36 -7.49 0.04 -3.31
CA VAL A 36 -7.30 0.99 -2.22
C VAL A 36 -8.36 2.09 -2.26
N HIS A 37 -9.18 2.14 -1.22
CA HIS A 37 -10.24 3.14 -1.13
C HIS A 37 -9.74 4.41 -0.43
N MET A 38 -9.55 5.47 -1.21
CA MET A 38 -9.08 6.74 -0.68
C MET A 38 -10.15 7.41 0.16
N PRO A 39 -9.73 8.18 1.17
CA PRO A 39 -10.65 8.90 2.06
C PRO A 39 -11.36 10.05 1.35
N SER A 40 -10.74 10.57 0.31
CA SER A 40 -11.31 11.68 -0.45
C SER A 40 -12.48 11.20 -1.30
N GLY A 41 -12.52 9.90 -1.57
CA GLY A 41 -13.59 9.35 -2.37
C GLY A 41 -13.10 8.78 -3.69
N LYS A 42 -11.82 8.43 -3.73
CA LYS A 42 -11.23 7.86 -4.94
C LYS A 42 -10.83 6.41 -4.73
N THR A 43 -10.33 5.77 -5.78
CA THR A 43 -9.92 4.38 -5.71
C THR A 43 -8.65 4.14 -6.53
N ALA A 44 -7.78 3.26 -6.03
CA ALA A 44 -6.54 2.95 -6.72
C ALA A 44 -6.03 1.57 -6.31
N THR A 45 -5.48 0.84 -7.28
CA THR A 45 -4.96 -0.50 -7.01
C THR A 45 -3.53 -0.44 -6.47
N PRO A 46 -3.23 -1.31 -5.50
CA PRO A 46 -1.91 -1.38 -4.89
C PRO A 46 -0.84 -1.91 -5.84
N GLU A 47 0.37 -2.09 -5.32
CA GLU A 47 1.48 -2.59 -6.13
C GLU A 47 1.85 -4.01 -5.70
N ILE A 48 1.46 -5.00 -6.52
CA ILE A 48 1.76 -6.39 -6.23
C ILE A 48 3.09 -6.81 -6.85
N VAL A 49 4.09 -7.00 -6.01
CA VAL A 49 5.42 -7.41 -6.48
C VAL A 49 5.84 -8.73 -5.84
N ASP A 50 6.42 -9.60 -6.65
CA ASP A 50 6.87 -10.90 -6.18
C ASP A 50 8.39 -10.91 -5.97
N ASN A 51 8.81 -10.83 -4.71
CA ASN A 51 10.23 -10.83 -4.38
C ASN A 51 10.95 -12.00 -5.05
N LYS A 52 12.27 -12.01 -4.94
CA LYS A 52 13.07 -13.07 -5.54
C LYS A 52 13.29 -14.21 -4.54
N ASP A 53 12.30 -14.44 -3.68
CA ASP A 53 12.38 -15.50 -2.68
C ASP A 53 11.17 -16.43 -2.77
N GLY A 54 10.02 -15.86 -3.08
CA GLY A 54 8.80 -16.65 -3.19
C GLY A 54 7.64 -16.04 -2.43
N THR A 55 7.68 -14.72 -2.26
CA THR A 55 6.62 -14.02 -1.54
C THR A 55 6.16 -12.78 -2.29
N VAL A 56 5.22 -12.05 -1.72
CA VAL A 56 4.68 -10.84 -2.33
C VAL A 56 4.82 -9.64 -1.40
N THR A 57 4.85 -8.45 -1.98
CA THR A 57 4.97 -7.22 -1.21
C THR A 57 4.01 -6.16 -1.71
N VAL A 58 2.97 -5.87 -0.92
CA VAL A 58 1.99 -4.86 -1.28
C VAL A 58 2.51 -3.46 -1.03
N ARG A 59 3.05 -2.84 -2.08
CA ARG A 59 3.59 -1.49 -1.98
C ARG A 59 2.61 -0.46 -2.55
N TYR A 60 2.27 0.53 -1.73
CA TYR A 60 1.34 1.57 -2.15
C TYR A 60 1.74 2.93 -1.57
N ALA A 61 1.74 3.95 -2.42
CA ALA A 61 2.10 5.29 -2.00
C ALA A 61 0.87 6.20 -1.93
N PRO A 62 0.58 6.71 -0.72
CA PRO A 62 -0.57 7.59 -0.50
C PRO A 62 -0.39 8.96 -1.14
N THR A 63 -1.41 9.42 -1.85
CA THR A 63 -1.35 10.71 -2.51
C THR A 63 -1.98 11.80 -1.65
N GLU A 64 -2.96 11.41 -0.82
CA GLU A 64 -3.64 12.35 0.05
C GLU A 64 -3.59 11.88 1.51
N VAL A 65 -3.99 12.76 2.42
CA VAL A 65 -3.98 12.44 3.85
C VAL A 65 -5.35 11.97 4.30
N GLY A 66 -5.37 11.12 5.32
CA GLY A 66 -6.63 10.61 5.84
C GLY A 66 -6.60 9.12 6.09
N LEU A 67 -7.77 8.50 6.14
CA LEU A 67 -7.88 7.07 6.37
C LEU A 67 -8.10 6.31 5.07
N HIS A 68 -7.21 5.37 4.78
CA HIS A 68 -7.32 4.56 3.56
C HIS A 68 -7.54 3.09 3.88
N GLU A 69 -8.53 2.49 3.25
CA GLU A 69 -8.84 1.09 3.48
C GLU A 69 -8.50 0.25 2.25
N MET A 70 -7.61 -0.72 2.43
CA MET A 70 -7.20 -1.59 1.33
C MET A 70 -8.00 -2.88 1.34
N HIS A 71 -8.23 -3.44 0.15
CA HIS A 71 -8.99 -4.68 0.02
C HIS A 71 -8.31 -5.63 -0.95
N ILE A 72 -7.73 -6.70 -0.42
CA ILE A 72 -7.05 -7.69 -1.23
C ILE A 72 -7.76 -9.03 -1.20
N LYS A 73 -7.73 -9.75 -2.31
CA LYS A 73 -8.38 -11.05 -2.41
C LYS A 73 -7.55 -12.01 -3.27
N TYR A 74 -7.17 -13.14 -2.67
CA TYR A 74 -6.37 -14.13 -3.38
C TYR A 74 -7.26 -15.18 -4.03
N MET A 75 -7.21 -15.27 -5.35
CA MET A 75 -8.01 -16.23 -6.09
C MET A 75 -9.49 -16.05 -5.79
N GLY A 76 -9.93 -14.80 -5.69
CA GLY A 76 -11.32 -14.53 -5.39
C GLY A 76 -11.69 -14.86 -3.95
N SER A 77 -10.72 -14.76 -3.06
CA SER A 77 -10.95 -15.06 -1.65
C SER A 77 -10.28 -14.01 -0.76
N HIS A 78 -11.08 -13.34 0.07
CA HIS A 78 -10.57 -12.33 0.97
C HIS A 78 -9.50 -12.91 1.90
N ILE A 79 -8.49 -12.10 2.23
CA ILE A 79 -7.42 -12.55 3.10
C ILE A 79 -7.69 -12.15 4.55
N PRO A 80 -7.13 -12.92 5.49
CA PRO A 80 -7.30 -12.67 6.92
C PRO A 80 -6.56 -11.41 7.38
N GLU A 81 -5.95 -10.71 6.43
CA GLU A 81 -5.20 -9.50 6.74
C GLU A 81 -5.93 -8.26 6.20
N SER A 82 -6.97 -8.51 5.40
CA SER A 82 -7.76 -7.41 4.82
C SER A 82 -9.25 -7.66 5.01
N PRO A 83 -10.04 -6.59 4.88
CA PRO A 83 -9.52 -5.25 4.59
C PRO A 83 -8.74 -4.66 5.76
N LEU A 84 -7.80 -3.76 5.45
CA LEU A 84 -6.99 -3.12 6.47
C LEU A 84 -7.14 -1.61 6.42
N GLN A 85 -6.70 -0.94 7.48
CA GLN A 85 -6.78 0.52 7.54
C GLN A 85 -5.44 1.11 7.98
N PHE A 86 -5.04 2.19 7.32
CA PHE A 86 -3.78 2.85 7.64
C PHE A 86 -3.90 4.37 7.45
N TYR A 87 -3.74 5.11 8.54
CA TYR A 87 -3.83 6.57 8.49
C TYR A 87 -2.51 7.18 8.03
N VAL A 88 -2.60 8.09 7.08
CA VAL A 88 -1.42 8.76 6.54
C VAL A 88 -1.06 9.99 7.36
N ASN A 89 -0.12 9.84 8.30
CA ASN A 89 0.30 10.93 9.15
C ASN A 89 1.19 11.90 8.39
N TYR A 90 1.10 13.19 8.73
CA TYR A 90 1.90 14.22 8.07
C TYR A 90 3.33 14.21 8.60
N PRO A 91 4.29 14.43 7.69
CA PRO A 91 5.72 14.46 8.04
C PRO A 91 6.09 15.68 8.86
N ASN A 92 5.08 16.50 9.20
CA ASN A 92 5.30 17.70 9.98
C ASN A 92 4.78 17.52 11.41
N SER A 93 5.28 18.35 12.32
CA SER A 93 4.86 18.29 13.72
C SER A 93 3.36 18.52 13.85
N GLY A 94 2.78 18.01 14.94
CA GLY A 94 1.36 18.16 15.17
C GLY A 94 0.75 16.99 15.91
N SER A 95 -0.54 17.09 16.23
CA SER A 95 -1.22 16.03 16.94
C SER A 95 -2.73 16.27 16.95
N GLY A 1 2.67 -7.70 15.64
CA GLY A 1 3.91 -7.16 16.15
C GLY A 1 5.13 -7.81 15.52
N SER A 2 5.35 -7.53 14.24
CA SER A 2 6.49 -8.09 13.52
C SER A 2 7.47 -7.00 13.11
N SER A 3 8.44 -6.73 13.97
CA SER A 3 9.44 -5.71 13.71
C SER A 3 9.92 -5.77 12.26
N GLY A 4 10.40 -6.95 11.85
CA GLY A 4 10.88 -7.12 10.50
C GLY A 4 12.37 -6.86 10.37
N SER A 5 12.74 -5.92 9.51
CA SER A 5 14.14 -5.57 9.29
C SER A 5 14.26 -4.22 8.61
N SER A 6 15.08 -3.34 9.19
CA SER A 6 15.29 -2.01 8.63
C SER A 6 16.69 -1.88 8.05
N GLY A 7 16.87 -0.89 7.17
CA GLY A 7 18.17 -0.68 6.55
C GLY A 7 18.12 0.35 5.45
N VAL A 8 17.18 0.19 4.52
CA VAL A 8 17.03 1.11 3.41
C VAL A 8 17.34 2.54 3.84
N SER A 9 17.83 3.34 2.90
CA SER A 9 18.17 4.73 3.19
C SER A 9 17.55 5.67 2.15
N ASP A 10 16.36 6.15 2.43
CA ASP A 10 15.65 7.05 1.52
C ASP A 10 15.41 8.41 2.18
N MET A 11 16.30 9.35 1.92
CA MET A 11 16.19 10.70 2.48
C MET A 11 15.64 11.68 1.45
N ASN A 12 14.32 11.74 1.35
CA ASN A 12 13.67 12.63 0.39
C ASN A 12 12.21 12.87 0.77
N GLY A 13 11.74 14.09 0.58
CA GLY A 13 10.35 14.41 0.89
C GLY A 13 9.60 14.99 -0.28
N LEU A 14 8.86 14.14 -0.99
CA LEU A 14 8.10 14.58 -2.15
C LEU A 14 6.67 14.95 -1.76
N GLY A 15 6.06 14.10 -0.92
CA GLY A 15 4.70 14.36 -0.48
C GLY A 15 4.33 13.54 0.74
N PHE A 16 4.23 12.23 0.58
CA PHE A 16 3.89 11.34 1.67
C PHE A 16 4.71 10.06 1.63
N LYS A 17 5.23 9.65 2.79
CA LYS A 17 6.04 8.45 2.87
C LYS A 17 5.25 7.23 2.42
N PRO A 18 5.91 6.36 1.62
CA PRO A 18 5.29 5.14 1.09
C PRO A 18 5.03 4.10 2.19
N PHE A 19 4.09 3.21 1.94
CA PHE A 19 3.76 2.17 2.91
C PHE A 19 4.00 0.78 2.32
N ASP A 20 5.15 0.20 2.65
CA ASP A 20 5.52 -1.12 2.16
C ASP A 20 5.04 -2.22 3.11
N LEU A 21 4.56 -3.31 2.55
CA LEU A 21 4.07 -4.43 3.35
C LEU A 21 4.34 -5.76 2.66
N VAL A 22 4.47 -6.82 3.44
CA VAL A 22 4.72 -8.16 2.91
C VAL A 22 3.70 -9.16 3.40
N ILE A 23 3.03 -9.83 2.47
CA ILE A 23 2.02 -10.83 2.82
C ILE A 23 2.63 -11.95 3.67
N PRO A 24 1.91 -12.34 4.73
CA PRO A 24 2.35 -13.40 5.63
C PRO A 24 2.31 -14.79 4.98
N PHE A 25 1.16 -15.10 4.38
CA PHE A 25 0.99 -16.40 3.72
C PHE A 25 1.67 -16.40 2.36
N ALA A 26 1.69 -17.57 1.72
CA ALA A 26 2.32 -17.71 0.42
C ALA A 26 1.27 -17.75 -0.69
N VAL A 27 1.58 -17.12 -1.82
CA VAL A 27 0.67 -17.09 -2.96
C VAL A 27 1.43 -17.20 -4.28
N ARG A 28 0.72 -17.58 -5.33
CA ARG A 28 1.32 -17.73 -6.65
C ARG A 28 0.90 -16.59 -7.58
N LYS A 29 1.86 -16.01 -8.27
CA LYS A 29 1.59 -14.91 -9.19
C LYS A 29 0.78 -15.40 -10.39
N GLY A 30 -0.54 -15.38 -10.25
CA GLY A 30 -1.41 -15.81 -11.34
C GLY A 30 -2.83 -15.30 -11.19
N GLU A 31 -3.43 -15.56 -10.04
CA GLU A 31 -4.80 -15.11 -9.78
C GLU A 31 -4.87 -14.31 -8.50
N ILE A 32 -4.60 -13.01 -8.59
CA ILE A 32 -4.64 -12.12 -7.44
C ILE A 32 -4.87 -10.68 -7.86
N THR A 33 -5.54 -9.92 -7.00
CA THR A 33 -5.82 -8.52 -7.29
C THR A 33 -5.91 -7.70 -6.00
N GLY A 34 -5.81 -6.38 -6.14
CA GLY A 34 -5.89 -5.51 -4.98
C GLY A 34 -6.47 -4.15 -5.31
N GLU A 35 -7.03 -3.49 -4.31
CA GLU A 35 -7.63 -2.17 -4.50
C GLU A 35 -7.51 -1.33 -3.22
N VAL A 36 -7.60 -0.01 -3.38
CA VAL A 36 -7.50 0.90 -2.25
C VAL A 36 -8.62 1.93 -2.29
N HIS A 37 -9.25 2.15 -1.12
CA HIS A 37 -10.34 3.11 -1.01
C HIS A 37 -9.91 4.34 -0.22
N MET A 38 -9.50 5.38 -0.92
CA MET A 38 -9.07 6.62 -0.29
C MET A 38 -10.22 7.27 0.48
N PRO A 39 -9.87 8.00 1.56
CA PRO A 39 -10.85 8.68 2.40
C PRO A 39 -11.51 9.86 1.69
N SER A 40 -10.76 10.45 0.74
CA SER A 40 -11.27 11.60 -0.01
C SER A 40 -12.35 11.17 -0.99
N GLY A 41 -12.35 9.88 -1.35
CA GLY A 41 -13.33 9.36 -2.28
C GLY A 41 -12.71 8.91 -3.59
N LYS A 42 -11.42 8.57 -3.53
CA LYS A 42 -10.71 8.11 -4.72
C LYS A 42 -10.44 6.62 -4.65
N THR A 43 -9.71 6.11 -5.64
CA THR A 43 -9.38 4.69 -5.70
C THR A 43 -7.98 4.47 -6.26
N ALA A 44 -7.31 3.43 -5.79
CA ALA A 44 -5.97 3.10 -6.24
C ALA A 44 -5.65 1.63 -6.00
N THR A 45 -4.84 1.05 -6.88
CA THR A 45 -4.45 -0.34 -6.76
C THR A 45 -3.08 -0.48 -6.11
N PRO A 46 -2.98 -1.37 -5.11
CA PRO A 46 -1.73 -1.62 -4.39
C PRO A 46 -0.69 -2.33 -5.26
N GLU A 47 0.47 -2.61 -4.68
CA GLU A 47 1.55 -3.28 -5.39
C GLU A 47 1.41 -4.79 -5.28
N ILE A 48 1.67 -5.48 -6.39
CA ILE A 48 1.58 -6.94 -6.42
C ILE A 48 2.79 -7.55 -7.10
N VAL A 49 3.81 -7.88 -6.32
CA VAL A 49 5.03 -8.48 -6.86
C VAL A 49 5.50 -9.64 -5.99
N ASP A 50 5.96 -10.70 -6.62
CA ASP A 50 6.45 -11.88 -5.91
C ASP A 50 7.96 -11.84 -5.75
N ASN A 51 8.42 -11.54 -4.54
CA ASN A 51 9.84 -11.46 -4.25
C ASN A 51 10.58 -12.70 -4.78
N LYS A 52 11.90 -12.69 -4.66
CA LYS A 52 12.71 -13.82 -5.13
C LYS A 52 12.82 -14.88 -4.04
N ASP A 53 12.00 -14.75 -3.01
CA ASP A 53 12.02 -15.70 -1.90
C ASP A 53 10.73 -16.52 -1.88
N GLY A 54 9.65 -15.94 -2.38
CA GLY A 54 8.37 -16.64 -2.42
C GLY A 54 7.29 -15.88 -1.68
N THR A 55 7.48 -14.57 -1.53
CA THR A 55 6.50 -13.73 -0.84
C THR A 55 6.00 -12.61 -1.74
N VAL A 56 5.03 -11.85 -1.25
CA VAL A 56 4.47 -10.74 -2.00
C VAL A 56 4.78 -9.41 -1.35
N THR A 57 4.76 -8.34 -2.14
CA THR A 57 5.05 -7.00 -1.63
C THR A 57 3.90 -6.05 -1.93
N VAL A 58 3.13 -5.71 -0.90
CA VAL A 58 2.00 -4.81 -1.05
C VAL A 58 2.36 -3.40 -0.57
N ARG A 59 2.45 -2.47 -1.51
CA ARG A 59 2.78 -1.09 -1.18
C ARG A 59 2.02 -0.12 -2.09
N TYR A 60 1.70 1.06 -1.55
CA TYR A 60 0.97 2.07 -2.32
C TYR A 60 1.36 3.47 -1.86
N ALA A 61 1.50 4.39 -2.81
CA ALA A 61 1.86 5.77 -2.50
C ALA A 61 0.62 6.61 -2.25
N PRO A 62 0.43 7.01 -0.99
CA PRO A 62 -0.72 7.84 -0.58
C PRO A 62 -0.62 9.26 -1.12
N THR A 63 -1.70 9.71 -1.76
CA THR A 63 -1.73 11.06 -2.32
C THR A 63 -2.36 12.05 -1.34
N GLU A 64 -3.39 11.59 -0.63
CA GLU A 64 -4.07 12.43 0.34
C GLU A 64 -3.95 11.86 1.75
N VAL A 65 -4.31 12.67 2.75
CA VAL A 65 -4.24 12.24 4.14
C VAL A 65 -5.60 11.75 4.63
N GLY A 66 -5.58 10.92 5.67
CA GLY A 66 -6.82 10.40 6.23
C GLY A 66 -6.77 8.90 6.45
N LEU A 67 -7.94 8.27 6.44
CA LEU A 67 -8.03 6.83 6.64
C LEU A 67 -8.19 6.10 5.31
N HIS A 68 -7.22 5.26 4.98
CA HIS A 68 -7.25 4.50 3.73
C HIS A 68 -7.51 3.02 4.01
N GLU A 69 -8.51 2.46 3.32
CA GLU A 69 -8.85 1.05 3.49
C GLU A 69 -8.48 0.25 2.25
N MET A 70 -7.59 -0.72 2.42
CA MET A 70 -7.15 -1.56 1.32
C MET A 70 -7.95 -2.87 1.28
N HIS A 71 -8.15 -3.39 0.08
CA HIS A 71 -8.90 -4.63 -0.09
C HIS A 71 -8.21 -5.55 -1.09
N ILE A 72 -7.69 -6.68 -0.60
CA ILE A 72 -7.00 -7.64 -1.45
C ILE A 72 -7.71 -8.99 -1.44
N LYS A 73 -7.89 -9.57 -2.63
CA LYS A 73 -8.54 -10.86 -2.76
C LYS A 73 -7.70 -11.83 -3.58
N TYR A 74 -7.48 -13.02 -3.04
CA TYR A 74 -6.68 -14.03 -3.73
C TYR A 74 -7.57 -15.14 -4.29
N MET A 75 -7.45 -15.38 -5.59
CA MET A 75 -8.25 -16.42 -6.24
C MET A 75 -9.72 -16.30 -5.84
N GLY A 76 -10.21 -15.08 -5.78
CA GLY A 76 -11.60 -14.86 -5.41
C GLY A 76 -11.88 -15.17 -3.96
N SER A 77 -10.91 -14.89 -3.10
CA SER A 77 -11.04 -15.14 -1.67
C SER A 77 -10.25 -14.14 -0.86
N HIS A 78 -10.95 -13.39 0.00
CA HIS A 78 -10.31 -12.39 0.84
C HIS A 78 -9.19 -13.00 1.67
N ILE A 79 -8.17 -12.20 1.97
CA ILE A 79 -7.04 -12.66 2.75
C ILE A 79 -7.19 -12.28 4.22
N PRO A 80 -6.51 -13.03 5.10
CA PRO A 80 -6.55 -12.78 6.55
C PRO A 80 -5.84 -11.48 6.93
N GLU A 81 -5.28 -10.80 5.94
CA GLU A 81 -4.57 -9.55 6.18
C GLU A 81 -5.44 -8.35 5.83
N SER A 82 -6.49 -8.60 5.05
CA SER A 82 -7.40 -7.54 4.62
C SER A 82 -8.84 -7.90 4.95
N PRO A 83 -9.71 -6.89 4.98
CA PRO A 83 -9.32 -5.50 4.71
C PRO A 83 -8.46 -4.92 5.83
N LEU A 84 -7.67 -3.91 5.50
CA LEU A 84 -6.79 -3.27 6.47
C LEU A 84 -6.97 -1.75 6.45
N GLN A 85 -6.48 -1.09 7.49
CA GLN A 85 -6.58 0.37 7.59
C GLN A 85 -5.24 0.98 7.99
N PHE A 86 -4.91 2.10 7.36
CA PHE A 86 -3.66 2.78 7.64
C PHE A 86 -3.81 4.29 7.46
N TYR A 87 -3.63 5.04 8.54
CA TYR A 87 -3.75 6.49 8.50
C TYR A 87 -2.47 7.13 7.96
N VAL A 88 -2.64 8.13 7.09
CA VAL A 88 -1.51 8.82 6.49
C VAL A 88 -1.33 10.20 7.11
N ASN A 89 -0.25 10.36 7.87
CA ASN A 89 0.04 11.64 8.51
C ASN A 89 1.02 12.46 7.68
N TYR A 90 0.94 13.78 7.81
CA TYR A 90 1.82 14.67 7.07
C TYR A 90 3.27 14.54 7.56
N PRO A 91 4.20 14.57 6.60
CA PRO A 91 5.64 14.46 6.90
C PRO A 91 6.18 15.69 7.61
N ASN A 92 6.57 15.52 8.86
CA ASN A 92 7.10 16.62 9.66
C ASN A 92 8.03 17.50 8.82
N SER A 93 7.58 18.71 8.51
CA SER A 93 8.36 19.64 7.70
C SER A 93 9.28 20.47 8.59
N GLY A 94 10.59 20.35 8.36
CA GLY A 94 11.55 21.09 9.14
C GLY A 94 11.89 22.43 8.52
N SER A 95 12.34 23.36 9.34
CA SER A 95 12.69 24.70 8.87
C SER A 95 13.54 24.62 7.61
N GLY A 1 6.12 17.50 -22.56
CA GLY A 1 5.19 18.62 -22.57
C GLY A 1 4.29 18.61 -21.35
N SER A 2 3.12 19.24 -21.50
CA SER A 2 2.15 19.31 -20.40
C SER A 2 0.82 18.70 -20.80
N SER A 3 0.72 17.37 -20.68
CA SER A 3 -0.50 16.66 -21.04
C SER A 3 -0.71 15.44 -20.14
N GLY A 4 -1.90 14.88 -20.18
CA GLY A 4 -2.21 13.72 -19.37
C GLY A 4 -1.15 12.64 -19.50
N SER A 5 -1.04 11.79 -18.48
CA SER A 5 -0.07 10.72 -18.48
C SER A 5 -0.45 9.63 -17.48
N SER A 6 -0.17 8.38 -17.83
CA SER A 6 -0.49 7.26 -16.97
C SER A 6 -0.29 7.62 -15.50
N GLY A 7 -1.37 7.54 -14.72
CA GLY A 7 -1.28 7.87 -13.31
C GLY A 7 -0.59 9.18 -13.06
N VAL A 8 -1.27 10.28 -13.39
CA VAL A 8 -0.70 11.61 -13.19
C VAL A 8 -0.17 11.79 -11.78
N SER A 9 1.09 12.19 -11.66
CA SER A 9 1.71 12.39 -10.36
C SER A 9 1.26 13.71 -9.74
N ASP A 10 0.91 13.65 -8.46
CA ASP A 10 0.46 14.84 -7.74
C ASP A 10 1.38 15.16 -6.58
N MET A 11 2.69 15.09 -6.82
CA MET A 11 3.68 15.36 -5.80
C MET A 11 4.51 16.59 -6.16
N ASN A 12 4.77 17.44 -5.17
CA ASN A 12 5.56 18.65 -5.39
C ASN A 12 6.20 19.11 -4.09
N GLY A 13 7.53 19.14 -4.07
CA GLY A 13 8.26 19.57 -2.90
C GLY A 13 8.26 18.52 -1.80
N LEU A 14 7.08 17.97 -1.52
CA LEU A 14 6.96 16.95 -0.48
C LEU A 14 5.57 16.31 -0.51
N GLY A 15 5.52 14.99 -0.33
CA GLY A 15 4.25 14.29 -0.35
C GLY A 15 4.04 13.46 0.91
N PHE A 16 3.92 12.15 0.73
CA PHE A 16 3.71 11.25 1.86
C PHE A 16 4.49 9.95 1.66
N LYS A 17 5.22 9.55 2.69
CA LYS A 17 6.01 8.33 2.64
C LYS A 17 5.13 7.13 2.32
N PRO A 18 5.66 6.22 1.49
CA PRO A 18 4.94 5.00 1.08
C PRO A 18 4.79 4.01 2.23
N PHE A 19 3.94 3.02 2.03
CA PHE A 19 3.70 2.00 3.05
C PHE A 19 3.85 0.60 2.46
N ASP A 20 5.02 0.00 2.66
CA ASP A 20 5.29 -1.35 2.15
C ASP A 20 4.78 -2.41 3.12
N LEU A 21 4.38 -3.56 2.58
CA LEU A 21 3.88 -4.65 3.40
C LEU A 21 4.16 -6.00 2.74
N VAL A 22 4.29 -7.03 3.56
CA VAL A 22 4.56 -8.37 3.06
C VAL A 22 3.59 -9.39 3.64
N ILE A 23 2.93 -10.15 2.76
CA ILE A 23 1.97 -11.15 3.18
C ILE A 23 2.64 -12.23 4.03
N PRO A 24 1.95 -12.64 5.10
CA PRO A 24 2.46 -13.68 6.02
C PRO A 24 2.48 -15.05 5.38
N PHE A 25 1.35 -15.45 4.80
CA PHE A 25 1.23 -16.75 4.15
C PHE A 25 1.83 -16.72 2.75
N ALA A 26 1.92 -17.88 2.11
CA ALA A 26 2.47 -17.98 0.76
C ALA A 26 1.36 -17.86 -0.29
N VAL A 27 1.70 -17.27 -1.43
CA VAL A 27 0.75 -17.09 -2.51
C VAL A 27 1.46 -16.89 -3.84
N ARG A 28 0.73 -17.11 -4.93
CA ARG A 28 1.29 -16.95 -6.27
C ARG A 28 0.72 -15.72 -6.96
N LYS A 29 1.53 -15.09 -7.80
CA LYS A 29 1.10 -13.90 -8.53
C LYS A 29 0.38 -14.27 -9.82
N GLY A 30 -0.93 -14.45 -9.74
CA GLY A 30 -1.70 -14.80 -10.91
C GLY A 30 -3.17 -14.44 -10.78
N GLU A 31 -3.89 -15.19 -9.96
CA GLU A 31 -5.31 -14.95 -9.75
C GLU A 31 -5.53 -14.06 -8.52
N ILE A 32 -4.57 -13.18 -8.26
CA ILE A 32 -4.66 -12.28 -7.12
C ILE A 32 -4.82 -10.83 -7.57
N THR A 33 -5.53 -10.03 -6.78
CA THR A 33 -5.76 -8.63 -7.10
C THR A 33 -5.78 -7.78 -5.83
N GLY A 34 -5.86 -6.47 -6.02
CA GLY A 34 -5.90 -5.56 -4.89
C GLY A 34 -6.49 -4.20 -5.24
N GLU A 35 -7.12 -3.56 -4.27
CA GLU A 35 -7.73 -2.26 -4.49
C GLU A 35 -7.55 -1.37 -3.26
N VAL A 36 -7.47 -0.06 -3.49
CA VAL A 36 -7.30 0.90 -2.41
C VAL A 36 -8.43 1.94 -2.41
N HIS A 37 -9.04 2.13 -1.24
CA HIS A 37 -10.13 3.09 -1.10
C HIS A 37 -9.65 4.36 -0.43
N MET A 38 -9.40 5.40 -1.21
CA MET A 38 -8.93 6.68 -0.67
C MET A 38 -10.04 7.37 0.12
N PRO A 39 -9.64 8.10 1.17
CA PRO A 39 -10.59 8.82 2.03
C PRO A 39 -11.22 10.01 1.32
N SER A 40 -10.56 10.47 0.26
CA SER A 40 -11.07 11.61 -0.51
C SER A 40 -12.21 11.19 -1.42
N GLY A 41 -12.29 9.90 -1.71
CA GLY A 41 -13.35 9.39 -2.57
C GLY A 41 -12.81 8.81 -3.86
N LYS A 42 -11.50 8.58 -3.91
CA LYS A 42 -10.87 8.03 -5.10
C LYS A 42 -10.50 6.56 -4.89
N THR A 43 -9.83 5.98 -5.88
CA THR A 43 -9.42 4.59 -5.80
C THR A 43 -8.08 4.37 -6.48
N ALA A 44 -7.38 3.30 -6.10
CA ALA A 44 -6.08 2.99 -6.67
C ALA A 44 -5.71 1.53 -6.41
N THR A 45 -4.81 1.00 -7.23
CA THR A 45 -4.37 -0.38 -7.09
C THR A 45 -3.02 -0.47 -6.40
N PRO A 46 -2.93 -1.37 -5.40
CA PRO A 46 -1.69 -1.56 -4.63
C PRO A 46 -0.58 -2.21 -5.46
N GLU A 47 0.59 -2.36 -4.85
CA GLU A 47 1.73 -2.96 -5.54
C GLU A 47 1.67 -4.48 -5.47
N ILE A 48 1.77 -5.13 -6.62
CA ILE A 48 1.73 -6.59 -6.68
C ILE A 48 3.00 -7.15 -7.33
N VAL A 49 4.00 -7.43 -6.50
CA VAL A 49 5.26 -7.98 -6.99
C VAL A 49 5.63 -9.25 -6.24
N ASP A 50 6.20 -10.21 -6.97
CA ASP A 50 6.61 -11.48 -6.37
C ASP A 50 8.12 -11.55 -6.23
N ASN A 51 8.60 -11.28 -5.01
CA ASN A 51 10.04 -11.31 -4.73
C ASN A 51 10.67 -12.58 -5.27
N LYS A 52 12.00 -12.58 -5.36
CA LYS A 52 12.73 -13.73 -5.87
C LYS A 52 12.99 -14.74 -4.75
N ASP A 53 12.07 -14.81 -3.80
CA ASP A 53 12.20 -15.73 -2.67
C ASP A 53 10.98 -16.64 -2.56
N GLY A 54 9.83 -16.13 -3.02
CA GLY A 54 8.61 -16.90 -2.96
C GLY A 54 7.52 -16.22 -2.16
N THR A 55 7.49 -14.88 -2.23
CA THR A 55 6.50 -14.10 -1.50
C THR A 55 6.05 -12.90 -2.31
N VAL A 56 5.13 -12.11 -1.75
CA VAL A 56 4.62 -10.93 -2.42
C VAL A 56 4.81 -9.68 -1.57
N THR A 57 4.97 -8.54 -2.21
CA THR A 57 5.17 -7.28 -1.52
C THR A 57 4.11 -6.26 -1.92
N VAL A 58 3.28 -5.87 -0.94
CA VAL A 58 2.21 -4.90 -1.20
C VAL A 58 2.61 -3.52 -0.68
N ARG A 59 2.40 -2.50 -1.51
CA ARG A 59 2.73 -1.14 -1.14
C ARG A 59 1.78 -0.15 -1.81
N TYR A 60 1.54 0.99 -1.16
CA TYR A 60 0.65 2.01 -1.69
C TYR A 60 1.05 3.39 -1.17
N ALA A 61 1.46 4.26 -2.08
CA ALA A 61 1.87 5.61 -1.72
C ALA A 61 0.65 6.54 -1.60
N PRO A 62 0.40 7.02 -0.38
CA PRO A 62 -0.73 7.92 -0.12
C PRO A 62 -0.54 9.31 -0.75
N THR A 63 -1.51 9.72 -1.55
CA THR A 63 -1.44 11.02 -2.21
C THR A 63 -2.10 12.11 -1.36
N GLU A 64 -3.07 11.70 -0.54
CA GLU A 64 -3.77 12.65 0.32
C GLU A 64 -3.72 12.18 1.77
N VAL A 65 -4.30 12.98 2.67
CA VAL A 65 -4.32 12.66 4.09
C VAL A 65 -5.65 12.04 4.49
N GLY A 66 -5.64 11.27 5.56
CA GLY A 66 -6.85 10.62 6.04
C GLY A 66 -6.69 9.14 6.25
N LEU A 67 -7.80 8.43 6.36
CA LEU A 67 -7.77 6.98 6.56
C LEU A 67 -8.03 6.24 5.25
N HIS A 68 -7.09 5.39 4.86
CA HIS A 68 -7.22 4.62 3.63
C HIS A 68 -7.46 3.15 3.94
N GLU A 69 -8.41 2.54 3.22
CA GLU A 69 -8.74 1.14 3.41
C GLU A 69 -8.36 0.31 2.19
N MET A 70 -7.58 -0.74 2.41
CA MET A 70 -7.14 -1.61 1.33
C MET A 70 -7.96 -2.89 1.29
N HIS A 71 -8.22 -3.40 0.09
CA HIS A 71 -8.99 -4.62 -0.07
C HIS A 71 -8.29 -5.58 -1.04
N ILE A 72 -7.78 -6.68 -0.51
CA ILE A 72 -7.10 -7.68 -1.32
C ILE A 72 -7.83 -9.01 -1.27
N LYS A 73 -7.87 -9.70 -2.42
CA LYS A 73 -8.52 -11.00 -2.51
C LYS A 73 -7.69 -11.97 -3.33
N TYR A 74 -7.32 -13.10 -2.72
CA TYR A 74 -6.53 -14.11 -3.40
C TYR A 74 -7.41 -15.17 -4.04
N MET A 75 -7.30 -15.31 -5.36
CA MET A 75 -8.09 -16.28 -6.10
C MET A 75 -9.58 -16.11 -5.81
N GLY A 76 -9.99 -14.86 -5.59
CA GLY A 76 -11.39 -14.58 -5.31
C GLY A 76 -11.74 -14.85 -3.85
N SER A 77 -10.75 -14.78 -2.98
CA SER A 77 -10.97 -15.02 -1.55
C SER A 77 -10.20 -14.02 -0.71
N HIS A 78 -10.92 -13.27 0.13
CA HIS A 78 -10.30 -12.28 0.99
C HIS A 78 -9.28 -12.92 1.92
N ILE A 79 -8.20 -12.18 2.19
CA ILE A 79 -7.15 -12.69 3.07
C ILE A 79 -7.38 -12.25 4.51
N PRO A 80 -6.77 -12.98 5.45
CA PRO A 80 -6.88 -12.68 6.89
C PRO A 80 -6.15 -11.40 7.28
N GLU A 81 -5.55 -10.74 6.29
CA GLU A 81 -4.82 -9.51 6.53
C GLU A 81 -5.62 -8.30 6.04
N SER A 82 -6.63 -8.57 5.22
CA SER A 82 -7.48 -7.51 4.69
C SER A 82 -8.95 -7.83 4.88
N PRO A 83 -9.80 -6.80 4.80
CA PRO A 83 -9.36 -5.42 4.55
C PRO A 83 -8.60 -4.84 5.73
N LEU A 84 -7.80 -3.81 5.46
CA LEU A 84 -7.02 -3.16 6.50
C LEU A 84 -7.15 -1.63 6.41
N GLN A 85 -6.76 -0.95 7.48
CA GLN A 85 -6.84 0.51 7.52
C GLN A 85 -5.54 1.10 8.03
N PHE A 86 -5.04 2.10 7.33
CA PHE A 86 -3.79 2.76 7.71
C PHE A 86 -3.92 4.28 7.59
N TYR A 87 -3.73 4.98 8.70
CA TYR A 87 -3.83 6.43 8.72
C TYR A 87 -2.55 7.07 8.16
N VAL A 88 -2.72 8.13 7.37
CA VAL A 88 -1.60 8.83 6.77
C VAL A 88 -1.39 10.20 7.43
N ASN A 89 -0.45 10.26 8.37
CA ASN A 89 -0.15 11.51 9.06
C ASN A 89 0.68 12.43 8.20
N TYR A 90 0.41 13.74 8.29
CA TYR A 90 1.14 14.73 7.51
C TYR A 90 2.56 14.92 8.05
N PRO A 91 3.52 15.08 7.14
CA PRO A 91 4.93 15.29 7.50
C PRO A 91 5.17 16.64 8.15
N ASN A 92 5.82 16.63 9.31
CA ASN A 92 6.11 17.86 10.04
C ASN A 92 7.57 18.27 9.84
N SER A 93 7.78 19.36 9.10
CA SER A 93 9.12 19.86 8.84
C SER A 93 9.25 21.31 9.27
N GLY A 94 9.84 21.52 10.45
CA GLY A 94 10.02 22.87 10.96
C GLY A 94 11.26 23.54 10.40
N SER A 95 12.35 22.77 10.30
CA SER A 95 13.61 23.30 9.80
C SER A 95 14.24 22.33 8.79
N GLY A 1 -12.48 -3.65 -16.04
CA GLY A 1 -11.16 -3.20 -15.64
C GLY A 1 -11.15 -1.75 -15.19
N SER A 2 -9.97 -1.14 -15.19
CA SER A 2 -9.82 0.25 -14.78
C SER A 2 -10.77 1.15 -15.58
N SER A 3 -10.56 1.18 -16.89
CA SER A 3 -11.39 2.01 -17.77
C SER A 3 -11.37 3.47 -17.32
N GLY A 4 -10.19 3.95 -16.96
CA GLY A 4 -10.05 5.33 -16.52
C GLY A 4 -9.26 6.17 -17.49
N SER A 5 -9.13 7.46 -17.18
CA SER A 5 -8.40 8.38 -18.05
C SER A 5 -7.95 9.62 -17.27
N SER A 6 -6.65 9.88 -17.28
CA SER A 6 -6.09 11.03 -16.57
C SER A 6 -4.60 11.17 -16.85
N GLY A 7 -4.16 12.41 -17.09
CA GLY A 7 -2.76 12.66 -17.37
C GLY A 7 -1.98 13.05 -16.13
N VAL A 8 -2.10 12.24 -15.09
CA VAL A 8 -1.41 12.51 -13.83
C VAL A 8 -0.81 11.24 -13.24
N SER A 9 0.36 11.36 -12.63
CA SER A 9 1.03 10.22 -12.03
C SER A 9 1.03 10.32 -10.51
N ASP A 10 1.18 9.18 -9.84
CA ASP A 10 1.20 9.14 -8.39
C ASP A 10 2.52 8.61 -7.87
N MET A 11 3.02 7.55 -8.49
CA MET A 11 4.28 6.94 -8.09
C MET A 11 5.36 8.01 -7.93
N ASN A 12 5.56 8.80 -8.97
CA ASN A 12 6.56 9.87 -8.94
C ASN A 12 5.91 11.23 -8.70
N GLY A 13 6.74 12.21 -8.38
CA GLY A 13 6.23 13.55 -8.13
C GLY A 13 6.20 13.88 -6.64
N LEU A 14 5.01 14.02 -6.09
CA LEU A 14 4.85 14.34 -4.68
C LEU A 14 3.53 13.83 -4.14
N GLY A 15 3.58 13.09 -3.03
CA GLY A 15 2.38 12.55 -2.44
C GLY A 15 2.50 12.37 -0.93
N PHE A 16 2.87 11.17 -0.51
CA PHE A 16 3.02 10.88 0.91
C PHE A 16 3.88 9.64 1.12
N LYS A 17 4.42 9.51 2.33
CA LYS A 17 5.27 8.37 2.66
C LYS A 17 4.70 7.07 2.08
N PRO A 18 5.59 6.23 1.54
CA PRO A 18 5.20 4.95 0.95
C PRO A 18 4.73 3.94 1.99
N PHE A 19 3.85 3.03 1.59
CA PHE A 19 3.32 2.02 2.49
C PHE A 19 3.72 0.62 2.03
N ASP A 20 4.78 0.08 2.64
CA ASP A 20 5.26 -1.25 2.30
C ASP A 20 4.64 -2.30 3.21
N LEU A 21 4.22 -3.42 2.61
CA LEU A 21 3.60 -4.50 3.37
C LEU A 21 3.91 -5.85 2.72
N VAL A 22 4.08 -6.88 3.56
CA VAL A 22 4.37 -8.22 3.07
C VAL A 22 3.37 -9.22 3.61
N ILE A 23 2.79 -10.01 2.70
CA ILE A 23 1.81 -11.02 3.09
C ILE A 23 2.44 -12.11 3.94
N PRO A 24 1.72 -12.54 4.98
CA PRO A 24 2.19 -13.58 5.90
C PRO A 24 2.23 -14.95 5.24
N PHE A 25 1.14 -15.31 4.57
CA PHE A 25 1.05 -16.60 3.88
C PHE A 25 1.56 -16.49 2.45
N ALA A 26 1.79 -17.65 1.83
CA ALA A 26 2.28 -17.69 0.46
C ALA A 26 1.13 -17.60 -0.53
N VAL A 27 1.40 -16.99 -1.69
CA VAL A 27 0.39 -16.83 -2.73
C VAL A 27 1.02 -16.78 -4.11
N ARG A 28 0.22 -17.05 -5.14
CA ARG A 28 0.70 -17.04 -6.51
C ARG A 28 0.35 -15.72 -7.20
N LYS A 29 1.24 -15.27 -8.09
CA LYS A 29 1.01 -14.03 -8.82
C LYS A 29 0.29 -14.29 -10.14
N GLY A 30 -1.00 -14.02 -10.16
CA GLY A 30 -1.78 -14.23 -11.37
C GLY A 30 -3.27 -14.05 -11.13
N GLU A 31 -3.84 -14.87 -10.24
CA GLU A 31 -5.25 -14.80 -9.93
C GLU A 31 -5.49 -13.96 -8.68
N ILE A 32 -4.66 -12.95 -8.48
CA ILE A 32 -4.79 -12.07 -7.33
C ILE A 32 -5.02 -10.62 -7.75
N THR A 33 -5.68 -9.86 -6.89
CA THR A 33 -5.97 -8.46 -7.18
C THR A 33 -5.95 -7.61 -5.91
N GLY A 34 -5.83 -6.30 -6.08
CA GLY A 34 -5.81 -5.41 -4.93
C GLY A 34 -6.35 -4.03 -5.26
N GLU A 35 -6.93 -3.37 -4.26
CA GLU A 35 -7.50 -2.04 -4.45
C GLU A 35 -7.31 -1.19 -3.20
N VAL A 36 -7.47 0.12 -3.36
CA VAL A 36 -7.33 1.05 -2.24
C VAL A 36 -8.42 2.10 -2.25
N HIS A 37 -9.04 2.31 -1.09
CA HIS A 37 -10.12 3.30 -0.97
C HIS A 37 -9.62 4.55 -0.23
N MET A 38 -9.62 5.67 -0.93
CA MET A 38 -9.18 6.93 -0.34
C MET A 38 -10.32 7.61 0.41
N PRO A 39 -9.96 8.35 1.47
CA PRO A 39 -10.94 9.06 2.30
C PRO A 39 -11.58 10.24 1.56
N SER A 40 -10.89 10.74 0.55
CA SER A 40 -11.38 11.87 -0.23
C SER A 40 -12.50 11.42 -1.17
N GLY A 41 -12.54 10.13 -1.46
CA GLY A 41 -13.57 9.60 -2.34
C GLY A 41 -12.99 9.08 -3.64
N LYS A 42 -11.71 8.74 -3.63
CA LYS A 42 -11.04 8.22 -4.82
C LYS A 42 -10.60 6.78 -4.62
N THR A 43 -10.07 6.18 -5.67
CA THR A 43 -9.61 4.79 -5.61
C THR A 43 -8.23 4.65 -6.24
N ALA A 44 -7.52 3.59 -5.86
CA ALA A 44 -6.19 3.33 -6.39
C ALA A 44 -5.77 1.88 -6.15
N THR A 45 -4.97 1.35 -7.06
CA THR A 45 -4.50 -0.03 -6.95
C THR A 45 -3.11 -0.09 -6.33
N PRO A 46 -2.91 -1.04 -5.40
CA PRO A 46 -1.63 -1.22 -4.72
C PRO A 46 -0.55 -1.76 -5.64
N GLU A 47 0.59 -2.15 -5.07
CA GLU A 47 1.71 -2.68 -5.85
C GLU A 47 2.03 -4.11 -5.42
N ILE A 48 1.66 -5.06 -6.27
CA ILE A 48 1.90 -6.47 -5.99
C ILE A 48 3.19 -6.95 -6.66
N VAL A 49 4.20 -7.25 -5.84
CA VAL A 49 5.48 -7.72 -6.35
C VAL A 49 5.88 -9.04 -5.70
N ASP A 50 6.37 -9.97 -6.50
CA ASP A 50 6.80 -11.27 -6.01
C ASP A 50 8.31 -11.33 -5.85
N ASN A 51 8.78 -11.32 -4.61
CA ASN A 51 10.20 -11.37 -4.33
C ASN A 51 10.85 -12.58 -5.00
N LYS A 52 12.17 -12.63 -4.96
CA LYS A 52 12.92 -13.74 -5.56
C LYS A 52 13.19 -14.83 -4.53
N ASP A 53 12.29 -14.96 -3.56
CA ASP A 53 12.44 -15.97 -2.52
C ASP A 53 11.18 -16.82 -2.41
N GLY A 54 10.04 -16.16 -2.23
CA GLY A 54 8.77 -16.88 -2.12
C GLY A 54 7.73 -16.10 -1.34
N THR A 55 7.71 -14.78 -1.55
CA THR A 55 6.75 -13.92 -0.87
C THR A 55 6.31 -12.77 -1.78
N VAL A 56 5.36 -11.98 -1.30
CA VAL A 56 4.85 -10.84 -2.05
C VAL A 56 5.01 -9.54 -1.28
N THR A 57 5.03 -8.43 -2.01
CA THR A 57 5.18 -7.12 -1.39
C THR A 57 4.10 -6.16 -1.87
N VAL A 58 3.16 -5.85 -0.99
CA VAL A 58 2.07 -4.94 -1.32
C VAL A 58 2.43 -3.50 -0.98
N ARG A 59 2.90 -2.76 -1.98
CA ARG A 59 3.28 -1.36 -1.78
C ARG A 59 2.25 -0.42 -2.40
N TYR A 60 1.93 0.64 -1.69
CA TYR A 60 0.96 1.62 -2.17
C TYR A 60 1.26 3.00 -1.61
N ALA A 61 1.79 3.87 -2.46
CA ALA A 61 2.12 5.24 -2.05
C ALA A 61 0.88 6.12 -2.05
N PRO A 62 0.48 6.59 -0.85
CA PRO A 62 -0.69 7.46 -0.70
C PRO A 62 -0.46 8.85 -1.27
N THR A 63 -1.55 9.49 -1.71
CA THR A 63 -1.47 10.82 -2.27
C THR A 63 -2.20 11.84 -1.41
N GLU A 64 -3.18 11.35 -0.64
CA GLU A 64 -3.96 12.22 0.23
C GLU A 64 -3.86 11.76 1.69
N VAL A 65 -4.37 12.58 2.60
CA VAL A 65 -4.34 12.25 4.02
C VAL A 65 -5.67 11.67 4.48
N GLY A 66 -5.67 11.06 5.66
CA GLY A 66 -6.88 10.46 6.20
C GLY A 66 -6.76 8.96 6.37
N LEU A 67 -7.89 8.29 6.50
CA LEU A 67 -7.91 6.84 6.68
C LEU A 67 -8.15 6.13 5.35
N HIS A 68 -7.23 5.25 4.98
CA HIS A 68 -7.35 4.50 3.73
C HIS A 68 -7.57 3.02 4.01
N GLU A 69 -8.53 2.43 3.30
CA GLU A 69 -8.84 1.02 3.47
C GLU A 69 -8.48 0.22 2.22
N MET A 70 -7.56 -0.72 2.37
CA MET A 70 -7.13 -1.56 1.25
C MET A 70 -7.92 -2.86 1.19
N HIS A 71 -8.13 -3.37 -0.02
CA HIS A 71 -8.88 -4.60 -0.21
C HIS A 71 -8.15 -5.53 -1.17
N ILE A 72 -7.71 -6.68 -0.66
CA ILE A 72 -7.00 -7.66 -1.48
C ILE A 72 -7.67 -9.03 -1.40
N LYS A 73 -7.83 -9.67 -2.55
CA LYS A 73 -8.45 -10.99 -2.62
C LYS A 73 -7.61 -11.94 -3.46
N TYR A 74 -7.31 -13.11 -2.89
CA TYR A 74 -6.52 -14.11 -3.59
C TYR A 74 -7.39 -15.24 -4.11
N MET A 75 -7.56 -15.29 -5.43
CA MET A 75 -8.38 -16.33 -6.06
C MET A 75 -9.81 -16.27 -5.54
N GLY A 76 -10.34 -15.05 -5.41
CA GLY A 76 -11.71 -14.89 -4.93
C GLY A 76 -11.85 -15.24 -3.46
N SER A 77 -10.77 -15.06 -2.71
CA SER A 77 -10.78 -15.37 -1.28
C SER A 77 -10.15 -14.23 -0.47
N HIS A 78 -10.93 -13.66 0.44
CA HIS A 78 -10.45 -12.56 1.27
C HIS A 78 -9.44 -13.07 2.30
N ILE A 79 -8.22 -12.53 2.23
CA ILE A 79 -7.17 -12.92 3.16
C ILE A 79 -7.38 -12.30 4.53
N PRO A 80 -6.77 -12.90 5.57
CA PRO A 80 -6.88 -12.43 6.95
C PRO A 80 -6.15 -11.10 7.16
N GLU A 81 -5.53 -10.60 6.10
CA GLU A 81 -4.80 -9.33 6.18
C GLU A 81 -5.57 -8.21 5.48
N SER A 82 -6.56 -8.60 4.69
CA SER A 82 -7.38 -7.62 3.96
C SER A 82 -8.86 -7.90 4.17
N PRO A 83 -9.65 -6.82 4.26
CA PRO A 83 -9.14 -5.45 4.16
C PRO A 83 -8.31 -5.07 5.38
N LEU A 84 -7.69 -3.89 5.32
CA LEU A 84 -6.87 -3.40 6.42
C LEU A 84 -7.03 -1.89 6.59
N GLN A 85 -6.52 -1.38 7.71
CA GLN A 85 -6.61 0.05 7.99
C GLN A 85 -5.23 0.65 8.19
N PHE A 86 -4.98 1.79 7.56
CA PHE A 86 -3.70 2.47 7.68
C PHE A 86 -3.85 3.98 7.47
N TYR A 87 -3.49 4.74 8.49
CA TYR A 87 -3.60 6.20 8.43
C TYR A 87 -2.34 6.81 7.84
N VAL A 88 -2.51 7.87 7.05
CA VAL A 88 -1.39 8.55 6.42
C VAL A 88 -1.02 9.81 7.18
N ASN A 89 0.19 9.82 7.73
CA ASN A 89 0.68 10.98 8.49
C ASN A 89 1.11 12.10 7.55
N TYR A 90 0.98 13.33 8.01
CA TYR A 90 1.34 14.50 7.21
C TYR A 90 2.62 15.13 7.74
N PRO A 91 3.46 15.63 6.82
CA PRO A 91 4.74 16.27 7.18
C PRO A 91 4.53 17.62 7.86
N ASN A 92 4.71 17.64 9.18
CA ASN A 92 4.54 18.87 9.95
C ASN A 92 5.83 19.71 9.91
N SER A 93 6.40 19.84 8.71
CA SER A 93 7.62 20.62 8.55
C SER A 93 7.44 22.03 9.07
N GLY A 94 8.48 22.55 9.74
CA GLY A 94 8.41 23.88 10.29
C GLY A 94 9.52 24.15 11.30
N SER A 95 9.62 25.40 11.74
CA SER A 95 10.64 25.78 12.71
C SER A 95 10.91 24.65 13.70
#